data_1XBS
# 
_entry.id   1XBS 
# 
_audit_conform.dict_name       mmcif_pdbx.dic 
_audit_conform.dict_version    5.386 
_audit_conform.dict_location   http://mmcif.pdb.org/dictionaries/ascii/mmcif_pdbx.dic 
# 
loop_
_database_2.database_id 
_database_2.database_code 
_database_2.pdbx_database_accession 
_database_2.pdbx_DOI 
PDB   1XBS         pdb_00001xbs 10.2210/pdb1xbs/pdb 
RCSB  RCSB030178   ?            ?                   
WWPDB D_1000030178 ?            ?                   
# 
loop_
_pdbx_audit_revision_history.ordinal 
_pdbx_audit_revision_history.data_content_type 
_pdbx_audit_revision_history.major_revision 
_pdbx_audit_revision_history.minor_revision 
_pdbx_audit_revision_history.revision_date 
1 'Structure model' 1 0 2005-08-30 
2 'Structure model' 1 1 2008-04-30 
3 'Structure model' 1 2 2011-07-13 
4 'Structure model' 1 3 2017-10-11 
5 'Structure model' 1 4 2024-02-14 
# 
_pdbx_audit_revision_details.ordinal             1 
_pdbx_audit_revision_details.revision_ordinal    1 
_pdbx_audit_revision_details.data_content_type   'Structure model' 
_pdbx_audit_revision_details.provider            repository 
_pdbx_audit_revision_details.type                'Initial release' 
_pdbx_audit_revision_details.description         ? 
_pdbx_audit_revision_details.details             ? 
# 
loop_
_pdbx_audit_revision_group.ordinal 
_pdbx_audit_revision_group.revision_ordinal 
_pdbx_audit_revision_group.data_content_type 
_pdbx_audit_revision_group.group 
1 2 'Structure model' 'Version format compliance' 
2 3 'Structure model' 'Version format compliance' 
3 4 'Structure model' 'Refinement description'    
4 5 'Structure model' 'Data collection'           
5 5 'Structure model' 'Database references'       
# 
loop_
_pdbx_audit_revision_category.ordinal 
_pdbx_audit_revision_category.revision_ordinal 
_pdbx_audit_revision_category.data_content_type 
_pdbx_audit_revision_category.category 
1 4 'Structure model' software       
2 5 'Structure model' chem_comp_atom 
3 5 'Structure model' chem_comp_bond 
4 5 'Structure model' database_2     
# 
loop_
_pdbx_audit_revision_item.ordinal 
_pdbx_audit_revision_item.revision_ordinal 
_pdbx_audit_revision_item.data_content_type 
_pdbx_audit_revision_item.item 
1 5 'Structure model' '_database_2.pdbx_DOI'                
2 5 'Structure model' '_database_2.pdbx_database_accession' 
# 
_pdbx_database_status.status_code                     REL 
_pdbx_database_status.entry_id                        1XBS 
_pdbx_database_status.recvd_initial_deposition_date   2004-08-31 
_pdbx_database_status.deposit_site                    RCSB 
_pdbx_database_status.process_site                    RCSB 
_pdbx_database_status.status_code_sf                  ? 
_pdbx_database_status.status_code_mr                  ? 
_pdbx_database_status.SG_entry                        ? 
_pdbx_database_status.pdb_format_compatible           Y 
_pdbx_database_status.status_code_cs                  ? 
_pdbx_database_status.methods_development_category    ? 
_pdbx_database_status.status_code_nmr_data            ? 
# 
loop_
_audit_author.name 
_audit_author.pdbx_ordinal 
'Simeoni, F.'    1 
'Arvai, A.'      2 
'Hopfner, K.-P.' 3 
'Bello, P.'      4 
'Gondeau, C.'    5 
'Heitz, F.'      6 
'Tainer, J.'     7 
'Divita, G.'     8 
# 
_citation.id                        primary 
_citation.title                     'Biochemical Characterization and Crystal Structure of a Dim1 Family Associated Protein: Dim2' 
_citation.journal_abbrev            Biochemistry 
_citation.journal_volume            44 
_citation.page_first                11997 
_citation.page_last                 12008 
_citation.year                      2005 
_citation.journal_id_ASTM           BICHAW 
_citation.country                   US 
_citation.journal_id_ISSN           0006-2960 
_citation.journal_id_CSD            0033 
_citation.book_publisher            ? 
_citation.pdbx_database_id_PubMed   16142897 
_citation.pdbx_database_id_DOI      10.1021/bi050427o 
# 
loop_
_citation_author.citation_id 
_citation_author.name 
_citation_author.ordinal 
_citation_author.identifier_ORCID 
primary 'Simeoni, F.'    1 ? 
primary 'Arvai, A.'      2 ? 
primary 'Bello, P.'      3 ? 
primary 'Gondeau, C.'    4 ? 
primary 'Hopfner, K.-P.' 5 ? 
primary 'Neyroz, P.'     6 ? 
primary 'Heitz, F.'      7 ? 
primary 'Tainer, J.'     8 ? 
primary 'Divita, G.'     9 ? 
# 
loop_
_entity.id 
_entity.type 
_entity.src_method 
_entity.pdbx_description 
_entity.formula_weight 
_entity.pdbx_number_of_molecules 
_entity.pdbx_ec 
_entity.pdbx_mutation 
_entity.pdbx_fragment 
_entity.details 
1 polymer man 'Dim1-like protein' 17034.611 1  ? ? ? ? 
2 water   nat water               18.015    21 ? ? ? ? 
# 
_entity_name_com.entity_id   1 
_entity_name_com.name        DIM2 
# 
_entity_poly.entity_id                      1 
_entity_poly.type                           'polypeptide(L)' 
_entity_poly.nstd_linkage                   no 
_entity_poly.nstd_monomer                   no 
_entity_poly.pdbx_seq_one_letter_code       
;MSFLLPKLTSKKEVDQAIKSTAEKVLVLRFGRDEDPVCLQLDDILSKTSSDLSKMAAIYLVDVDQTAVYTQYFDISYIPS
TVFFFNGQHMKVDYGSPDHTKFVGSFKTKQDFIDLIEVIYRGAMRGKLIVQSPIDPKNIPKYDLLYQDI
;
_entity_poly.pdbx_seq_one_letter_code_can   
;MSFLLPKLTSKKEVDQAIKSTAEKVLVLRFGRDEDPVCLQLDDILSKTSSDLSKMAAIYLVDVDQTAVYTQYFDISYIPS
TVFFFNGQHMKVDYGSPDHTKFVGSFKTKQDFIDLIEVIYRGAMRGKLIVQSPIDPKNIPKYDLLYQDI
;
_entity_poly.pdbx_strand_id                 A 
_entity_poly.pdbx_target_identifier         ? 
# 
_pdbx_entity_nonpoly.entity_id   2 
_pdbx_entity_nonpoly.name        water 
_pdbx_entity_nonpoly.comp_id     HOH 
# 
loop_
_entity_poly_seq.entity_id 
_entity_poly_seq.num 
_entity_poly_seq.mon_id 
_entity_poly_seq.hetero 
1 1   MET n 
1 2   SER n 
1 3   PHE n 
1 4   LEU n 
1 5   LEU n 
1 6   PRO n 
1 7   LYS n 
1 8   LEU n 
1 9   THR n 
1 10  SER n 
1 11  LYS n 
1 12  LYS n 
1 13  GLU n 
1 14  VAL n 
1 15  ASP n 
1 16  GLN n 
1 17  ALA n 
1 18  ILE n 
1 19  LYS n 
1 20  SER n 
1 21  THR n 
1 22  ALA n 
1 23  GLU n 
1 24  LYS n 
1 25  VAL n 
1 26  LEU n 
1 27  VAL n 
1 28  LEU n 
1 29  ARG n 
1 30  PHE n 
1 31  GLY n 
1 32  ARG n 
1 33  ASP n 
1 34  GLU n 
1 35  ASP n 
1 36  PRO n 
1 37  VAL n 
1 38  CYS n 
1 39  LEU n 
1 40  GLN n 
1 41  LEU n 
1 42  ASP n 
1 43  ASP n 
1 44  ILE n 
1 45  LEU n 
1 46  SER n 
1 47  LYS n 
1 48  THR n 
1 49  SER n 
1 50  SER n 
1 51  ASP n 
1 52  LEU n 
1 53  SER n 
1 54  LYS n 
1 55  MET n 
1 56  ALA n 
1 57  ALA n 
1 58  ILE n 
1 59  TYR n 
1 60  LEU n 
1 61  VAL n 
1 62  ASP n 
1 63  VAL n 
1 64  ASP n 
1 65  GLN n 
1 66  THR n 
1 67  ALA n 
1 68  VAL n 
1 69  TYR n 
1 70  THR n 
1 71  GLN n 
1 72  TYR n 
1 73  PHE n 
1 74  ASP n 
1 75  ILE n 
1 76  SER n 
1 77  TYR n 
1 78  ILE n 
1 79  PRO n 
1 80  SER n 
1 81  THR n 
1 82  VAL n 
1 83  PHE n 
1 84  PHE n 
1 85  PHE n 
1 86  ASN n 
1 87  GLY n 
1 88  GLN n 
1 89  HIS n 
1 90  MET n 
1 91  LYS n 
1 92  VAL n 
1 93  ASP n 
1 94  TYR n 
1 95  GLY n 
1 96  SER n 
1 97  PRO n 
1 98  ASP n 
1 99  HIS n 
1 100 THR n 
1 101 LYS n 
1 102 PHE n 
1 103 VAL n 
1 104 GLY n 
1 105 SER n 
1 106 PHE n 
1 107 LYS n 
1 108 THR n 
1 109 LYS n 
1 110 GLN n 
1 111 ASP n 
1 112 PHE n 
1 113 ILE n 
1 114 ASP n 
1 115 LEU n 
1 116 ILE n 
1 117 GLU n 
1 118 VAL n 
1 119 ILE n 
1 120 TYR n 
1 121 ARG n 
1 122 GLY n 
1 123 ALA n 
1 124 MET n 
1 125 ARG n 
1 126 GLY n 
1 127 LYS n 
1 128 LEU n 
1 129 ILE n 
1 130 VAL n 
1 131 GLN n 
1 132 SER n 
1 133 PRO n 
1 134 ILE n 
1 135 ASP n 
1 136 PRO n 
1 137 LYS n 
1 138 ASN n 
1 139 ILE n 
1 140 PRO n 
1 141 LYS n 
1 142 TYR n 
1 143 ASP n 
1 144 LEU n 
1 145 LEU n 
1 146 TYR n 
1 147 GLN n 
1 148 ASP n 
1 149 ILE n 
# 
_entity_src_gen.entity_id                          1 
_entity_src_gen.pdbx_src_id                        1 
_entity_src_gen.pdbx_alt_source_flag               sample 
_entity_src_gen.pdbx_seq_type                      ? 
_entity_src_gen.pdbx_beg_seq_num                   ? 
_entity_src_gen.pdbx_end_seq_num                   ? 
_entity_src_gen.gene_src_common_name               human 
_entity_src_gen.gene_src_genus                     Homo 
_entity_src_gen.pdbx_gene_src_gene                 ? 
_entity_src_gen.gene_src_species                   ? 
_entity_src_gen.gene_src_strain                    ? 
_entity_src_gen.gene_src_tissue                    ? 
_entity_src_gen.gene_src_tissue_fraction           ? 
_entity_src_gen.gene_src_details                   ? 
_entity_src_gen.pdbx_gene_src_fragment             ? 
_entity_src_gen.pdbx_gene_src_scientific_name      'Homo sapiens' 
_entity_src_gen.pdbx_gene_src_ncbi_taxonomy_id     9606 
_entity_src_gen.pdbx_gene_src_variant              ? 
_entity_src_gen.pdbx_gene_src_cell_line            ? 
_entity_src_gen.pdbx_gene_src_atcc                 ? 
_entity_src_gen.pdbx_gene_src_organ                ? 
_entity_src_gen.pdbx_gene_src_organelle            ? 
_entity_src_gen.pdbx_gene_src_cell                 ? 
_entity_src_gen.pdbx_gene_src_cellular_location    ? 
_entity_src_gen.host_org_common_name               ? 
_entity_src_gen.pdbx_host_org_scientific_name      'Escherichia coli' 
_entity_src_gen.pdbx_host_org_ncbi_taxonomy_id     562 
_entity_src_gen.host_org_genus                     Escherichia 
_entity_src_gen.pdbx_host_org_gene                 ? 
_entity_src_gen.pdbx_host_org_organ                ? 
_entity_src_gen.host_org_species                   ? 
_entity_src_gen.pdbx_host_org_tissue               ? 
_entity_src_gen.pdbx_host_org_tissue_fraction      ? 
_entity_src_gen.pdbx_host_org_strain               DH5a 
_entity_src_gen.pdbx_host_org_variant              ? 
_entity_src_gen.pdbx_host_org_cell_line            ? 
_entity_src_gen.pdbx_host_org_atcc                 ? 
_entity_src_gen.pdbx_host_org_culture_collection   ? 
_entity_src_gen.pdbx_host_org_cell                 ? 
_entity_src_gen.pdbx_host_org_organelle            ? 
_entity_src_gen.pdbx_host_org_cellular_location    ? 
_entity_src_gen.pdbx_host_org_vector_type          plasmid 
_entity_src_gen.pdbx_host_org_vector               ? 
_entity_src_gen.host_org_details                   ? 
_entity_src_gen.expression_system_id               ? 
_entity_src_gen.plasmid_name                       pGEX4T 
_entity_src_gen.plasmid_details                    ? 
_entity_src_gen.pdbx_description                   ? 
# 
loop_
_chem_comp.id 
_chem_comp.type 
_chem_comp.mon_nstd_flag 
_chem_comp.name 
_chem_comp.pdbx_synonyms 
_chem_comp.formula 
_chem_comp.formula_weight 
ALA 'L-peptide linking' y ALANINE         ? 'C3 H7 N O2'     89.093  
ARG 'L-peptide linking' y ARGININE        ? 'C6 H15 N4 O2 1' 175.209 
ASN 'L-peptide linking' y ASPARAGINE      ? 'C4 H8 N2 O3'    132.118 
ASP 'L-peptide linking' y 'ASPARTIC ACID' ? 'C4 H7 N O4'     133.103 
CYS 'L-peptide linking' y CYSTEINE        ? 'C3 H7 N O2 S'   121.158 
GLN 'L-peptide linking' y GLUTAMINE       ? 'C5 H10 N2 O3'   146.144 
GLU 'L-peptide linking' y 'GLUTAMIC ACID' ? 'C5 H9 N O4'     147.129 
GLY 'peptide linking'   y GLYCINE         ? 'C2 H5 N O2'     75.067  
HIS 'L-peptide linking' y HISTIDINE       ? 'C6 H10 N3 O2 1' 156.162 
HOH non-polymer         . WATER           ? 'H2 O'           18.015  
ILE 'L-peptide linking' y ISOLEUCINE      ? 'C6 H13 N O2'    131.173 
LEU 'L-peptide linking' y LEUCINE         ? 'C6 H13 N O2'    131.173 
LYS 'L-peptide linking' y LYSINE          ? 'C6 H15 N2 O2 1' 147.195 
MET 'L-peptide linking' y METHIONINE      ? 'C5 H11 N O2 S'  149.211 
PHE 'L-peptide linking' y PHENYLALANINE   ? 'C9 H11 N O2'    165.189 
PRO 'L-peptide linking' y PROLINE         ? 'C5 H9 N O2'     115.130 
SER 'L-peptide linking' y SERINE          ? 'C3 H7 N O3'     105.093 
THR 'L-peptide linking' y THREONINE       ? 'C4 H9 N O3'     119.119 
TYR 'L-peptide linking' y TYROSINE        ? 'C9 H11 N O3'    181.189 
VAL 'L-peptide linking' y VALINE          ? 'C5 H11 N O2'    117.146 
# 
loop_
_pdbx_poly_seq_scheme.asym_id 
_pdbx_poly_seq_scheme.entity_id 
_pdbx_poly_seq_scheme.seq_id 
_pdbx_poly_seq_scheme.mon_id 
_pdbx_poly_seq_scheme.ndb_seq_num 
_pdbx_poly_seq_scheme.pdb_seq_num 
_pdbx_poly_seq_scheme.auth_seq_num 
_pdbx_poly_seq_scheme.pdb_mon_id 
_pdbx_poly_seq_scheme.auth_mon_id 
_pdbx_poly_seq_scheme.pdb_strand_id 
_pdbx_poly_seq_scheme.pdb_ins_code 
_pdbx_poly_seq_scheme.hetero 
A 1 1   MET 1   1   1   MET MET A . n 
A 1 2   SER 2   2   2   SER SER A . n 
A 1 3   PHE 3   3   3   PHE PHE A . n 
A 1 4   LEU 4   4   4   LEU LEU A . n 
A 1 5   LEU 5   5   5   LEU LEU A . n 
A 1 6   PRO 6   6   6   PRO PRO A . n 
A 1 7   LYS 7   7   7   LYS LYS A . n 
A 1 8   LEU 8   8   8   LEU LEU A . n 
A 1 9   THR 9   9   9   THR THR A . n 
A 1 10  SER 10  10  10  SER SER A . n 
A 1 11  LYS 11  11  11  LYS LYS A . n 
A 1 12  LYS 12  12  12  LYS LYS A . n 
A 1 13  GLU 13  13  13  GLU GLU A . n 
A 1 14  VAL 14  14  14  VAL VAL A . n 
A 1 15  ASP 15  15  15  ASP ASP A . n 
A 1 16  GLN 16  16  16  GLN GLN A . n 
A 1 17  ALA 17  17  17  ALA ALA A . n 
A 1 18  ILE 18  18  18  ILE ILE A . n 
A 1 19  LYS 19  19  19  LYS LYS A . n 
A 1 20  SER 20  20  20  SER SER A . n 
A 1 21  THR 21  21  21  THR THR A . n 
A 1 22  ALA 22  22  22  ALA ALA A . n 
A 1 23  GLU 23  23  23  GLU GLU A . n 
A 1 24  LYS 24  24  24  LYS LYS A . n 
A 1 25  VAL 25  25  25  VAL VAL A . n 
A 1 26  LEU 26  26  26  LEU LEU A . n 
A 1 27  VAL 27  27  27  VAL VAL A . n 
A 1 28  LEU 28  28  28  LEU LEU A . n 
A 1 29  ARG 29  29  29  ARG ARG A . n 
A 1 30  PHE 30  30  30  PHE PHE A . n 
A 1 31  GLY 31  31  31  GLY GLY A . n 
A 1 32  ARG 32  32  32  ARG ARG A . n 
A 1 33  ASP 33  33  33  ASP ASP A . n 
A 1 34  GLU 34  34  34  GLU GLU A . n 
A 1 35  ASP 35  35  35  ASP ASP A . n 
A 1 36  PRO 36  36  36  PRO PRO A . n 
A 1 37  VAL 37  37  37  VAL VAL A . n 
A 1 38  CYS 38  38  38  CYS CYS A . n 
A 1 39  LEU 39  39  39  LEU LEU A . n 
A 1 40  GLN 40  40  40  GLN GLN A . n 
A 1 41  LEU 41  41  41  LEU LEU A . n 
A 1 42  ASP 42  42  42  ASP ASP A . n 
A 1 43  ASP 43  43  43  ASP ASP A . n 
A 1 44  ILE 44  44  44  ILE ILE A . n 
A 1 45  LEU 45  45  45  LEU LEU A . n 
A 1 46  SER 46  46  46  SER SER A . n 
A 1 47  LYS 47  47  47  LYS LYS A . n 
A 1 48  THR 48  48  48  THR THR A . n 
A 1 49  SER 49  49  49  SER SER A . n 
A 1 50  SER 50  50  50  SER SER A . n 
A 1 51  ASP 51  51  51  ASP ASP A . n 
A 1 52  LEU 52  52  52  LEU LEU A . n 
A 1 53  SER 53  53  53  SER SER A . n 
A 1 54  LYS 54  54  54  LYS LYS A . n 
A 1 55  MET 55  55  55  MET MET A . n 
A 1 56  ALA 56  56  56  ALA ALA A . n 
A 1 57  ALA 57  57  57  ALA ALA A . n 
A 1 58  ILE 58  58  58  ILE ILE A . n 
A 1 59  TYR 59  59  59  TYR TYR A . n 
A 1 60  LEU 60  60  60  LEU LEU A . n 
A 1 61  VAL 61  61  61  VAL VAL A . n 
A 1 62  ASP 62  62  62  ASP ASP A . n 
A 1 63  VAL 63  63  63  VAL VAL A . n 
A 1 64  ASP 64  64  64  ASP ASP A . n 
A 1 65  GLN 65  65  65  GLN GLN A . n 
A 1 66  THR 66  66  66  THR THR A . n 
A 1 67  ALA 67  67  67  ALA ALA A . n 
A 1 68  VAL 68  68  68  VAL VAL A . n 
A 1 69  TYR 69  69  69  TYR TYR A . n 
A 1 70  THR 70  70  70  THR THR A . n 
A 1 71  GLN 71  71  71  GLN GLN A . n 
A 1 72  TYR 72  72  72  TYR TYR A . n 
A 1 73  PHE 73  73  73  PHE PHE A . n 
A 1 74  ASP 74  74  74  ASP ASP A . n 
A 1 75  ILE 75  75  75  ILE ILE A . n 
A 1 76  SER 76  76  76  SER SER A . n 
A 1 77  TYR 77  77  77  TYR TYR A . n 
A 1 78  ILE 78  78  78  ILE ILE A . n 
A 1 79  PRO 79  79  79  PRO PRO A . n 
A 1 80  SER 80  80  80  SER SER A . n 
A 1 81  THR 81  81  81  THR THR A . n 
A 1 82  VAL 82  82  82  VAL VAL A . n 
A 1 83  PHE 83  83  83  PHE PHE A . n 
A 1 84  PHE 84  84  84  PHE PHE A . n 
A 1 85  PHE 85  85  85  PHE PHE A . n 
A 1 86  ASN 86  86  86  ASN ASN A . n 
A 1 87  GLY 87  87  87  GLY GLY A . n 
A 1 88  GLN 88  88  88  GLN GLN A . n 
A 1 89  HIS 89  89  89  HIS HIS A . n 
A 1 90  MET 90  90  90  MET MET A . n 
A 1 91  LYS 91  91  91  LYS LYS A . n 
A 1 92  VAL 92  92  92  VAL VAL A . n 
A 1 93  ASP 93  93  93  ASP ASP A . n 
A 1 94  TYR 94  94  94  TYR TYR A . n 
A 1 95  GLY 95  95  95  GLY GLY A . n 
A 1 96  SER 96  96  96  SER SER A . n 
A 1 97  PRO 97  97  97  PRO PRO A . n 
A 1 98  ASP 98  98  98  ASP ASP A . n 
A 1 99  HIS 99  99  99  HIS HIS A . n 
A 1 100 THR 100 100 100 THR THR A . n 
A 1 101 LYS 101 101 101 LYS LYS A . n 
A 1 102 PHE 102 102 102 PHE PHE A . n 
A 1 103 VAL 103 103 103 VAL VAL A . n 
A 1 104 GLY 104 104 104 GLY GLY A . n 
A 1 105 SER 105 105 105 SER SER A . n 
A 1 106 PHE 106 106 106 PHE PHE A . n 
A 1 107 LYS 107 107 107 LYS LYS A . n 
A 1 108 THR 108 108 108 THR THR A . n 
A 1 109 LYS 109 109 109 LYS ALA A . n 
A 1 110 GLN 110 110 110 GLN GLN A . n 
A 1 111 ASP 111 111 111 ASP ASP A . n 
A 1 112 PHE 112 112 112 PHE PHE A . n 
A 1 113 ILE 113 113 113 ILE ILE A . n 
A 1 114 ASP 114 114 114 ASP ASP A . n 
A 1 115 LEU 115 115 115 LEU LEU A . n 
A 1 116 ILE 116 116 116 ILE ILE A . n 
A 1 117 GLU 117 117 117 GLU GLU A . n 
A 1 118 VAL 118 118 118 VAL VAL A . n 
A 1 119 ILE 119 119 119 ILE ILE A . n 
A 1 120 TYR 120 120 120 TYR TYR A . n 
A 1 121 ARG 121 121 121 ARG ARG A . n 
A 1 122 GLY 122 122 122 GLY GLY A . n 
A 1 123 ALA 123 123 123 ALA ALA A . n 
A 1 124 MET 124 124 124 MET MET A . n 
A 1 125 ARG 125 125 125 ARG ARG A . n 
A 1 126 GLY 126 126 126 GLY GLY A . n 
A 1 127 LYS 127 127 127 LYS LYS A . n 
A 1 128 LEU 128 128 128 LEU LEU A . n 
A 1 129 ILE 129 129 129 ILE ILE A . n 
A 1 130 VAL 130 130 130 VAL VAL A . n 
A 1 131 GLN 131 131 131 GLN GLN A . n 
A 1 132 SER 132 132 132 SER SER A . n 
A 1 133 PRO 133 133 133 PRO PRO A . n 
A 1 134 ILE 134 134 134 ILE ILE A . n 
A 1 135 ASP 135 135 135 ASP ASP A . n 
A 1 136 PRO 136 136 136 PRO PRO A . n 
A 1 137 LYS 137 137 137 LYS LYS A . n 
A 1 138 ASN 138 138 ?   ?   ?   A . n 
A 1 139 ILE 139 139 ?   ?   ?   A . n 
A 1 140 PRO 140 140 ?   ?   ?   A . n 
A 1 141 LYS 141 141 ?   ?   ?   A . n 
A 1 142 TYR 142 142 ?   ?   ?   A . n 
A 1 143 ASP 143 143 ?   ?   ?   A . n 
A 1 144 LEU 144 144 ?   ?   ?   A . n 
A 1 145 LEU 145 145 ?   ?   ?   A . n 
A 1 146 TYR 146 146 ?   ?   ?   A . n 
A 1 147 GLN 147 147 ?   ?   ?   A . n 
A 1 148 ASP 148 148 ?   ?   ?   A . n 
A 1 149 ILE 149 149 ?   ?   ?   A . n 
# 
loop_
_pdbx_nonpoly_scheme.asym_id 
_pdbx_nonpoly_scheme.entity_id 
_pdbx_nonpoly_scheme.mon_id 
_pdbx_nonpoly_scheme.ndb_seq_num 
_pdbx_nonpoly_scheme.pdb_seq_num 
_pdbx_nonpoly_scheme.auth_seq_num 
_pdbx_nonpoly_scheme.pdb_mon_id 
_pdbx_nonpoly_scheme.auth_mon_id 
_pdbx_nonpoly_scheme.pdb_strand_id 
_pdbx_nonpoly_scheme.pdb_ins_code 
B 2 HOH 1  200 200 HOH WAT A . 
B 2 HOH 2  201 201 HOH WAT A . 
B 2 HOH 3  202 202 HOH WAT A . 
B 2 HOH 4  203 203 HOH WAT A . 
B 2 HOH 5  204 204 HOH WAT A . 
B 2 HOH 6  205 205 HOH WAT A . 
B 2 HOH 7  206 206 HOH WAT A . 
B 2 HOH 8  207 207 HOH WAT A . 
B 2 HOH 9  208 208 HOH WAT A . 
B 2 HOH 10 209 209 HOH WAT A . 
B 2 HOH 11 210 210 HOH WAT A . 
B 2 HOH 12 211 211 HOH WAT A . 
B 2 HOH 13 212 212 HOH WAT A . 
B 2 HOH 14 213 213 HOH WAT A . 
B 2 HOH 15 214 214 HOH WAT A . 
B 2 HOH 16 215 215 HOH WAT A . 
B 2 HOH 17 216 216 HOH WAT A . 
B 2 HOH 18 217 217 HOH WAT A . 
B 2 HOH 19 218 218 HOH WAT A . 
B 2 HOH 20 219 219 HOH WAT A . 
B 2 HOH 21 220 220 HOH WAT A . 
# 
loop_
_pdbx_unobs_or_zero_occ_atoms.id 
_pdbx_unobs_or_zero_occ_atoms.PDB_model_num 
_pdbx_unobs_or_zero_occ_atoms.polymer_flag 
_pdbx_unobs_or_zero_occ_atoms.occupancy_flag 
_pdbx_unobs_or_zero_occ_atoms.auth_asym_id 
_pdbx_unobs_or_zero_occ_atoms.auth_comp_id 
_pdbx_unobs_or_zero_occ_atoms.auth_seq_id 
_pdbx_unobs_or_zero_occ_atoms.PDB_ins_code 
_pdbx_unobs_or_zero_occ_atoms.auth_atom_id 
_pdbx_unobs_or_zero_occ_atoms.label_alt_id 
_pdbx_unobs_or_zero_occ_atoms.label_asym_id 
_pdbx_unobs_or_zero_occ_atoms.label_comp_id 
_pdbx_unobs_or_zero_occ_atoms.label_seq_id 
_pdbx_unobs_or_zero_occ_atoms.label_atom_id 
1 1 Y 1 A LYS 109 ? CG ? A LYS 109 CG 
2 1 Y 1 A LYS 109 ? CD ? A LYS 109 CD 
3 1 Y 1 A LYS 109 ? CE ? A LYS 109 CE 
4 1 Y 1 A LYS 109 ? NZ ? A LYS 109 NZ 
# 
loop_
_software.name 
_software.classification 
_software.version 
_software.citation_id 
_software.pdbx_ordinal 
MAR345    'data collection' . ? 1 
SCALEPACK 'data scaling'    . ? 2 
AMoRE     phasing           . ? 3 
CNS       refinement        . ? 4 
# 
_cell.entry_id           1XBS 
_cell.length_a           78.160 
_cell.length_b           78.160 
_cell.length_c           60.334 
_cell.angle_alpha        90.00 
_cell.angle_beta         90.00 
_cell.angle_gamma        90.00 
_cell.Z_PDB              8 
_cell.pdbx_unique_axis   ? 
_cell.length_a_esd       ? 
_cell.length_b_esd       ? 
_cell.length_c_esd       ? 
_cell.angle_alpha_esd    ? 
_cell.angle_beta_esd     ? 
_cell.angle_gamma_esd    ? 
# 
_symmetry.entry_id                         1XBS 
_symmetry.space_group_name_H-M             'P 41 21 2' 
_symmetry.pdbx_full_space_group_name_H-M   ? 
_symmetry.cell_setting                     ? 
_symmetry.Int_Tables_number                92 
_symmetry.space_group_name_Hall            ? 
# 
_exptl.entry_id          1XBS 
_exptl.method            'X-RAY DIFFRACTION' 
_exptl.crystals_number   1 
# 
_exptl_crystal.id                    1 
_exptl_crystal.density_meas          ? 
_exptl_crystal.density_Matthews      2.98 
_exptl_crystal.density_percent_sol   58.4 
_exptl_crystal.description           ? 
_exptl_crystal.F_000                 ? 
_exptl_crystal.preparation           ? 
# 
_exptl_crystal_grow.crystal_id      1 
_exptl_crystal_grow.method          'VAPOR DIFFUSION, HANGING DROP' 
_exptl_crystal_grow.temp            293 
_exptl_crystal_grow.temp_details    ? 
_exptl_crystal_grow.pH              7.2 
_exptl_crystal_grow.pdbx_details    
'Ammonium sulfate, sodium chloride, EDTA, Tris-HCl, pH 7.2, VAPOR DIFFUSION, HANGING DROP, temperature 293K' 
_exptl_crystal_grow.pdbx_pH_range   . 
# 
_diffrn.id                     1 
_diffrn.ambient_temp           200 
_diffrn.ambient_temp_details   ? 
_diffrn.crystal_id             1 
# 
_diffrn_detector.diffrn_id              1 
_diffrn_detector.detector               'IMAGE PLATE' 
_diffrn_detector.type                   MARRESEARCH 
_diffrn_detector.pdbx_collection_date   2000-06-23 
_diffrn_detector.details                ? 
# 
_diffrn_radiation.diffrn_id                        1 
_diffrn_radiation.wavelength_id                    1 
_diffrn_radiation.pdbx_monochromatic_or_laue_m_l   M 
_diffrn_radiation.monochromator                    ? 
_diffrn_radiation.pdbx_diffrn_protocol             'SINGLE WAVELENGTH' 
_diffrn_radiation.pdbx_scattering_type             x-ray 
# 
_diffrn_radiation_wavelength.id           1 
_diffrn_radiation_wavelength.wavelength   1.08 
_diffrn_radiation_wavelength.wt           1.0 
# 
_diffrn_source.diffrn_id                   1 
_diffrn_source.source                      SYNCHROTRON 
_diffrn_source.type                        'SSRL BEAMLINE BL7-1' 
_diffrn_source.pdbx_synchrotron_site       SSRL 
_diffrn_source.pdbx_synchrotron_beamline   BL7-1 
_diffrn_source.pdbx_wavelength             ? 
_diffrn_source.pdbx_wavelength_list        1.08 
# 
_reflns.entry_id                     1XBS 
_reflns.observed_criterion_sigma_F   1.0 
_reflns.observed_criterion_sigma_I   1.0 
_reflns.d_resolution_high            2.5 
_reflns.d_resolution_low             30.0 
_reflns.number_all                   6836 
_reflns.number_obs                   6538 
_reflns.percent_possible_obs         89.9 
_reflns.pdbx_Rmerge_I_obs            ? 
_reflns.pdbx_Rsym_value              ? 
_reflns.pdbx_netI_over_sigmaI        ? 
_reflns.B_iso_Wilson_estimate        ? 
_reflns.pdbx_redundancy              ? 
_reflns.R_free_details               ? 
_reflns.limit_h_max                  ? 
_reflns.limit_h_min                  ? 
_reflns.limit_k_max                  ? 
_reflns.limit_k_min                  ? 
_reflns.limit_l_max                  ? 
_reflns.limit_l_min                  ? 
_reflns.observed_criterion_F_max     ? 
_reflns.observed_criterion_F_min     ? 
_reflns.pdbx_chi_squared             ? 
_reflns.pdbx_scaling_rejects         ? 
_reflns.pdbx_diffrn_id               1 
_reflns.pdbx_ordinal                 1 
# 
_reflns_shell.d_res_high             2.5 
_reflns_shell.d_res_low              ? 
_reflns_shell.percent_possible_all   93.8 
_reflns_shell.Rmerge_I_obs           ? 
_reflns_shell.pdbx_Rsym_value        ? 
_reflns_shell.meanI_over_sigI_obs    ? 
_reflns_shell.pdbx_redundancy        ? 
_reflns_shell.percent_possible_obs   ? 
_reflns_shell.number_unique_all      615 
_reflns_shell.number_measured_all    ? 
_reflns_shell.number_measured_obs    ? 
_reflns_shell.number_unique_obs      ? 
_reflns_shell.pdbx_chi_squared       ? 
_reflns_shell.pdbx_diffrn_id         ? 
_reflns_shell.pdbx_ordinal           1 
# 
_refine.entry_id                                 1XBS 
_refine.ls_d_res_high                            2.5 
_refine.ls_d_res_low                             30.0 
_refine.pdbx_ls_sigma_F                          -3.0 
_refine.pdbx_ls_sigma_I                          ? 
_refine.ls_number_reflns_all                     6836 
_refine.ls_number_reflns_obs                     6538 
_refine.ls_number_reflns_R_free                  ? 
_refine.ls_percent_reflns_obs                    ? 
_refine.ls_R_factor_all                          0.324 
_refine.ls_R_factor_obs                          0.41 
_refine.ls_R_factor_R_work                       0.2421 
_refine.ls_R_factor_R_free                       0.305 
_refine.ls_redundancy_reflns_obs                 ? 
_refine.pdbx_data_cutoff_high_absF               ? 
_refine.pdbx_data_cutoff_low_absF                ? 
_refine.ls_number_parameters                     ? 
_refine.ls_number_restraints                     ? 
_refine.ls_percent_reflns_R_free                 ? 
_refine.ls_R_factor_R_free_error                 ? 
_refine.ls_R_factor_R_free_error_details         ? 
_refine.pdbx_method_to_determine_struct          'MOLECULAR REPLACEMENT' 
_refine.pdbx_starting_model                      ? 
_refine.pdbx_ls_cross_valid_method               ? 
_refine.pdbx_R_Free_selection_details            RANDOM 
_refine.pdbx_stereochem_target_val_spec_case     ? 
_refine.pdbx_stereochemistry_target_values       'Engh & Huber' 
_refine.solvent_model_details                    ? 
_refine.solvent_model_param_bsol                 ? 
_refine.solvent_model_param_ksol                 ? 
_refine.occupancy_max                            ? 
_refine.occupancy_min                            ? 
_refine.pdbx_isotropic_thermal_model             ? 
_refine.B_iso_mean                               ? 
_refine.aniso_B[1][1]                            ? 
_refine.aniso_B[1][2]                            ? 
_refine.aniso_B[1][3]                            ? 
_refine.aniso_B[2][2]                            ? 
_refine.aniso_B[2][3]                            ? 
_refine.aniso_B[3][3]                            ? 
_refine.details                                  ? 
_refine.B_iso_min                                ? 
_refine.B_iso_max                                ? 
_refine.correlation_coeff_Fo_to_Fc               ? 
_refine.correlation_coeff_Fo_to_Fc_free          ? 
_refine.pdbx_solvent_vdw_probe_radii             ? 
_refine.pdbx_solvent_ion_probe_radii             ? 
_refine.pdbx_solvent_shrinkage_radii             ? 
_refine.overall_SU_R_Cruickshank_DPI             ? 
_refine.overall_SU_R_free                        ? 
_refine.overall_SU_B                             ? 
_refine.overall_SU_ML                            ? 
_refine.pdbx_overall_ESU_R                       ? 
_refine.pdbx_overall_ESU_R_Free                  ? 
_refine.pdbx_data_cutoff_high_rms_absF           ? 
_refine.ls_wR_factor_R_free                      ? 
_refine.ls_wR_factor_R_work                      ? 
_refine.overall_FOM_free_R_set                   ? 
_refine.overall_FOM_work_R_set                   ? 
_refine.pdbx_refine_id                           'X-RAY DIFFRACTION' 
_refine.pdbx_diffrn_id                           1 
_refine.pdbx_TLS_residual_ADP_flag               ? 
_refine.pdbx_overall_phase_error                 ? 
_refine.pdbx_overall_SU_R_free_Cruickshank_DPI   ? 
_refine.pdbx_overall_SU_R_Blow_DPI               ? 
_refine.pdbx_overall_SU_R_free_Blow_DPI          ? 
# 
_refine_hist.pdbx_refine_id                   'X-RAY DIFFRACTION' 
_refine_hist.cycle_id                         LAST 
_refine_hist.pdbx_number_atoms_protein        1089 
_refine_hist.pdbx_number_atoms_nucleic_acid   0 
_refine_hist.pdbx_number_atoms_ligand         0 
_refine_hist.number_atoms_solvent             21 
_refine_hist.number_atoms_total               1110 
_refine_hist.d_res_high                       2.5 
_refine_hist.d_res_low                        30.0 
# 
loop_
_refine_ls_restr.type 
_refine_ls_restr.dev_ideal 
_refine_ls_restr.dev_ideal_target 
_refine_ls_restr.weight 
_refine_ls_restr.number 
_refine_ls_restr.pdbx_refine_id 
_refine_ls_restr.pdbx_restraint_function 
r_mcbond_it  0.009773 ? ? ? 'X-RAY DIFFRACTION' ? 
r_mcangle_it 1.42650  ? ? ? 'X-RAY DIFFRACTION' ? 
# 
_struct.entry_id                  1XBS 
_struct.title                     'Crystal structure of human dim2: a dim1-like protein' 
_struct.pdbx_model_details        ? 
_struct.pdbx_CASP_flag            ? 
_struct.pdbx_model_type_details   ? 
# 
_struct_keywords.entry_id        1XBS 
_struct_keywords.pdbx_keywords   'TRANSCRIPTION, CELL CYCLE' 
_struct_keywords.text            'SPLICEOSOMAL PROTEIN, CELL CYCLE, THIOREDOXIN, SNRNP, TRANSCRIPTION' 
# 
loop_
_struct_asym.id 
_struct_asym.pdbx_blank_PDB_chainid_flag 
_struct_asym.pdbx_modified 
_struct_asym.entity_id 
_struct_asym.details 
A N N 1 ? 
B N N 2 ? 
# 
_struct_ref.id                         1 
_struct_ref.db_name                    GB 
_struct_ref.db_code                    AAS68520 
_struct_ref.pdbx_db_accession          45594298 
_struct_ref.entity_id                  1 
_struct_ref.pdbx_seq_one_letter_code   
;MSFLLPKLTSKKEVDQAIKSTAEKVLVLRFGRDEDPVCLQLDDILSKTSSDLSKMAAIYLVDVDQTAVYTQYFDISYIPS
TVFFFNGQHMKVDYGSPDHTKFVGSFKTKQDFIDLIEVIYRGAMRGKLIVQSPIDPKNIPKYDLLYQDI
;
_struct_ref.pdbx_align_begin           1 
_struct_ref.pdbx_db_isoform            ? 
# 
_struct_ref_seq.align_id                      1 
_struct_ref_seq.ref_id                        1 
_struct_ref_seq.pdbx_PDB_id_code              1XBS 
_struct_ref_seq.pdbx_strand_id                A 
_struct_ref_seq.seq_align_beg                 1 
_struct_ref_seq.pdbx_seq_align_beg_ins_code   ? 
_struct_ref_seq.seq_align_end                 149 
_struct_ref_seq.pdbx_seq_align_end_ins_code   ? 
_struct_ref_seq.pdbx_db_accession             45594298 
_struct_ref_seq.db_align_beg                  1 
_struct_ref_seq.pdbx_db_align_beg_ins_code    ? 
_struct_ref_seq.db_align_end                  149 
_struct_ref_seq.pdbx_db_align_end_ins_code    ? 
_struct_ref_seq.pdbx_auth_seq_align_beg       1 
_struct_ref_seq.pdbx_auth_seq_align_end       149 
# 
_pdbx_struct_assembly.id                   1 
_pdbx_struct_assembly.details              author_defined_assembly 
_pdbx_struct_assembly.method_details       ? 
_pdbx_struct_assembly.oligomeric_details   monomeric 
_pdbx_struct_assembly.oligomeric_count     1 
# 
_pdbx_struct_assembly_gen.assembly_id       1 
_pdbx_struct_assembly_gen.oper_expression   1 
_pdbx_struct_assembly_gen.asym_id_list      A,B 
# 
_pdbx_struct_oper_list.id                   1 
_pdbx_struct_oper_list.type                 'identity operation' 
_pdbx_struct_oper_list.name                 1_555 
_pdbx_struct_oper_list.symmetry_operation   x,y,z 
_pdbx_struct_oper_list.matrix[1][1]         1.0000000000 
_pdbx_struct_oper_list.matrix[1][2]         0.0000000000 
_pdbx_struct_oper_list.matrix[1][3]         0.0000000000 
_pdbx_struct_oper_list.vector[1]            0.0000000000 
_pdbx_struct_oper_list.matrix[2][1]         0.0000000000 
_pdbx_struct_oper_list.matrix[2][2]         1.0000000000 
_pdbx_struct_oper_list.matrix[2][3]         0.0000000000 
_pdbx_struct_oper_list.vector[2]            0.0000000000 
_pdbx_struct_oper_list.matrix[3][1]         0.0000000000 
_pdbx_struct_oper_list.matrix[3][2]         0.0000000000 
_pdbx_struct_oper_list.matrix[3][3]         1.0000000000 
_pdbx_struct_oper_list.vector[3]            0.0000000000 
# 
_struct_biol.id        1 
_struct_biol.details   ? 
# 
loop_
_struct_conf.conf_type_id 
_struct_conf.id 
_struct_conf.pdbx_PDB_helix_id 
_struct_conf.beg_label_comp_id 
_struct_conf.beg_label_asym_id 
_struct_conf.beg_label_seq_id 
_struct_conf.pdbx_beg_PDB_ins_code 
_struct_conf.end_label_comp_id 
_struct_conf.end_label_asym_id 
_struct_conf.end_label_seq_id 
_struct_conf.pdbx_end_PDB_ins_code 
_struct_conf.beg_auth_comp_id 
_struct_conf.beg_auth_asym_id 
_struct_conf.beg_auth_seq_id 
_struct_conf.end_auth_comp_id 
_struct_conf.end_auth_asym_id 
_struct_conf.end_auth_seq_id 
_struct_conf.pdbx_PDB_helix_class 
_struct_conf.details 
_struct_conf.pdbx_PDB_helix_length 
HELX_P HELX_P1 1 SER A 10  ? THR A 21  ? SER A 10  THR A 21  1 ? 12 
HELX_P HELX_P2 2 ASP A 35  ? SER A 53  ? ASP A 35  SER A 53  1 ? 19 
HELX_P HELX_P3 3 THR A 66  ? PHE A 73  ? THR A 66  PHE A 73  1 ? 8  
HELX_P HELX_P4 4 THR A 108 ? ARG A 125 ? THR A 108 ARG A 125 1 ? 18 
# 
_struct_conf_type.id          HELX_P 
_struct_conf_type.criteria    ? 
_struct_conf_type.reference   ? 
# 
_struct_mon_prot_cis.pdbx_id                1 
_struct_mon_prot_cis.label_comp_id          ILE 
_struct_mon_prot_cis.label_seq_id           78 
_struct_mon_prot_cis.label_asym_id          A 
_struct_mon_prot_cis.label_alt_id           . 
_struct_mon_prot_cis.pdbx_PDB_ins_code      ? 
_struct_mon_prot_cis.auth_comp_id           ILE 
_struct_mon_prot_cis.auth_seq_id            78 
_struct_mon_prot_cis.auth_asym_id           A 
_struct_mon_prot_cis.pdbx_label_comp_id_2   PRO 
_struct_mon_prot_cis.pdbx_label_seq_id_2    79 
_struct_mon_prot_cis.pdbx_label_asym_id_2   A 
_struct_mon_prot_cis.pdbx_PDB_ins_code_2    ? 
_struct_mon_prot_cis.pdbx_auth_comp_id_2    PRO 
_struct_mon_prot_cis.pdbx_auth_seq_id_2     79 
_struct_mon_prot_cis.pdbx_auth_asym_id_2    A 
_struct_mon_prot_cis.pdbx_PDB_model_num     1 
_struct_mon_prot_cis.pdbx_omega_angle       -0.02 
# 
loop_
_struct_sheet.id 
_struct_sheet.type 
_struct_sheet.number_strands 
_struct_sheet.details 
A ? 5 ? 
B ? 6 ? 
# 
loop_
_struct_sheet_order.sheet_id 
_struct_sheet_order.range_id_1 
_struct_sheet_order.range_id_2 
_struct_sheet_order.offset 
_struct_sheet_order.sense 
A 1 2 ? parallel      
A 2 3 ? parallel      
A 3 4 ? anti-parallel 
A 4 5 ? anti-parallel 
B 1 2 ? parallel      
B 2 3 ? parallel      
B 3 4 ? anti-parallel 
B 4 5 ? anti-parallel 
B 5 6 ? parallel      
# 
loop_
_struct_sheet_range.sheet_id 
_struct_sheet_range.id 
_struct_sheet_range.beg_label_comp_id 
_struct_sheet_range.beg_label_asym_id 
_struct_sheet_range.beg_label_seq_id 
_struct_sheet_range.pdbx_beg_PDB_ins_code 
_struct_sheet_range.end_label_comp_id 
_struct_sheet_range.end_label_asym_id 
_struct_sheet_range.end_label_seq_id 
_struct_sheet_range.pdbx_end_PDB_ins_code 
_struct_sheet_range.beg_auth_comp_id 
_struct_sheet_range.beg_auth_asym_id 
_struct_sheet_range.beg_auth_seq_id 
_struct_sheet_range.end_auth_comp_id 
_struct_sheet_range.end_auth_asym_id 
_struct_sheet_range.end_auth_seq_id 
A 1 LYS A 7   ? LEU A 8   ? LYS A 7   LEU A 8   
A 2 ALA A 56  ? ASP A 62  ? ALA A 56  ASP A 62  
A 3 VAL A 25  ? GLY A 31  ? VAL A 25  GLY A 31  
A 4 SER A 80  ? PHE A 85  ? SER A 80  PHE A 85  
A 5 PHE A 102 ? VAL A 103 ? PHE A 102 VAL A 103 
B 1 LYS A 7   ? LEU A 8   ? LYS A 7   LEU A 8   
B 2 ALA A 56  ? ASP A 62  ? ALA A 56  ASP A 62  
B 3 VAL A 25  ? GLY A 31  ? VAL A 25  GLY A 31  
B 4 SER A 80  ? PHE A 85  ? SER A 80  PHE A 85  
B 5 GLN A 88  ? VAL A 92  ? GLN A 88  VAL A 92  
B 6 ILE A 129 ? VAL A 130 ? ILE A 129 VAL A 130 
# 
loop_
_pdbx_struct_sheet_hbond.sheet_id 
_pdbx_struct_sheet_hbond.range_id_1 
_pdbx_struct_sheet_hbond.range_id_2 
_pdbx_struct_sheet_hbond.range_1_label_atom_id 
_pdbx_struct_sheet_hbond.range_1_label_comp_id 
_pdbx_struct_sheet_hbond.range_1_label_asym_id 
_pdbx_struct_sheet_hbond.range_1_label_seq_id 
_pdbx_struct_sheet_hbond.range_1_PDB_ins_code 
_pdbx_struct_sheet_hbond.range_1_auth_atom_id 
_pdbx_struct_sheet_hbond.range_1_auth_comp_id 
_pdbx_struct_sheet_hbond.range_1_auth_asym_id 
_pdbx_struct_sheet_hbond.range_1_auth_seq_id 
_pdbx_struct_sheet_hbond.range_2_label_atom_id 
_pdbx_struct_sheet_hbond.range_2_label_comp_id 
_pdbx_struct_sheet_hbond.range_2_label_asym_id 
_pdbx_struct_sheet_hbond.range_2_label_seq_id 
_pdbx_struct_sheet_hbond.range_2_PDB_ins_code 
_pdbx_struct_sheet_hbond.range_2_auth_atom_id 
_pdbx_struct_sheet_hbond.range_2_auth_comp_id 
_pdbx_struct_sheet_hbond.range_2_auth_asym_id 
_pdbx_struct_sheet_hbond.range_2_auth_seq_id 
A 1 2 N LEU A 8  ? N LEU A 8  O LEU A 60  ? O LEU A 60  
A 2 3 O VAL A 61 ? O VAL A 61 N GLY A 31  ? N GLY A 31  
A 3 4 N PHE A 30 ? N PHE A 30 O SER A 80  ? O SER A 80  
A 4 5 N THR A 81 ? N THR A 81 O PHE A 102 ? O PHE A 102 
B 1 2 N LEU A 8  ? N LEU A 8  O LEU A 60  ? O LEU A 60  
B 2 3 O VAL A 61 ? O VAL A 61 N GLY A 31  ? N GLY A 31  
B 3 4 N PHE A 30 ? N PHE A 30 O SER A 80  ? O SER A 80  
B 4 5 N PHE A 83 ? N PHE A 83 O MET A 90  ? O MET A 90  
B 5 6 N LYS A 91 ? N LYS A 91 O VAL A 130 ? O VAL A 130 
# 
loop_
_pdbx_validate_torsion.id 
_pdbx_validate_torsion.PDB_model_num 
_pdbx_validate_torsion.auth_comp_id 
_pdbx_validate_torsion.auth_asym_id 
_pdbx_validate_torsion.auth_seq_id 
_pdbx_validate_torsion.PDB_ins_code 
_pdbx_validate_torsion.label_alt_id 
_pdbx_validate_torsion.phi 
_pdbx_validate_torsion.psi 
1 1 PRO A 6   ? ? -57.92  171.00  
2 1 GLU A 23  ? ? 73.65   -6.69   
3 1 SER A 53  ? ? -39.13  -38.89  
4 1 TYR A 94  ? ? 29.51   -95.35  
5 1 ILE A 134 ? ? -123.54 -150.19 
6 1 PRO A 136 ? ? -63.53  -122.30 
# 
loop_
_pdbx_unobs_or_zero_occ_residues.id 
_pdbx_unobs_or_zero_occ_residues.PDB_model_num 
_pdbx_unobs_or_zero_occ_residues.polymer_flag 
_pdbx_unobs_or_zero_occ_residues.occupancy_flag 
_pdbx_unobs_or_zero_occ_residues.auth_asym_id 
_pdbx_unobs_or_zero_occ_residues.auth_comp_id 
_pdbx_unobs_or_zero_occ_residues.auth_seq_id 
_pdbx_unobs_or_zero_occ_residues.PDB_ins_code 
_pdbx_unobs_or_zero_occ_residues.label_asym_id 
_pdbx_unobs_or_zero_occ_residues.label_comp_id 
_pdbx_unobs_or_zero_occ_residues.label_seq_id 
1  1 Y 1 A ASN 138 ? A ASN 138 
2  1 Y 1 A ILE 139 ? A ILE 139 
3  1 Y 1 A PRO 140 ? A PRO 140 
4  1 Y 1 A LYS 141 ? A LYS 141 
5  1 Y 1 A TYR 142 ? A TYR 142 
6  1 Y 1 A ASP 143 ? A ASP 143 
7  1 Y 1 A LEU 144 ? A LEU 144 
8  1 Y 1 A LEU 145 ? A LEU 145 
9  1 Y 1 A TYR 146 ? A TYR 146 
10 1 Y 1 A GLN 147 ? A GLN 147 
11 1 Y 1 A ASP 148 ? A ASP 148 
12 1 Y 1 A ILE 149 ? A ILE 149 
# 
loop_
_chem_comp_atom.comp_id 
_chem_comp_atom.atom_id 
_chem_comp_atom.type_symbol 
_chem_comp_atom.pdbx_aromatic_flag 
_chem_comp_atom.pdbx_stereo_config 
_chem_comp_atom.pdbx_ordinal 
ALA N    N N N 1   
ALA CA   C N S 2   
ALA C    C N N 3   
ALA O    O N N 4   
ALA CB   C N N 5   
ALA OXT  O N N 6   
ALA H    H N N 7   
ALA H2   H N N 8   
ALA HA   H N N 9   
ALA HB1  H N N 10  
ALA HB2  H N N 11  
ALA HB3  H N N 12  
ALA HXT  H N N 13  
ARG N    N N N 14  
ARG CA   C N S 15  
ARG C    C N N 16  
ARG O    O N N 17  
ARG CB   C N N 18  
ARG CG   C N N 19  
ARG CD   C N N 20  
ARG NE   N N N 21  
ARG CZ   C N N 22  
ARG NH1  N N N 23  
ARG NH2  N N N 24  
ARG OXT  O N N 25  
ARG H    H N N 26  
ARG H2   H N N 27  
ARG HA   H N N 28  
ARG HB2  H N N 29  
ARG HB3  H N N 30  
ARG HG2  H N N 31  
ARG HG3  H N N 32  
ARG HD2  H N N 33  
ARG HD3  H N N 34  
ARG HE   H N N 35  
ARG HH11 H N N 36  
ARG HH12 H N N 37  
ARG HH21 H N N 38  
ARG HH22 H N N 39  
ARG HXT  H N N 40  
ASN N    N N N 41  
ASN CA   C N S 42  
ASN C    C N N 43  
ASN O    O N N 44  
ASN CB   C N N 45  
ASN CG   C N N 46  
ASN OD1  O N N 47  
ASN ND2  N N N 48  
ASN OXT  O N N 49  
ASN H    H N N 50  
ASN H2   H N N 51  
ASN HA   H N N 52  
ASN HB2  H N N 53  
ASN HB3  H N N 54  
ASN HD21 H N N 55  
ASN HD22 H N N 56  
ASN HXT  H N N 57  
ASP N    N N N 58  
ASP CA   C N S 59  
ASP C    C N N 60  
ASP O    O N N 61  
ASP CB   C N N 62  
ASP CG   C N N 63  
ASP OD1  O N N 64  
ASP OD2  O N N 65  
ASP OXT  O N N 66  
ASP H    H N N 67  
ASP H2   H N N 68  
ASP HA   H N N 69  
ASP HB2  H N N 70  
ASP HB3  H N N 71  
ASP HD2  H N N 72  
ASP HXT  H N N 73  
CYS N    N N N 74  
CYS CA   C N R 75  
CYS C    C N N 76  
CYS O    O N N 77  
CYS CB   C N N 78  
CYS SG   S N N 79  
CYS OXT  O N N 80  
CYS H    H N N 81  
CYS H2   H N N 82  
CYS HA   H N N 83  
CYS HB2  H N N 84  
CYS HB3  H N N 85  
CYS HG   H N N 86  
CYS HXT  H N N 87  
GLN N    N N N 88  
GLN CA   C N S 89  
GLN C    C N N 90  
GLN O    O N N 91  
GLN CB   C N N 92  
GLN CG   C N N 93  
GLN CD   C N N 94  
GLN OE1  O N N 95  
GLN NE2  N N N 96  
GLN OXT  O N N 97  
GLN H    H N N 98  
GLN H2   H N N 99  
GLN HA   H N N 100 
GLN HB2  H N N 101 
GLN HB3  H N N 102 
GLN HG2  H N N 103 
GLN HG3  H N N 104 
GLN HE21 H N N 105 
GLN HE22 H N N 106 
GLN HXT  H N N 107 
GLU N    N N N 108 
GLU CA   C N S 109 
GLU C    C N N 110 
GLU O    O N N 111 
GLU CB   C N N 112 
GLU CG   C N N 113 
GLU CD   C N N 114 
GLU OE1  O N N 115 
GLU OE2  O N N 116 
GLU OXT  O N N 117 
GLU H    H N N 118 
GLU H2   H N N 119 
GLU HA   H N N 120 
GLU HB2  H N N 121 
GLU HB3  H N N 122 
GLU HG2  H N N 123 
GLU HG3  H N N 124 
GLU HE2  H N N 125 
GLU HXT  H N N 126 
GLY N    N N N 127 
GLY CA   C N N 128 
GLY C    C N N 129 
GLY O    O N N 130 
GLY OXT  O N N 131 
GLY H    H N N 132 
GLY H2   H N N 133 
GLY HA2  H N N 134 
GLY HA3  H N N 135 
GLY HXT  H N N 136 
HIS N    N N N 137 
HIS CA   C N S 138 
HIS C    C N N 139 
HIS O    O N N 140 
HIS CB   C N N 141 
HIS CG   C Y N 142 
HIS ND1  N Y N 143 
HIS CD2  C Y N 144 
HIS CE1  C Y N 145 
HIS NE2  N Y N 146 
HIS OXT  O N N 147 
HIS H    H N N 148 
HIS H2   H N N 149 
HIS HA   H N N 150 
HIS HB2  H N N 151 
HIS HB3  H N N 152 
HIS HD1  H N N 153 
HIS HD2  H N N 154 
HIS HE1  H N N 155 
HIS HE2  H N N 156 
HIS HXT  H N N 157 
HOH O    O N N 158 
HOH H1   H N N 159 
HOH H2   H N N 160 
ILE N    N N N 161 
ILE CA   C N S 162 
ILE C    C N N 163 
ILE O    O N N 164 
ILE CB   C N S 165 
ILE CG1  C N N 166 
ILE CG2  C N N 167 
ILE CD1  C N N 168 
ILE OXT  O N N 169 
ILE H    H N N 170 
ILE H2   H N N 171 
ILE HA   H N N 172 
ILE HB   H N N 173 
ILE HG12 H N N 174 
ILE HG13 H N N 175 
ILE HG21 H N N 176 
ILE HG22 H N N 177 
ILE HG23 H N N 178 
ILE HD11 H N N 179 
ILE HD12 H N N 180 
ILE HD13 H N N 181 
ILE HXT  H N N 182 
LEU N    N N N 183 
LEU CA   C N S 184 
LEU C    C N N 185 
LEU O    O N N 186 
LEU CB   C N N 187 
LEU CG   C N N 188 
LEU CD1  C N N 189 
LEU CD2  C N N 190 
LEU OXT  O N N 191 
LEU H    H N N 192 
LEU H2   H N N 193 
LEU HA   H N N 194 
LEU HB2  H N N 195 
LEU HB3  H N N 196 
LEU HG   H N N 197 
LEU HD11 H N N 198 
LEU HD12 H N N 199 
LEU HD13 H N N 200 
LEU HD21 H N N 201 
LEU HD22 H N N 202 
LEU HD23 H N N 203 
LEU HXT  H N N 204 
LYS N    N N N 205 
LYS CA   C N S 206 
LYS C    C N N 207 
LYS O    O N N 208 
LYS CB   C N N 209 
LYS CG   C N N 210 
LYS CD   C N N 211 
LYS CE   C N N 212 
LYS NZ   N N N 213 
LYS OXT  O N N 214 
LYS H    H N N 215 
LYS H2   H N N 216 
LYS HA   H N N 217 
LYS HB2  H N N 218 
LYS HB3  H N N 219 
LYS HG2  H N N 220 
LYS HG3  H N N 221 
LYS HD2  H N N 222 
LYS HD3  H N N 223 
LYS HE2  H N N 224 
LYS HE3  H N N 225 
LYS HZ1  H N N 226 
LYS HZ2  H N N 227 
LYS HZ3  H N N 228 
LYS HXT  H N N 229 
MET N    N N N 230 
MET CA   C N S 231 
MET C    C N N 232 
MET O    O N N 233 
MET CB   C N N 234 
MET CG   C N N 235 
MET SD   S N N 236 
MET CE   C N N 237 
MET OXT  O N N 238 
MET H    H N N 239 
MET H2   H N N 240 
MET HA   H N N 241 
MET HB2  H N N 242 
MET HB3  H N N 243 
MET HG2  H N N 244 
MET HG3  H N N 245 
MET HE1  H N N 246 
MET HE2  H N N 247 
MET HE3  H N N 248 
MET HXT  H N N 249 
PHE N    N N N 250 
PHE CA   C N S 251 
PHE C    C N N 252 
PHE O    O N N 253 
PHE CB   C N N 254 
PHE CG   C Y N 255 
PHE CD1  C Y N 256 
PHE CD2  C Y N 257 
PHE CE1  C Y N 258 
PHE CE2  C Y N 259 
PHE CZ   C Y N 260 
PHE OXT  O N N 261 
PHE H    H N N 262 
PHE H2   H N N 263 
PHE HA   H N N 264 
PHE HB2  H N N 265 
PHE HB3  H N N 266 
PHE HD1  H N N 267 
PHE HD2  H N N 268 
PHE HE1  H N N 269 
PHE HE2  H N N 270 
PHE HZ   H N N 271 
PHE HXT  H N N 272 
PRO N    N N N 273 
PRO CA   C N S 274 
PRO C    C N N 275 
PRO O    O N N 276 
PRO CB   C N N 277 
PRO CG   C N N 278 
PRO CD   C N N 279 
PRO OXT  O N N 280 
PRO H    H N N 281 
PRO HA   H N N 282 
PRO HB2  H N N 283 
PRO HB3  H N N 284 
PRO HG2  H N N 285 
PRO HG3  H N N 286 
PRO HD2  H N N 287 
PRO HD3  H N N 288 
PRO HXT  H N N 289 
SER N    N N N 290 
SER CA   C N S 291 
SER C    C N N 292 
SER O    O N N 293 
SER CB   C N N 294 
SER OG   O N N 295 
SER OXT  O N N 296 
SER H    H N N 297 
SER H2   H N N 298 
SER HA   H N N 299 
SER HB2  H N N 300 
SER HB3  H N N 301 
SER HG   H N N 302 
SER HXT  H N N 303 
THR N    N N N 304 
THR CA   C N S 305 
THR C    C N N 306 
THR O    O N N 307 
THR CB   C N R 308 
THR OG1  O N N 309 
THR CG2  C N N 310 
THR OXT  O N N 311 
THR H    H N N 312 
THR H2   H N N 313 
THR HA   H N N 314 
THR HB   H N N 315 
THR HG1  H N N 316 
THR HG21 H N N 317 
THR HG22 H N N 318 
THR HG23 H N N 319 
THR HXT  H N N 320 
TYR N    N N N 321 
TYR CA   C N S 322 
TYR C    C N N 323 
TYR O    O N N 324 
TYR CB   C N N 325 
TYR CG   C Y N 326 
TYR CD1  C Y N 327 
TYR CD2  C Y N 328 
TYR CE1  C Y N 329 
TYR CE2  C Y N 330 
TYR CZ   C Y N 331 
TYR OH   O N N 332 
TYR OXT  O N N 333 
TYR H    H N N 334 
TYR H2   H N N 335 
TYR HA   H N N 336 
TYR HB2  H N N 337 
TYR HB3  H N N 338 
TYR HD1  H N N 339 
TYR HD2  H N N 340 
TYR HE1  H N N 341 
TYR HE2  H N N 342 
TYR HH   H N N 343 
TYR HXT  H N N 344 
VAL N    N N N 345 
VAL CA   C N S 346 
VAL C    C N N 347 
VAL O    O N N 348 
VAL CB   C N N 349 
VAL CG1  C N N 350 
VAL CG2  C N N 351 
VAL OXT  O N N 352 
VAL H    H N N 353 
VAL H2   H N N 354 
VAL HA   H N N 355 
VAL HB   H N N 356 
VAL HG11 H N N 357 
VAL HG12 H N N 358 
VAL HG13 H N N 359 
VAL HG21 H N N 360 
VAL HG22 H N N 361 
VAL HG23 H N N 362 
VAL HXT  H N N 363 
# 
loop_
_chem_comp_bond.comp_id 
_chem_comp_bond.atom_id_1 
_chem_comp_bond.atom_id_2 
_chem_comp_bond.value_order 
_chem_comp_bond.pdbx_aromatic_flag 
_chem_comp_bond.pdbx_stereo_config 
_chem_comp_bond.pdbx_ordinal 
ALA N   CA   sing N N 1   
ALA N   H    sing N N 2   
ALA N   H2   sing N N 3   
ALA CA  C    sing N N 4   
ALA CA  CB   sing N N 5   
ALA CA  HA   sing N N 6   
ALA C   O    doub N N 7   
ALA C   OXT  sing N N 8   
ALA CB  HB1  sing N N 9   
ALA CB  HB2  sing N N 10  
ALA CB  HB3  sing N N 11  
ALA OXT HXT  sing N N 12  
ARG N   CA   sing N N 13  
ARG N   H    sing N N 14  
ARG N   H2   sing N N 15  
ARG CA  C    sing N N 16  
ARG CA  CB   sing N N 17  
ARG CA  HA   sing N N 18  
ARG C   O    doub N N 19  
ARG C   OXT  sing N N 20  
ARG CB  CG   sing N N 21  
ARG CB  HB2  sing N N 22  
ARG CB  HB3  sing N N 23  
ARG CG  CD   sing N N 24  
ARG CG  HG2  sing N N 25  
ARG CG  HG3  sing N N 26  
ARG CD  NE   sing N N 27  
ARG CD  HD2  sing N N 28  
ARG CD  HD3  sing N N 29  
ARG NE  CZ   sing N N 30  
ARG NE  HE   sing N N 31  
ARG CZ  NH1  sing N N 32  
ARG CZ  NH2  doub N N 33  
ARG NH1 HH11 sing N N 34  
ARG NH1 HH12 sing N N 35  
ARG NH2 HH21 sing N N 36  
ARG NH2 HH22 sing N N 37  
ARG OXT HXT  sing N N 38  
ASN N   CA   sing N N 39  
ASN N   H    sing N N 40  
ASN N   H2   sing N N 41  
ASN CA  C    sing N N 42  
ASN CA  CB   sing N N 43  
ASN CA  HA   sing N N 44  
ASN C   O    doub N N 45  
ASN C   OXT  sing N N 46  
ASN CB  CG   sing N N 47  
ASN CB  HB2  sing N N 48  
ASN CB  HB3  sing N N 49  
ASN CG  OD1  doub N N 50  
ASN CG  ND2  sing N N 51  
ASN ND2 HD21 sing N N 52  
ASN ND2 HD22 sing N N 53  
ASN OXT HXT  sing N N 54  
ASP N   CA   sing N N 55  
ASP N   H    sing N N 56  
ASP N   H2   sing N N 57  
ASP CA  C    sing N N 58  
ASP CA  CB   sing N N 59  
ASP CA  HA   sing N N 60  
ASP C   O    doub N N 61  
ASP C   OXT  sing N N 62  
ASP CB  CG   sing N N 63  
ASP CB  HB2  sing N N 64  
ASP CB  HB3  sing N N 65  
ASP CG  OD1  doub N N 66  
ASP CG  OD2  sing N N 67  
ASP OD2 HD2  sing N N 68  
ASP OXT HXT  sing N N 69  
CYS N   CA   sing N N 70  
CYS N   H    sing N N 71  
CYS N   H2   sing N N 72  
CYS CA  C    sing N N 73  
CYS CA  CB   sing N N 74  
CYS CA  HA   sing N N 75  
CYS C   O    doub N N 76  
CYS C   OXT  sing N N 77  
CYS CB  SG   sing N N 78  
CYS CB  HB2  sing N N 79  
CYS CB  HB3  sing N N 80  
CYS SG  HG   sing N N 81  
CYS OXT HXT  sing N N 82  
GLN N   CA   sing N N 83  
GLN N   H    sing N N 84  
GLN N   H2   sing N N 85  
GLN CA  C    sing N N 86  
GLN CA  CB   sing N N 87  
GLN CA  HA   sing N N 88  
GLN C   O    doub N N 89  
GLN C   OXT  sing N N 90  
GLN CB  CG   sing N N 91  
GLN CB  HB2  sing N N 92  
GLN CB  HB3  sing N N 93  
GLN CG  CD   sing N N 94  
GLN CG  HG2  sing N N 95  
GLN CG  HG3  sing N N 96  
GLN CD  OE1  doub N N 97  
GLN CD  NE2  sing N N 98  
GLN NE2 HE21 sing N N 99  
GLN NE2 HE22 sing N N 100 
GLN OXT HXT  sing N N 101 
GLU N   CA   sing N N 102 
GLU N   H    sing N N 103 
GLU N   H2   sing N N 104 
GLU CA  C    sing N N 105 
GLU CA  CB   sing N N 106 
GLU CA  HA   sing N N 107 
GLU C   O    doub N N 108 
GLU C   OXT  sing N N 109 
GLU CB  CG   sing N N 110 
GLU CB  HB2  sing N N 111 
GLU CB  HB3  sing N N 112 
GLU CG  CD   sing N N 113 
GLU CG  HG2  sing N N 114 
GLU CG  HG3  sing N N 115 
GLU CD  OE1  doub N N 116 
GLU CD  OE2  sing N N 117 
GLU OE2 HE2  sing N N 118 
GLU OXT HXT  sing N N 119 
GLY N   CA   sing N N 120 
GLY N   H    sing N N 121 
GLY N   H2   sing N N 122 
GLY CA  C    sing N N 123 
GLY CA  HA2  sing N N 124 
GLY CA  HA3  sing N N 125 
GLY C   O    doub N N 126 
GLY C   OXT  sing N N 127 
GLY OXT HXT  sing N N 128 
HIS N   CA   sing N N 129 
HIS N   H    sing N N 130 
HIS N   H2   sing N N 131 
HIS CA  C    sing N N 132 
HIS CA  CB   sing N N 133 
HIS CA  HA   sing N N 134 
HIS C   O    doub N N 135 
HIS C   OXT  sing N N 136 
HIS CB  CG   sing N N 137 
HIS CB  HB2  sing N N 138 
HIS CB  HB3  sing N N 139 
HIS CG  ND1  sing Y N 140 
HIS CG  CD2  doub Y N 141 
HIS ND1 CE1  doub Y N 142 
HIS ND1 HD1  sing N N 143 
HIS CD2 NE2  sing Y N 144 
HIS CD2 HD2  sing N N 145 
HIS CE1 NE2  sing Y N 146 
HIS CE1 HE1  sing N N 147 
HIS NE2 HE2  sing N N 148 
HIS OXT HXT  sing N N 149 
HOH O   H1   sing N N 150 
HOH O   H2   sing N N 151 
ILE N   CA   sing N N 152 
ILE N   H    sing N N 153 
ILE N   H2   sing N N 154 
ILE CA  C    sing N N 155 
ILE CA  CB   sing N N 156 
ILE CA  HA   sing N N 157 
ILE C   O    doub N N 158 
ILE C   OXT  sing N N 159 
ILE CB  CG1  sing N N 160 
ILE CB  CG2  sing N N 161 
ILE CB  HB   sing N N 162 
ILE CG1 CD1  sing N N 163 
ILE CG1 HG12 sing N N 164 
ILE CG1 HG13 sing N N 165 
ILE CG2 HG21 sing N N 166 
ILE CG2 HG22 sing N N 167 
ILE CG2 HG23 sing N N 168 
ILE CD1 HD11 sing N N 169 
ILE CD1 HD12 sing N N 170 
ILE CD1 HD13 sing N N 171 
ILE OXT HXT  sing N N 172 
LEU N   CA   sing N N 173 
LEU N   H    sing N N 174 
LEU N   H2   sing N N 175 
LEU CA  C    sing N N 176 
LEU CA  CB   sing N N 177 
LEU CA  HA   sing N N 178 
LEU C   O    doub N N 179 
LEU C   OXT  sing N N 180 
LEU CB  CG   sing N N 181 
LEU CB  HB2  sing N N 182 
LEU CB  HB3  sing N N 183 
LEU CG  CD1  sing N N 184 
LEU CG  CD2  sing N N 185 
LEU CG  HG   sing N N 186 
LEU CD1 HD11 sing N N 187 
LEU CD1 HD12 sing N N 188 
LEU CD1 HD13 sing N N 189 
LEU CD2 HD21 sing N N 190 
LEU CD2 HD22 sing N N 191 
LEU CD2 HD23 sing N N 192 
LEU OXT HXT  sing N N 193 
LYS N   CA   sing N N 194 
LYS N   H    sing N N 195 
LYS N   H2   sing N N 196 
LYS CA  C    sing N N 197 
LYS CA  CB   sing N N 198 
LYS CA  HA   sing N N 199 
LYS C   O    doub N N 200 
LYS C   OXT  sing N N 201 
LYS CB  CG   sing N N 202 
LYS CB  HB2  sing N N 203 
LYS CB  HB3  sing N N 204 
LYS CG  CD   sing N N 205 
LYS CG  HG2  sing N N 206 
LYS CG  HG3  sing N N 207 
LYS CD  CE   sing N N 208 
LYS CD  HD2  sing N N 209 
LYS CD  HD3  sing N N 210 
LYS CE  NZ   sing N N 211 
LYS CE  HE2  sing N N 212 
LYS CE  HE3  sing N N 213 
LYS NZ  HZ1  sing N N 214 
LYS NZ  HZ2  sing N N 215 
LYS NZ  HZ3  sing N N 216 
LYS OXT HXT  sing N N 217 
MET N   CA   sing N N 218 
MET N   H    sing N N 219 
MET N   H2   sing N N 220 
MET CA  C    sing N N 221 
MET CA  CB   sing N N 222 
MET CA  HA   sing N N 223 
MET C   O    doub N N 224 
MET C   OXT  sing N N 225 
MET CB  CG   sing N N 226 
MET CB  HB2  sing N N 227 
MET CB  HB3  sing N N 228 
MET CG  SD   sing N N 229 
MET CG  HG2  sing N N 230 
MET CG  HG3  sing N N 231 
MET SD  CE   sing N N 232 
MET CE  HE1  sing N N 233 
MET CE  HE2  sing N N 234 
MET CE  HE3  sing N N 235 
MET OXT HXT  sing N N 236 
PHE N   CA   sing N N 237 
PHE N   H    sing N N 238 
PHE N   H2   sing N N 239 
PHE CA  C    sing N N 240 
PHE CA  CB   sing N N 241 
PHE CA  HA   sing N N 242 
PHE C   O    doub N N 243 
PHE C   OXT  sing N N 244 
PHE CB  CG   sing N N 245 
PHE CB  HB2  sing N N 246 
PHE CB  HB3  sing N N 247 
PHE CG  CD1  doub Y N 248 
PHE CG  CD2  sing Y N 249 
PHE CD1 CE1  sing Y N 250 
PHE CD1 HD1  sing N N 251 
PHE CD2 CE2  doub Y N 252 
PHE CD2 HD2  sing N N 253 
PHE CE1 CZ   doub Y N 254 
PHE CE1 HE1  sing N N 255 
PHE CE2 CZ   sing Y N 256 
PHE CE2 HE2  sing N N 257 
PHE CZ  HZ   sing N N 258 
PHE OXT HXT  sing N N 259 
PRO N   CA   sing N N 260 
PRO N   CD   sing N N 261 
PRO N   H    sing N N 262 
PRO CA  C    sing N N 263 
PRO CA  CB   sing N N 264 
PRO CA  HA   sing N N 265 
PRO C   O    doub N N 266 
PRO C   OXT  sing N N 267 
PRO CB  CG   sing N N 268 
PRO CB  HB2  sing N N 269 
PRO CB  HB3  sing N N 270 
PRO CG  CD   sing N N 271 
PRO CG  HG2  sing N N 272 
PRO CG  HG3  sing N N 273 
PRO CD  HD2  sing N N 274 
PRO CD  HD3  sing N N 275 
PRO OXT HXT  sing N N 276 
SER N   CA   sing N N 277 
SER N   H    sing N N 278 
SER N   H2   sing N N 279 
SER CA  C    sing N N 280 
SER CA  CB   sing N N 281 
SER CA  HA   sing N N 282 
SER C   O    doub N N 283 
SER C   OXT  sing N N 284 
SER CB  OG   sing N N 285 
SER CB  HB2  sing N N 286 
SER CB  HB3  sing N N 287 
SER OG  HG   sing N N 288 
SER OXT HXT  sing N N 289 
THR N   CA   sing N N 290 
THR N   H    sing N N 291 
THR N   H2   sing N N 292 
THR CA  C    sing N N 293 
THR CA  CB   sing N N 294 
THR CA  HA   sing N N 295 
THR C   O    doub N N 296 
THR C   OXT  sing N N 297 
THR CB  OG1  sing N N 298 
THR CB  CG2  sing N N 299 
THR CB  HB   sing N N 300 
THR OG1 HG1  sing N N 301 
THR CG2 HG21 sing N N 302 
THR CG2 HG22 sing N N 303 
THR CG2 HG23 sing N N 304 
THR OXT HXT  sing N N 305 
TYR N   CA   sing N N 306 
TYR N   H    sing N N 307 
TYR N   H2   sing N N 308 
TYR CA  C    sing N N 309 
TYR CA  CB   sing N N 310 
TYR CA  HA   sing N N 311 
TYR C   O    doub N N 312 
TYR C   OXT  sing N N 313 
TYR CB  CG   sing N N 314 
TYR CB  HB2  sing N N 315 
TYR CB  HB3  sing N N 316 
TYR CG  CD1  doub Y N 317 
TYR CG  CD2  sing Y N 318 
TYR CD1 CE1  sing Y N 319 
TYR CD1 HD1  sing N N 320 
TYR CD2 CE2  doub Y N 321 
TYR CD2 HD2  sing N N 322 
TYR CE1 CZ   doub Y N 323 
TYR CE1 HE1  sing N N 324 
TYR CE2 CZ   sing Y N 325 
TYR CE2 HE2  sing N N 326 
TYR CZ  OH   sing N N 327 
TYR OH  HH   sing N N 328 
TYR OXT HXT  sing N N 329 
VAL N   CA   sing N N 330 
VAL N   H    sing N N 331 
VAL N   H2   sing N N 332 
VAL CA  C    sing N N 333 
VAL CA  CB   sing N N 334 
VAL CA  HA   sing N N 335 
VAL C   O    doub N N 336 
VAL C   OXT  sing N N 337 
VAL CB  CG1  sing N N 338 
VAL CB  CG2  sing N N 339 
VAL CB  HB   sing N N 340 
VAL CG1 HG11 sing N N 341 
VAL CG1 HG12 sing N N 342 
VAL CG1 HG13 sing N N 343 
VAL CG2 HG21 sing N N 344 
VAL CG2 HG22 sing N N 345 
VAL CG2 HG23 sing N N 346 
VAL OXT HXT  sing N N 347 
# 
_atom_sites.entry_id                    1XBS 
_atom_sites.fract_transf_matrix[1][1]   0.01013885 
_atom_sites.fract_transf_matrix[1][2]   0.00713194 
_atom_sites.fract_transf_matrix[1][3]   -0.00316631 
_atom_sites.fract_transf_matrix[2][1]   -0.00629351 
_atom_sites.fract_transf_matrix[2][2]   0.00440467 
_atom_sites.fract_transf_matrix[2][3]   -0.01023118 
_atom_sites.fract_transf_matrix[3][1]   -0.00597621 
_atom_sites.fract_transf_matrix[3][2]   0.01252110 
_atom_sites.fract_transf_matrix[3][3]   0.00906666 
_atom_sites.fract_transf_vector[1]      0.212376 
_atom_sites.fract_transf_vector[2]      0.328583 
_atom_sites.fract_transf_vector[3]      0.210013 
# 
loop_
_atom_type.symbol 
C 
N 
O 
S 
# 
loop_
_atom_site.group_PDB 
_atom_site.id 
_atom_site.type_symbol 
_atom_site.label_atom_id 
_atom_site.label_alt_id 
_atom_site.label_comp_id 
_atom_site.label_asym_id 
_atom_site.label_entity_id 
_atom_site.label_seq_id 
_atom_site.pdbx_PDB_ins_code 
_atom_site.Cartn_x 
_atom_site.Cartn_y 
_atom_site.Cartn_z 
_atom_site.occupancy 
_atom_site.B_iso_or_equiv 
_atom_site.pdbx_formal_charge 
_atom_site.auth_seq_id 
_atom_site.auth_comp_id 
_atom_site.auth_asym_id 
_atom_site.auth_atom_id 
_atom_site.pdbx_PDB_model_num 
ATOM   1    N N   . MET A 1 1   ? -11.847 18.210  -0.346  1.00 74.31  ? 1   MET A N   1 
ATOM   2    C CA  . MET A 1 1   ? -12.132 17.746  -1.741  1.00 76.06  ? 1   MET A CA  1 
ATOM   3    C C   . MET A 1 1   ? -11.712 16.294  -1.964  1.00 75.24  ? 1   MET A C   1 
ATOM   4    O O   . MET A 1 1   ? -10.530 15.996  -2.163  1.00 75.08  ? 1   MET A O   1 
ATOM   5    C CB  . MET A 1 1   ? -11.416 18.634  -2.767  1.00 77.14  ? 1   MET A CB  1 
ATOM   6    C CG  . MET A 1 1   ? -11.600 18.173  -4.212  1.00 79.18  ? 1   MET A CG  1 
ATOM   7    S SD  . MET A 1 1   ? -12.295 19.439  -5.311  1.00 81.90  ? 1   MET A SD  1 
ATOM   8    C CE  . MET A 1 1   ? -14.014 19.400  -4.845  1.00 81.29  ? 1   MET A CE  1 
ATOM   9    N N   . SER A 1 2   ? -12.695 15.400  -1.941  1.00 73.47  ? 2   SER A N   1 
ATOM   10   C CA  . SER A 1 2   ? -12.447 13.982  -2.132  1.00 71.92  ? 2   SER A CA  1 
ATOM   11   C C   . SER A 1 2   ? -11.681 13.656  -3.406  1.00 70.80  ? 2   SER A C   1 
ATOM   12   O O   . SER A 1 2   ? -11.819 14.331  -4.432  1.00 70.81  ? 2   SER A O   1 
ATOM   13   C CB  . SER A 1 2   ? -13.766 13.228  -2.140  1.00 72.21  ? 2   SER A CB  1 
ATOM   14   O OG  . SER A 1 2   ? -14.419 13.392  -0.904  1.00 74.65  ? 2   SER A OG  1 
ATOM   15   N N   . PHE A 1 3   ? -10.877 12.603  -3.324  1.00 68.22  ? 3   PHE A N   1 
ATOM   16   C CA  . PHE A 1 3   ? -10.081 12.144  -4.447  1.00 65.63  ? 3   PHE A CA  1 
ATOM   17   C C   . PHE A 1 3   ? -10.407 10.678  -4.721  1.00 64.70  ? 3   PHE A C   1 
ATOM   18   O O   . PHE A 1 3   ? -10.576 9.883   -3.799  1.00 65.16  ? 3   PHE A O   1 
ATOM   19   C CB  . PHE A 1 3   ? -8.603  12.325  -4.132  1.00 64.36  ? 3   PHE A CB  1 
ATOM   20   C CG  . PHE A 1 3   ? -7.692  11.774  -5.174  1.00 62.68  ? 3   PHE A CG  1 
ATOM   21   C CD1 . PHE A 1 3   ? -7.224  10.475  -5.083  1.00 62.78  ? 3   PHE A CD1 1 
ATOM   22   C CD2 . PHE A 1 3   ? -7.292  12.557  -6.248  1.00 61.62  ? 3   PHE A CD2 1 
ATOM   23   C CE1 . PHE A 1 3   ? -6.365  9.965   -6.051  1.00 62.91  ? 3   PHE A CE1 1 
ATOM   24   C CE2 . PHE A 1 3   ? -6.439  12.059  -7.216  1.00 59.15  ? 3   PHE A CE2 1 
ATOM   25   C CZ  . PHE A 1 3   ? -5.973  10.764  -7.120  1.00 61.08  ? 3   PHE A CZ  1 
ATOM   26   N N   . LEU A 1 4   ? -10.519 10.333  -5.997  1.00 62.92  ? 4   LEU A N   1 
ATOM   27   C CA  . LEU A 1 4   ? -10.845 8.977   -6.401  1.00 59.87  ? 4   LEU A CA  1 
ATOM   28   C C   . LEU A 1 4   ? -9.571  8.242   -6.674  1.00 58.32  ? 4   LEU A C   1 
ATOM   29   O O   . LEU A 1 4   ? -8.880  8.528   -7.641  1.00 59.09  ? 4   LEU A O   1 
ATOM   30   C CB  . LEU A 1 4   ? -11.693 8.978   -7.669  1.00 60.36  ? 4   LEU A CB  1 
ATOM   31   C CG  . LEU A 1 4   ? -13.118 9.511   -7.594  1.00 60.67  ? 4   LEU A CG  1 
ATOM   32   C CD1 . LEU A 1 4   ? -13.109 10.917  -7.042  1.00 62.78  ? 4   LEU A CD1 1 
ATOM   33   C CD2 . LEU A 1 4   ? -13.737 9.489   -8.983  1.00 62.27  ? 4   LEU A CD2 1 
ATOM   34   N N   . LEU A 1 5   ? -9.265  7.283   -5.818  1.00 57.14  ? 5   LEU A N   1 
ATOM   35   C CA  . LEU A 1 5   ? -8.059  6.498   -5.960  1.00 55.75  ? 5   LEU A CA  1 
ATOM   36   C C   . LEU A 1 5   ? -8.034  5.725   -7.272  1.00 54.52  ? 5   LEU A C   1 
ATOM   37   O O   . LEU A 1 5   ? -9.015  5.105   -7.662  1.00 55.73  ? 5   LEU A O   1 
ATOM   38   C CB  . LEU A 1 5   ? -7.934  5.541   -4.772  1.00 55.21  ? 5   LEU A CB  1 
ATOM   39   C CG  . LEU A 1 5   ? -7.793  6.264   -3.428  1.00 56.35  ? 5   LEU A CG  1 
ATOM   40   C CD1 . LEU A 1 5   ? -7.907  5.272   -2.289  1.00 55.72  ? 5   LEU A CD1 1 
ATOM   41   C CD2 . LEU A 1 5   ? -6.462  7.007   -3.383  1.00 55.83  ? 5   LEU A CD2 1 
ATOM   42   N N   . PRO A 1 6   ? -6.910  5.771   -7.982  1.00 53.25  ? 6   PRO A N   1 
ATOM   43   C CA  . PRO A 1 6   ? -6.826  5.042   -9.245  1.00 56.47  ? 6   PRO A CA  1 
ATOM   44   C C   . PRO A 1 6   ? -7.101  3.563   -8.984  1.00 59.35  ? 6   PRO A C   1 
ATOM   45   O O   . PRO A 1 6   ? -7.173  3.129   -7.832  1.00 60.49  ? 6   PRO A O   1 
ATOM   46   C CB  . PRO A 1 6   ? -5.379  5.268   -9.686  1.00 54.21  ? 6   PRO A CB  1 
ATOM   47   C CG  . PRO A 1 6   ? -5.025  6.568   -9.067  1.00 55.33  ? 6   PRO A CG  1 
ATOM   48   C CD  . PRO A 1 6   ? -5.672  6.514   -7.708  1.00 54.47  ? 6   PRO A CD  1 
ATOM   49   N N   . LYS A 1 7   ? -7.244  2.798   -10.061 1.00 61.20  ? 7   LYS A N   1 
ATOM   50   C CA  . LYS A 1 7   ? -7.480  1.365   -9.971  1.00 63.51  ? 7   LYS A CA  1 
ATOM   51   C C   . LYS A 1 7   ? -6.658  0.622   -11.007 1.00 65.53  ? 7   LYS A C   1 
ATOM   52   O O   . LYS A 1 7   ? -6.600  1.019   -12.169 1.00 66.10  ? 7   LYS A O   1 
ATOM   53   C CB  . LYS A 1 7   ? -8.960  1.043   -10.175 1.00 60.92  ? 7   LYS A CB  1 
ATOM   54   C CG  . LYS A 1 7   ? -9.768  1.247   -8.924  1.00 64.32  ? 7   LYS A CG  1 
ATOM   55   C CD  . LYS A 1 7   ? -11.254 1.227   -9.173  1.00 64.91  ? 7   LYS A CD  1 
ATOM   56   C CE  . LYS A 1 7   ? -11.995 1.418   -7.856  1.00 67.96  ? 7   LYS A CE  1 
ATOM   57   N NZ  . LYS A 1 7   ? -13.361 2.007   -8.007  1.00 68.50  ? 7   LYS A NZ  1 
ATOM   58   N N   . LEU A 1 8   ? -5.986  -0.433  -10.569 1.00 66.38  ? 8   LEU A N   1 
ATOM   59   C CA  . LEU A 1 8   ? -5.222  -1.257  -11.483 1.00 67.75  ? 8   LEU A CA  1 
ATOM   60   C C   . LEU A 1 8   ? -6.173  -2.430  -11.661 1.00 69.69  ? 8   LEU A C   1 
ATOM   61   O O   . LEU A 1 8   ? -6.723  -2.945  -10.683 1.00 69.02  ? 8   LEU A O   1 
ATOM   62   C CB  . LEU A 1 8   ? -3.906  -1.685  -10.843 1.00 68.14  ? 8   LEU A CB  1 
ATOM   63   C CG  . LEU A 1 8   ? -2.959  -0.504  -10.599 1.00 68.33  ? 8   LEU A CG  1 
ATOM   64   C CD1 . LEU A 1 8   ? -1.723  -0.973  -9.867  1.00 67.95  ? 8   LEU A CD1 1 
ATOM   65   C CD2 . LEU A 1 8   ? -2.580  0.136   -11.927 1.00 68.86  ? 8   LEU A CD2 1 
ATOM   66   N N   . THR A 1 9   ? -6.399  -2.840  -12.903 1.00 70.77  ? 9   THR A N   1 
ATOM   67   C CA  . THR A 1 9   ? -7.350  -3.917  -13.150 1.00 71.88  ? 9   THR A CA  1 
ATOM   68   C C   . THR A 1 9   ? -6.739  -5.244  -13.585 1.00 71.24  ? 9   THR A C   1 
ATOM   69   O O   . THR A 1 9   ? -7.380  -6.291  -13.474 1.00 71.97  ? 9   THR A O   1 
ATOM   70   C CB  . THR A 1 9   ? -8.410  -3.476  -14.209 1.00 74.21  ? 9   THR A CB  1 
ATOM   71   O OG1 . THR A 1 9   ? -7.893  -3.672  -15.537 1.00 75.43  ? 9   THR A OG1 1 
ATOM   72   C CG2 . THR A 1 9   ? -8.753  -1.989  -14.030 1.00 72.09  ? 9   THR A CG2 1 
ATOM   73   N N   . SER A 1 10  ? -5.504  -5.215  -14.068 1.00 68.83  ? 10  SER A N   1 
ATOM   74   C CA  . SER A 1 10  ? -4.886  -6.445  -14.522 1.00 66.47  ? 10  SER A CA  1 
ATOM   75   C C   . SER A 1 10  ? -3.435  -6.558  -14.130 1.00 66.00  ? 10  SER A C   1 
ATOM   76   O O   . SER A 1 10  ? -2.795  -5.577  -13.750 1.00 65.01  ? 10  SER A O   1 
ATOM   77   C CB  . SER A 1 10  ? -4.974  -6.542  -16.038 1.00 66.77  ? 10  SER A CB  1 
ATOM   78   O OG  . SER A 1 10  ? -4.105  -5.595  -16.641 1.00 65.71  ? 10  SER A OG  1 
ATOM   79   N N   . LYS A 1 11  ? -2.924  -7.778  -14.250 1.00 64.90  ? 11  LYS A N   1 
ATOM   80   C CA  . LYS A 1 11  ? -1.539  -8.085  -13.957 1.00 64.11  ? 11  LYS A CA  1 
ATOM   81   C C   . LYS A 1 11  ? -0.680  -7.033  -14.650 1.00 65.02  ? 11  LYS A C   1 
ATOM   82   O O   . LYS A 1 11  ? 0.207   -6.437  -14.037 1.00 65.44  ? 11  LYS A O   1 
ATOM   83   C CB  . LYS A 1 11  ? -1.220  -9.481  -14.496 1.00 61.96  ? 11  LYS A CB  1 
ATOM   84   C CG  . LYS A 1 11  ? 0.074   -10.097 -14.018 1.00 60.68  ? 11  LYS A CG  1 
ATOM   85   C CD  . LYS A 1 11  ? 1.267   -9.645  -14.817 1.00 61.55  ? 11  LYS A CD  1 
ATOM   86   C CE  . LYS A 1 11  ? 2.478   -10.506 -14.486 1.00 62.60  ? 11  LYS A CE  1 
ATOM   87   N NZ  . LYS A 1 11  ? 3.680   -10.137 -15.289 1.00 64.22  ? 11  LYS A NZ  1 
ATOM   88   N N   . LYS A 1 12  ? -0.978  -6.802  -15.929 1.00 66.26  ? 12  LYS A N   1 
ATOM   89   C CA  . LYS A 1 12  ? -0.267  -5.833  -16.765 1.00 65.28  ? 12  LYS A CA  1 
ATOM   90   C C   . LYS A 1 12  ? -0.264  -4.442  -16.145 1.00 63.31  ? 12  LYS A C   1 
ATOM   91   O O   . LYS A 1 12  ? 0.785   -3.827  -16.013 1.00 63.64  ? 12  LYS A O   1 
ATOM   92   C CB  . LYS A 1 12  ? -0.921  -5.784  -18.149 1.00 68.75  ? 12  LYS A CB  1 
ATOM   93   C CG  . LYS A 1 12  ? -0.297  -4.817  -19.158 1.00 72.09  ? 12  LYS A CG  1 
ATOM   94   C CD  . LYS A 1 12  ? -1.397  -4.211  -20.053 1.00 74.04  ? 12  LYS A CD  1 
ATOM   95   C CE  . LYS A 1 12  ? -0.840  -3.441  -21.254 1.00 74.20  ? 12  LYS A CE  1 
ATOM   96   N NZ  . LYS A 1 12  ? -0.295  -4.341  -22.311 1.00 74.65  ? 12  LYS A NZ  1 
ATOM   97   N N   . GLU A 1 13  ? -1.438  -3.944  -15.776 1.00 61.79  ? 13  GLU A N   1 
ATOM   98   C CA  . GLU A 1 13  ? -1.539  -2.623  -15.166 1.00 61.92  ? 13  GLU A CA  1 
ATOM   99   C C   . GLU A 1 13  ? -0.733  -2.528  -13.871 1.00 60.83  ? 13  GLU A C   1 
ATOM   100  O O   . GLU A 1 13  ? -0.149  -1.488  -13.569 1.00 58.47  ? 13  GLU A O   1 
ATOM   101  C CB  . GLU A 1 13  ? -2.995  -2.281  -14.865 1.00 65.40  ? 13  GLU A CB  1 
ATOM   102  C CG  . GLU A 1 13  ? -3.795  -1.765  -16.044 1.00 71.73  ? 13  GLU A CG  1 
ATOM   103  C CD  . GLU A 1 13  ? -5.242  -1.441  -15.665 1.00 76.11  ? 13  GLU A CD  1 
ATOM   104  O OE1 . GLU A 1 13  ? -5.986  -2.374  -15.299 1.00 76.73  ? 13  GLU A OE1 1 
ATOM   105  O OE2 . GLU A 1 13  ? -5.637  -0.253  -15.726 1.00 77.94  ? 13  GLU A OE2 1 
ATOM   106  N N   . VAL A 1 14  ? -0.725  -3.608  -13.092 1.00 59.31  ? 14  VAL A N   1 
ATOM   107  C CA  . VAL A 1 14  ? 0.020   -3.616  -11.848 1.00 56.32  ? 14  VAL A CA  1 
ATOM   108  C C   . VAL A 1 14  ? 1.506   -3.590  -12.150 1.00 56.22  ? 14  VAL A C   1 
ATOM   109  O O   . VAL A 1 14  ? 2.267   -2.954  -11.438 1.00 55.82  ? 14  VAL A O   1 
ATOM   110  C CB  . VAL A 1 14  ? -0.315  -4.845  -10.985 1.00 56.54  ? 14  VAL A CB  1 
ATOM   111  C CG1 . VAL A 1 14  ? 0.704   -4.988  -9.868  1.00 56.22  ? 14  VAL A CG1 1 
ATOM   112  C CG2 . VAL A 1 14  ? -1.697  -4.691  -10.380 1.00 50.43  ? 14  VAL A CG2 1 
ATOM   113  N N   . ASP A 1 15  ? 1.920   -4.271  -13.213 1.00 57.78  ? 15  ASP A N   1 
ATOM   114  C CA  . ASP A 1 15  ? 3.334   -4.285  -13.602 1.00 60.48  ? 15  ASP A CA  1 
ATOM   115  C C   . ASP A 1 15  ? 3.798   -2.884  -13.955 1.00 59.92  ? 15  ASP A C   1 
ATOM   116  O O   . ASP A 1 15  ? 4.886   -2.460  -13.569 1.00 58.07  ? 15  ASP A O   1 
ATOM   117  C CB  . ASP A 1 15  ? 3.569   -5.162  -14.832 1.00 61.88  ? 15  ASP A CB  1 
ATOM   118  C CG  . ASP A 1 15  ? 3.346   -6.622  -14.559 1.00 64.72  ? 15  ASP A CG  1 
ATOM   119  O OD1 . ASP A 1 15  ? 3.971   -7.161  -13.619 1.00 63.14  ? 15  ASP A OD1 1 
ATOM   120  O OD2 . ASP A 1 15  ? 2.546   -7.227  -15.300 1.00 67.01  ? 15  ASP A OD2 1 
ATOM   121  N N   . GLN A 1 16  ? 2.957   -2.196  -14.722 1.00 60.28  ? 16  GLN A N   1 
ATOM   122  C CA  . GLN A 1 16  ? 3.229   -0.844  -15.181 1.00 60.65  ? 16  GLN A CA  1 
ATOM   123  C C   . GLN A 1 16  ? 3.389   0.130   -14.033 1.00 58.98  ? 16  GLN A C   1 
ATOM   124  O O   . GLN A 1 16  ? 4.318   0.935   -14.030 1.00 58.66  ? 16  GLN A O   1 
ATOM   125  C CB  . GLN A 1 16  ? 2.108   -0.363  -16.114 1.00 63.49  ? 16  GLN A CB  1 
ATOM   126  C CG  . GLN A 1 16  ? 2.463   -0.376  -17.607 1.00 67.15  ? 16  GLN A CG  1 
ATOM   127  C CD  . GLN A 1 16  ? 3.573   0.621   -17.973 1.00 69.81  ? 16  GLN A CD  1 
ATOM   128  O OE1 . GLN A 1 16  ? 3.423   1.837   -17.783 1.00 70.79  ? 16  GLN A OE1 1 
ATOM   129  N NE2 . GLN A 1 16  ? 4.690   0.108   -18.500 1.00 68.94  ? 16  GLN A NE2 1 
ATOM   130  N N   . ALA A 1 17  ? 2.478   0.061   -13.068 1.00 56.80  ? 17  ALA A N   1 
ATOM   131  C CA  . ALA A 1 17  ? 2.533   0.941   -11.908 1.00 55.90  ? 17  ALA A CA  1 
ATOM   132  C C   . ALA A 1 17  ? 3.844   0.743   -11.149 1.00 57.57  ? 17  ALA A C   1 
ATOM   133  O O   . ALA A 1 17  ? 4.432   1.698   -10.636 1.00 58.59  ? 17  ALA A O   1 
ATOM   134  C CB  . ALA A 1 17  ? 1.376   0.656   -11.001 1.00 51.89  ? 17  ALA A CB  1 
ATOM   135  N N   . ILE A 1 18  ? 4.295   -0.502  -11.081 1.00 56.96  ? 18  ILE A N   1 
ATOM   136  C CA  . ILE A 1 18  ? 5.526   -0.821  -10.392 1.00 59.65  ? 18  ILE A CA  1 
ATOM   137  C C   . ILE A 1 18  ? 6.744   -0.250  -11.126 1.00 62.28  ? 18  ILE A C   1 
ATOM   138  O O   . ILE A 1 18  ? 7.689   0.215   -10.491 1.00 64.07  ? 18  ILE A O   1 
ATOM   139  C CB  . ILE A 1 18  ? 5.667   -2.353  -10.218 1.00 59.17  ? 18  ILE A CB  1 
ATOM   140  C CG1 . ILE A 1 18  ? 4.497   -2.876  -9.386  1.00 56.94  ? 18  ILE A CG1 1 
ATOM   141  C CG2 . ILE A 1 18  ? 6.998   -2.695  -9.549  1.00 57.33  ? 18  ILE A CG2 1 
ATOM   142  C CD1 . ILE A 1 18  ? 4.505   -4.353  -9.185  1.00 55.30  ? 18  ILE A CD1 1 
ATOM   143  N N   . LYS A 1 19  ? 6.727   -0.285  -12.455 1.00 65.33  ? 19  LYS A N   1 
ATOM   144  C CA  . LYS A 1 19  ? 7.835   0.259   -13.240 1.00 68.80  ? 19  LYS A CA  1 
ATOM   145  C C   . LYS A 1 19  ? 7.686   1.779   -13.349 1.00 70.61  ? 19  LYS A C   1 
ATOM   146  O O   . LYS A 1 19  ? 8.583   2.530   -12.962 1.00 70.28  ? 19  LYS A O   1 
ATOM   147  C CB  . LYS A 1 19  ? 7.862   -0.368  -14.643 1.00 70.65  ? 19  LYS A CB  1 
ATOM   148  C CG  . LYS A 1 19  ? 8.376   -1.814  -14.675 1.00 73.97  ? 19  LYS A CG  1 
ATOM   149  C CD  . LYS A 1 19  ? 8.376   -2.406  -16.093 1.00 76.47  ? 19  LYS A CD  1 
ATOM   150  C CE  . LYS A 1 19  ? 9.012   -3.816  -16.153 1.00 77.94  ? 19  LYS A CE  1 
ATOM   151  N NZ  . LYS A 1 19  ? 8.240   -4.899  -15.456 1.00 76.17  ? 19  LYS A NZ  1 
ATOM   152  N N   . SER A 1 20  ? 6.536   2.213   -13.862 1.00 72.57  ? 20  SER A N   1 
ATOM   153  C CA  . SER A 1 20  ? 6.206   3.630   -14.035 1.00 74.75  ? 20  SER A CA  1 
ATOM   154  C C   . SER A 1 20  ? 6.522   4.503   -12.820 1.00 75.55  ? 20  SER A C   1 
ATOM   155  O O   . SER A 1 20  ? 7.371   5.391   -12.894 1.00 76.35  ? 20  SER A O   1 
ATOM   156  C CB  . SER A 1 20  ? 4.723   3.776   -14.379 1.00 76.30  ? 20  SER A CB  1 
ATOM   157  O OG  . SER A 1 20  ? 4.261   5.090   -14.108 1.00 79.30  ? 20  SER A OG  1 
ATOM   158  N N   . THR A 1 21  ? 5.824   4.257   -11.713 1.00 75.94  ? 21  THR A N   1 
ATOM   159  C CA  . THR A 1 21  ? 6.023   5.008   -10.474 1.00 75.60  ? 21  THR A CA  1 
ATOM   160  C C   . THR A 1 21  ? 7.494   5.092   -10.079 1.00 75.81  ? 21  THR A C   1 
ATOM   161  O O   . THR A 1 21  ? 8.200   4.072   -10.021 1.00 75.96  ? 21  THR A O   1 
ATOM   162  C CB  . THR A 1 21  ? 5.254   4.374   -9.308  1.00 75.46  ? 21  THR A CB  1 
ATOM   163  O OG1 . THR A 1 21  ? 3.868   4.277   -9.651  1.00 75.39  ? 21  THR A OG1 1 
ATOM   164  C CG2 . THR A 1 21  ? 5.404   5.220   -8.049  1.00 74.83  ? 21  THR A CG2 1 
ATOM   165  N N   . ALA A 1 22  ? 7.946   6.311   -9.800  1.00 74.30  ? 22  ALA A N   1 
ATOM   166  C CA  . ALA A 1 22  ? 9.333   6.531   -9.426  1.00 73.93  ? 22  ALA A CA  1 
ATOM   167  C C   . ALA A 1 22  ? 9.498   7.646   -8.402  1.00 73.35  ? 22  ALA A C   1 
ATOM   168  O O   . ALA A 1 22  ? 8.829   8.680   -8.470  1.00 71.71  ? 22  ALA A O   1 
ATOM   169  C CB  . ALA A 1 22  ? 10.162  6.835   -10.666 1.00 74.41  ? 22  ALA A CB  1 
ATOM   170  N N   . GLU A 1 23  ? 10.403  7.406   -7.455  1.00 72.26  ? 23  GLU A N   1 
ATOM   171  C CA  . GLU A 1 23  ? 10.727  8.332   -6.376  1.00 71.45  ? 23  GLU A CA  1 
ATOM   172  C C   . GLU A 1 23  ? 9.676   8.439   -5.288  1.00 69.85  ? 23  GLU A C   1 
ATOM   173  O O   . GLU A 1 23  ? 9.898   9.090   -4.268  1.00 71.15  ? 23  GLU A O   1 
ATOM   174  C CB  . GLU A 1 23  ? 11.056  9.717   -6.930  1.00 72.59  ? 23  GLU A CB  1 
ATOM   175  C CG  . GLU A 1 23  ? 12.329  9.729   -7.770  1.00 74.27  ? 23  GLU A CG  1 
ATOM   176  C CD  . GLU A 1 23  ? 13.457  8.928   -7.134  1.00 75.26  ? 23  GLU A CD  1 
ATOM   177  O OE1 . GLU A 1 23  ? 13.920  9.293   -6.028  1.00 76.16  ? 23  GLU A OE1 1 
ATOM   178  O OE2 . GLU A 1 23  ? 13.873  7.923   -7.745  1.00 76.36  ? 23  GLU A OE2 1 
ATOM   179  N N   . LYS A 1 24  ? 8.533   7.799   -5.496  1.00 67.37  ? 24  LYS A N   1 
ATOM   180  C CA  . LYS A 1 24  ? 7.480   7.804   -4.492  1.00 64.33  ? 24  LYS A CA  1 
ATOM   181  C C   . LYS A 1 24  ? 7.185   6.365   -4.099  1.00 61.72  ? 24  LYS A C   1 
ATOM   182  O O   . LYS A 1 24  ? 7.491   5.435   -4.846  1.00 58.91  ? 24  LYS A O   1 
ATOM   183  C CB  . LYS A 1 24  ? 6.211   8.438   -5.042  1.00 65.79  ? 24  LYS A CB  1 
ATOM   184  C CG  . LYS A 1 24  ? 6.341   9.892   -5.392  1.00 68.54  ? 24  LYS A CG  1 
ATOM   185  C CD  . LYS A 1 24  ? 5.009   10.414  -5.896  1.00 71.43  ? 24  LYS A CD  1 
ATOM   186  C CE  . LYS A 1 24  ? 5.103   11.850  -6.351  1.00 72.94  ? 24  LYS A CE  1 
ATOM   187  N NZ  . LYS A 1 24  ? 3.785   12.322  -6.852  1.00 75.13  ? 24  LYS A NZ  1 
ATOM   188  N N   . VAL A 1 25  ? 6.600   6.177   -2.921  1.00 58.93  ? 25  VAL A N   1 
ATOM   189  C CA  . VAL A 1 25  ? 6.255   4.832   -2.496  1.00 55.76  ? 25  VAL A CA  1 
ATOM   190  C C   . VAL A 1 25  ? 4.963   4.404   -3.201  1.00 53.73  ? 25  VAL A C   1 
ATOM   191  O O   . VAL A 1 25  ? 3.939   5.101   -3.150  1.00 51.81  ? 25  VAL A O   1 
ATOM   192  C CB  . VAL A 1 25  ? 6.051   4.730   -0.957  1.00 54.85  ? 25  VAL A CB  1 
ATOM   193  C CG1 . VAL A 1 25  ? 7.229   5.323   -0.241  1.00 56.14  ? 25  VAL A CG1 1 
ATOM   194  C CG2 . VAL A 1 25  ? 4.790   5.422   -0.544  1.00 55.78  ? 25  VAL A CG2 1 
ATOM   195  N N   . LEU A 1 26  ? 5.032   3.276   -3.895  1.00 50.29  ? 26  LEU A N   1 
ATOM   196  C CA  . LEU A 1 26  ? 3.859   2.756   -4.559  1.00 47.54  ? 26  LEU A CA  1 
ATOM   197  C C   . LEU A 1 26  ? 3.067   2.019   -3.468  1.00 45.68  ? 26  LEU A C   1 
ATOM   198  O O   . LEU A 1 26  ? 3.594   1.145   -2.756  1.00 43.00  ? 26  LEU A O   1 
ATOM   199  C CB  . LEU A 1 26  ? 4.261   1.800   -5.697  1.00 46.38  ? 26  LEU A CB  1 
ATOM   200  C CG  . LEU A 1 26  ? 3.137   1.299   -6.615  1.00 42.67  ? 26  LEU A CG  1 
ATOM   201  C CD1 . LEU A 1 26  ? 2.353   2.471   -7.139  1.00 43.10  ? 26  LEU A CD1 1 
ATOM   202  C CD2 . LEU A 1 26  ? 3.706   0.494   -7.762  1.00 39.72  ? 26  LEU A CD2 1 
ATOM   203  N N   . VAL A 1 27  ? 1.814   2.414   -3.312  1.00 43.88  ? 27  VAL A N   1 
ATOM   204  C CA  . VAL A 1 27  ? 0.938   1.800   -2.334  1.00 43.03  ? 27  VAL A CA  1 
ATOM   205  C C   . VAL A 1 27  ? -0.102  0.966   -3.087  1.00 43.08  ? 27  VAL A C   1 
ATOM   206  O O   . VAL A 1 27  ? -0.946  1.507   -3.798  1.00 42.83  ? 27  VAL A O   1 
ATOM   207  C CB  . VAL A 1 27  ? 0.254   2.887   -1.458  1.00 42.38  ? 27  VAL A CB  1 
ATOM   208  C CG1 . VAL A 1 27  ? -0.734  2.243   -0.471  1.00 41.99  ? 27  VAL A CG1 1 
ATOM   209  C CG2 . VAL A 1 27  ? 1.317   3.661   -0.689  1.00 42.11  ? 27  VAL A CG2 1 
ATOM   210  N N   . LEU A 1 28  ? -0.016  -0.355  -2.957  1.00 43.40  ? 28  LEU A N   1 
ATOM   211  C CA  . LEU A 1 28  ? -0.956  -1.255  -3.628  1.00 44.14  ? 28  LEU A CA  1 
ATOM   212  C C   . LEU A 1 28  ? -1.878  -1.921  -2.621  1.00 43.87  ? 28  LEU A C   1 
ATOM   213  O O   . LEU A 1 28  ? -1.461  -2.791  -1.843  1.00 43.43  ? 28  LEU A O   1 
ATOM   214  C CB  . LEU A 1 28  ? -0.204  -2.329  -4.434  1.00 45.02  ? 28  LEU A CB  1 
ATOM   215  C CG  . LEU A 1 28  ? 0.158   -2.073  -5.912  1.00 47.31  ? 28  LEU A CG  1 
ATOM   216  C CD1 . LEU A 1 28  ? 0.658   -0.669  -6.114  1.00 48.76  ? 28  LEU A CD1 1 
ATOM   217  C CD2 . LEU A 1 28  ? 1.218   -3.053  -6.361  1.00 46.09  ? 28  LEU A CD2 1 
ATOM   218  N N   . ARG A 1 29  ? -3.134  -1.498  -2.628  1.00 43.01  ? 29  ARG A N   1 
ATOM   219  C CA  . ARG A 1 29  ? -4.116  -2.064  -1.720  1.00 42.13  ? 29  ARG A CA  1 
ATOM   220  C C   . ARG A 1 29  ? -4.845  -3.216  -2.407  1.00 41.72  ? 29  ARG A C   1 
ATOM   221  O O   . ARG A 1 29  ? -5.684  -2.999  -3.275  1.00 43.76  ? 29  ARG A O   1 
ATOM   222  C CB  . ARG A 1 29  ? -5.119  -0.988  -1.284  1.00 40.76  ? 29  ARG A CB  1 
ATOM   223  C CG  . ARG A 1 29  ? -6.101  -1.455  -0.216  1.00 44.98  ? 29  ARG A CG  1 
ATOM   224  C CD  . ARG A 1 29  ? -7.184  -2.380  -0.784  1.00 47.98  ? 29  ARG A CD  1 
ATOM   225  N NE  . ARG A 1 29  ? -8.263  -1.639  -1.428  1.00 51.99  ? 29  ARG A NE  1 
ATOM   226  C CZ  . ARG A 1 29  ? -8.928  -2.045  -2.509  1.00 53.66  ? 29  ARG A CZ  1 
ATOM   227  N NH1 . ARG A 1 29  ? -8.621  -3.201  -3.090  1.00 54.89  ? 29  ARG A NH1 1 
ATOM   228  N NH2 . ARG A 1 29  ? -9.915  -1.298  -2.998  1.00 52.25  ? 29  ARG A NH2 1 
ATOM   229  N N   . PHE A 1 30  ? -4.520  -4.443  -2.028  1.00 40.69  ? 30  PHE A N   1 
ATOM   230  C CA  . PHE A 1 30  ? -5.192  -5.594  -2.611  1.00 41.27  ? 30  PHE A CA  1 
ATOM   231  C C   . PHE A 1 30  ? -6.455  -5.929  -1.813  1.00 44.78  ? 30  PHE A C   1 
ATOM   232  O O   . PHE A 1 30  ? -6.392  -6.257  -0.631  1.00 46.24  ? 30  PHE A O   1 
ATOM   233  C CB  . PHE A 1 30  ? -4.267  -6.807  -2.642  1.00 38.13  ? 30  PHE A CB  1 
ATOM   234  C CG  . PHE A 1 30  ? -3.251  -6.778  -3.756  1.00 36.96  ? 30  PHE A CG  1 
ATOM   235  C CD1 . PHE A 1 30  ? -2.122  -5.976  -3.669  1.00 35.44  ? 30  PHE A CD1 1 
ATOM   236  C CD2 . PHE A 1 30  ? -3.430  -7.567  -4.892  1.00 34.62  ? 30  PHE A CD2 1 
ATOM   237  C CE1 . PHE A 1 30  ? -1.186  -5.956  -4.690  1.00 38.51  ? 30  PHE A CE1 1 
ATOM   238  C CE2 . PHE A 1 30  ? -2.507  -7.557  -5.914  1.00 34.93  ? 30  PHE A CE2 1 
ATOM   239  C CZ  . PHE A 1 30  ? -1.376  -6.745  -5.814  1.00 39.63  ? 30  PHE A CZ  1 
ATOM   240  N N   . GLY A 1 31  ? -7.607  -5.824  -2.455  1.00 48.26  ? 31  GLY A N   1 
ATOM   241  C CA  . GLY A 1 31  ? -8.842  -6.134  -1.765  1.00 53.56  ? 31  GLY A CA  1 
ATOM   242  C C   . GLY A 1 31  ? -10.031 -6.218  -2.698  1.00 56.38  ? 31  GLY A C   1 
ATOM   243  O O   . GLY A 1 31  ? -9.963  -6.817  -3.785  1.00 57.75  ? 31  GLY A O   1 
ATOM   244  N N   . ARG A 1 32  ? -11.127 -5.612  -2.256  1.00 57.46  ? 32  ARG A N   1 
ATOM   245  C CA  . ARG A 1 32  ? -12.381 -5.573  -3.001  1.00 58.07  ? 32  ARG A CA  1 
ATOM   246  C C   . ARG A 1 32  ? -13.080 -4.313  -2.543  1.00 60.03  ? 32  ARG A C   1 
ATOM   247  O O   . ARG A 1 32  ? -13.296 -4.132  -1.345  1.00 59.88  ? 32  ARG A O   1 
ATOM   248  C CB  . ARG A 1 32  ? -13.244 -6.785  -2.654  1.00 54.97  ? 32  ARG A CB  1 
ATOM   249  C CG  . ARG A 1 32  ? -12.695 -8.085  -3.162  1.00 51.01  ? 32  ARG A CG  1 
ATOM   250  C CD  . ARG A 1 32  ? -13.385 -9.278  -2.525  1.00 50.00  ? 32  ARG A CD  1 
ATOM   251  N NE  . ARG A 1 32  ? -12.944 -10.542 -3.121  1.00 48.64  ? 32  ARG A NE  1 
ATOM   252  C CZ  . ARG A 1 32  ? -13.090 -11.734 -2.544  1.00 47.56  ? 32  ARG A CZ  1 
ATOM   253  N NH1 . ARG A 1 32  ? -13.663 -11.805 -1.352  1.00 46.66  ? 32  ARG A NH1 1 
ATOM   254  N NH2 . ARG A 1 32  ? -12.672 -12.848 -3.152  1.00 40.24  ? 32  ARG A NH2 1 
ATOM   255  N N   . ASP A 1 33  ? -13.420 -3.440  -3.486  1.00 63.37  ? 33  ASP A N   1 
ATOM   256  C CA  . ASP A 1 33  ? -14.092 -2.181  -3.163  1.00 67.64  ? 33  ASP A CA  1 
ATOM   257  C C   . ASP A 1 33  ? -15.277 -2.378  -2.221  1.00 69.09  ? 33  ASP A C   1 
ATOM   258  O O   . ASP A 1 33  ? -15.482 -1.588  -1.307  1.00 70.11  ? 33  ASP A O   1 
ATOM   259  C CB  . ASP A 1 33  ? -14.599 -1.496  -4.433  1.00 70.27  ? 33  ASP A CB  1 
ATOM   260  C CG  . ASP A 1 33  ? -13.552 -1.436  -5.521  1.00 74.36  ? 33  ASP A CG  1 
ATOM   261  O OD1 . ASP A 1 33  ? -12.394 -1.063  -5.220  1.00 76.47  ? 33  ASP A OD1 1 
ATOM   262  O OD2 . ASP A 1 33  ? -13.893 -1.754  -6.682  1.00 76.16  ? 33  ASP A OD2 1 
ATOM   263  N N   . GLU A 1 34  ? -16.049 -3.437  -2.461  1.00 69.89  ? 34  GLU A N   1 
ATOM   264  C CA  . GLU A 1 34  ? -17.238 -3.756  -1.668  1.00 70.58  ? 34  GLU A CA  1 
ATOM   265  C C   . GLU A 1 34  ? -16.978 -4.088  -0.201  1.00 69.41  ? 34  GLU A C   1 
ATOM   266  O O   . GLU A 1 34  ? -17.687 -3.605  0.678   1.00 69.50  ? 34  GLU A O   1 
ATOM   267  C CB  . GLU A 1 34  ? -18.004 -4.922  -2.319  1.00 72.70  ? 34  GLU A CB  1 
ATOM   268  C CG  . GLU A 1 34  ? -17.184 -6.209  -2.460  1.00 74.61  ? 34  GLU A CG  1 
ATOM   269  C CD  . GLU A 1 34  ? -16.802 -6.531  -3.905  1.00 76.09  ? 34  GLU A CD  1 
ATOM   270  O OE1 . GLU A 1 34  ? -16.353 -5.616  -4.636  1.00 75.16  ? 34  GLU A OE1 1 
ATOM   271  O OE2 . GLU A 1 34  ? -16.941 -7.713  -4.300  1.00 77.23  ? 34  GLU A OE2 1 
ATOM   272  N N   . ASP A 1 35  ? -15.970 -4.917  0.057   1.00 68.45  ? 35  ASP A N   1 
ATOM   273  C CA  . ASP A 1 35  ? -15.625 -5.330  1.418   1.00 66.47  ? 35  ASP A CA  1 
ATOM   274  C C   . ASP A 1 35  ? -15.567 -4.192  2.443   1.00 65.39  ? 35  ASP A C   1 
ATOM   275  O O   . ASP A 1 35  ? -14.900 -3.169  2.238   1.00 64.44  ? 35  ASP A O   1 
ATOM   276  C CB  . ASP A 1 35  ? -14.296 -6.096  1.419   1.00 66.02  ? 35  ASP A CB  1 
ATOM   277  C CG  . ASP A 1 35  ? -13.817 -6.425  2.822   1.00 66.12  ? 35  ASP A CG  1 
ATOM   278  O OD1 . ASP A 1 35  ? -13.105 -5.603  3.438   1.00 66.36  ? 35  ASP A OD1 1 
ATOM   279  O OD2 . ASP A 1 35  ? -14.170 -7.504  3.320   1.00 68.05  ? 35  ASP A OD2 1 
ATOM   280  N N   . PRO A 1 36  ? -16.261 -4.374  3.576   1.00 63.65  ? 36  PRO A N   1 
ATOM   281  C CA  . PRO A 1 36  ? -16.344 -3.417  4.685   1.00 62.78  ? 36  PRO A CA  1 
ATOM   282  C C   . PRO A 1 36  ? -15.007 -2.909  5.235   1.00 60.85  ? 36  PRO A C   1 
ATOM   283  O O   . PRO A 1 36  ? -14.758 -1.704  5.233   1.00 60.33  ? 36  PRO A O   1 
ATOM   284  C CB  . PRO A 1 36  ? -17.175 -4.168  5.728   1.00 63.21  ? 36  PRO A CB  1 
ATOM   285  C CG  . PRO A 1 36  ? -16.917 -5.607  5.412   1.00 65.22  ? 36  PRO A CG  1 
ATOM   286  C CD  . PRO A 1 36  ? -16.970 -5.619  3.909   1.00 64.10  ? 36  PRO A CD  1 
ATOM   287  N N   . VAL A 1 37  ? -14.148 -3.809  5.703   1.00 58.88  ? 37  VAL A N   1 
ATOM   288  C CA  . VAL A 1 37  ? -12.858 -3.372  6.219   1.00 57.84  ? 37  VAL A CA  1 
ATOM   289  C C   . VAL A 1 37  ? -12.083 -2.661  5.121   1.00 57.54  ? 37  VAL A C   1 
ATOM   290  O O   . VAL A 1 37  ? -11.348 -1.703  5.380   1.00 55.69  ? 37  VAL A O   1 
ATOM   291  C CB  . VAL A 1 37  ? -12.022 -4.537  6.739   1.00 58.33  ? 37  VAL A CB  1 
ATOM   292  C CG1 . VAL A 1 37  ? -10.688 -4.012  7.258   1.00 56.46  ? 37  VAL A CG1 1 
ATOM   293  C CG2 . VAL A 1 37  ? -12.781 -5.264  7.846   1.00 56.21  ? 37  VAL A CG2 1 
ATOM   294  N N   . CYS A 1 38  ? -12.251 -3.128  3.889   1.00 56.80  ? 38  CYS A N   1 
ATOM   295  C CA  . CYS A 1 38  ? -11.584 -2.481  2.774   1.00 57.88  ? 38  CYS A CA  1 
ATOM   296  C C   . CYS A 1 38  ? -12.134 -1.062  2.650   1.00 58.31  ? 38  CYS A C   1 
ATOM   297  O O   . CYS A 1 38  ? -11.377 -0.105  2.460   1.00 56.72  ? 38  CYS A O   1 
ATOM   298  C CB  . CYS A 1 38  ? -11.813 -3.260  1.478   1.00 57.14  ? 38  CYS A CB  1 
ATOM   299  S SG  . CYS A 1 38  ? -10.732 -4.708  1.292   1.00 60.20  ? 38  CYS A SG  1 
ATOM   300  N N   . LEU A 1 39  ? -13.452 -0.923  2.780   1.00 58.48  ? 39  LEU A N   1 
ATOM   301  C CA  . LEU A 1 39  ? -14.076 0.389   2.689   1.00 58.87  ? 39  LEU A CA  1 
ATOM   302  C C   . LEU A 1 39  ? -13.476 1.337   3.720   1.00 58.72  ? 39  LEU A C   1 
ATOM   303  O O   . LEU A 1 39  ? -13.241 2.517   3.436   1.00 58.54  ? 39  LEU A O   1 
ATOM   304  C CB  . LEU A 1 39  ? -15.583 0.263   2.886   1.00 60.87  ? 39  LEU A CB  1 
ATOM   305  C CG  . LEU A 1 39  ? -16.300 -0.324  1.663   1.00 63.98  ? 39  LEU A CG  1 
ATOM   306  C CD1 . LEU A 1 39  ? -17.704 -0.755  2.030   1.00 63.73  ? 39  LEU A CD1 1 
ATOM   307  C CD2 . LEU A 1 39  ? -16.324 0.719   0.537   1.00 64.79  ? 39  LEU A CD2 1 
ATOM   308  N N   . GLN A 1 40  ? -13.215 0.811   4.911   1.00 57.82  ? 40  GLN A N   1 
ATOM   309  C CA  . GLN A 1 40  ? -12.618 1.599   5.978   1.00 58.47  ? 40  GLN A CA  1 
ATOM   310  C C   . GLN A 1 40  ? -11.230 2.094   5.573   1.00 58.57  ? 40  GLN A C   1 
ATOM   311  O O   . GLN A 1 40  ? -10.895 3.261   5.788   1.00 59.58  ? 40  GLN A O   1 
ATOM   312  C CB  . GLN A 1 40  ? -12.511 0.763   7.256   1.00 60.29  ? 40  GLN A CB  1 
ATOM   313  C CG  . GLN A 1 40  ? -13.840 0.544   7.968   1.00 64.07  ? 40  GLN A CG  1 
ATOM   314  C CD  . GLN A 1 40  ? -13.740 -0.391  9.172   1.00 65.82  ? 40  GLN A CD  1 
ATOM   315  O OE1 . GLN A 1 40  ? -14.563 -0.324  10.086  1.00 68.91  ? 40  GLN A OE1 1 
ATOM   316  N NE2 . GLN A 1 40  ? -12.747 -1.274  9.168   1.00 65.83  ? 40  GLN A NE2 1 
ATOM   317  N N   . LEU A 1 41  ? -10.430 1.206   4.986   1.00 56.87  ? 41  LEU A N   1 
ATOM   318  C CA  . LEU A 1 41  ? -9.076  1.546   4.563   1.00 55.72  ? 41  LEU A CA  1 
ATOM   319  C C   . LEU A 1 41  ? -9.036  2.556   3.413   1.00 56.41  ? 41  LEU A C   1 
ATOM   320  O O   . LEU A 1 41  ? -8.290  3.543   3.454   1.00 54.16  ? 41  LEU A O   1 
ATOM   321  C CB  . LEU A 1 41  ? -8.329  0.277   4.149   1.00 55.10  ? 41  LEU A CB  1 
ATOM   322  C CG  . LEU A 1 41  ? -6.895  0.489   3.658   1.00 52.93  ? 41  LEU A CG  1 
ATOM   323  C CD1 . LEU A 1 41  ? -6.022  0.872   4.838   1.00 53.78  ? 41  LEU A CD1 1 
ATOM   324  C CD2 . LEU A 1 41  ? -6.371  -0.764  3.013   1.00 50.92  ? 41  LEU A CD2 1 
ATOM   325  N N   . ASP A 1 42  ? -9.838  2.289   2.385   1.00 58.30  ? 42  ASP A N   1 
ATOM   326  C CA  . ASP A 1 42  ? -9.918  3.143   1.200   1.00 59.71  ? 42  ASP A CA  1 
ATOM   327  C C   . ASP A 1 42  ? -10.237 4.582   1.598   1.00 60.37  ? 42  ASP A C   1 
ATOM   328  O O   . ASP A 1 42  ? -9.666  5.538   1.063   1.00 58.06  ? 42  ASP A O   1 
ATOM   329  C CB  . ASP A 1 42  ? -10.993 2.605   0.247   1.00 61.78  ? 42  ASP A CB  1 
ATOM   330  C CG  . ASP A 1 42  ? -10.673 1.202   -0.271  1.00 65.08  ? 42  ASP A CG  1 
ATOM   331  O OD1 . ASP A 1 42  ? -10.150 0.383   0.509   1.00 68.16  ? 42  ASP A OD1 1 
ATOM   332  O OD2 . ASP A 1 42  ? -10.951 0.906   -1.454  1.00 65.94  ? 42  ASP A OD2 1 
ATOM   333  N N   . ASP A 1 43  ? -11.152 4.735   2.546   1.00 60.51  ? 43  ASP A N   1 
ATOM   334  C CA  . ASP A 1 43  ? -11.514 6.061   3.002   1.00 60.36  ? 43  ASP A CA  1 
ATOM   335  C C   . ASP A 1 43  ? -10.233 6.750   3.480   1.00 58.02  ? 43  ASP A C   1 
ATOM   336  O O   . ASP A 1 43  ? -9.910  7.873   3.085   1.00 54.98  ? 43  ASP A O   1 
ATOM   337  C CB  . ASP A 1 43  ? -12.522 5.952   4.144   1.00 65.01  ? 43  ASP A CB  1 
ATOM   338  C CG  . ASP A 1 43  ? -12.991 7.311   4.637   1.00 69.42  ? 43  ASP A CG  1 
ATOM   339  O OD1 . ASP A 1 43  ? -13.755 7.356   5.623   1.00 71.96  ? 43  ASP A OD1 1 
ATOM   340  O OD2 . ASP A 1 43  ? -12.595 8.336   4.034   1.00 71.93  ? 43  ASP A OD2 1 
ATOM   341  N N   . ILE A 1 44  ? -9.498  6.055   4.333   1.00 55.84  ? 44  ILE A N   1 
ATOM   342  C CA  . ILE A 1 44  ? -8.254  6.589   4.853   1.00 54.65  ? 44  ILE A CA  1 
ATOM   343  C C   . ILE A 1 44  ? -7.283  6.871   3.722   1.00 54.24  ? 44  ILE A C   1 
ATOM   344  O O   . ILE A 1 44  ? -6.592  7.881   3.731   1.00 54.04  ? 44  ILE A O   1 
ATOM   345  C CB  . ILE A 1 44  ? -7.617  5.605   5.830   1.00 53.61  ? 44  ILE A CB  1 
ATOM   346  C CG1 . ILE A 1 44  ? -8.418  5.619   7.135   1.00 52.63  ? 44  ILE A CG1 1 
ATOM   347  C CG2 . ILE A 1 44  ? -6.140  5.928   6.011   1.00 50.19  ? 44  ILE A CG2 1 
ATOM   348  C CD1 . ILE A 1 44  ? -7.975  4.604   8.151   1.00 52.60  ? 44  ILE A CD1 1 
ATOM   349  N N   . LEU A 1 45  ? -7.232  5.969   2.751   1.00 53.62  ? 45  LEU A N   1 
ATOM   350  C CA  . LEU A 1 45  ? -6.335  6.144   1.627   1.00 53.97  ? 45  LEU A CA  1 
ATOM   351  C C   . LEU A 1 45  ? -6.783  7.335   0.798   1.00 55.73  ? 45  LEU A C   1 
ATOM   352  O O   . LEU A 1 45  ? -5.960  8.067   0.272   1.00 54.56  ? 45  LEU A O   1 
ATOM   353  C CB  . LEU A 1 45  ? -6.303  4.882   0.768   1.00 52.21  ? 45  LEU A CB  1 
ATOM   354  C CG  . LEU A 1 45  ? -5.778  3.617   1.446   1.00 51.37  ? 45  LEU A CG  1 
ATOM   355  C CD1 . LEU A 1 45  ? -5.879  2.442   0.481   1.00 46.41  ? 45  LEU A CD1 1 
ATOM   356  C CD2 . LEU A 1 45  ? -4.331  3.838   1.887   1.00 49.27  ? 45  LEU A CD2 1 
ATOM   357  N N   . SER A 1 46  ? -8.096  7.526   0.694   1.00 59.76  ? 46  SER A N   1 
ATOM   358  C CA  . SER A 1 46  ? -8.660  8.648   -0.070  1.00 63.06  ? 46  SER A CA  1 
ATOM   359  C C   . SER A 1 46  ? -8.362  9.988   0.586   1.00 63.29  ? 46  SER A C   1 
ATOM   360  O O   . SER A 1 46  ? -7.854  10.896  -0.066  1.00 64.91  ? 46  SER A O   1 
ATOM   361  C CB  . SER A 1 46  ? -10.185 8.523   -0.208  1.00 64.16  ? 46  SER A CB  1 
ATOM   362  O OG  . SER A 1 46  ? -10.567 7.368   -0.929  1.00 67.21  ? 46  SER A OG  1 
ATOM   363  N N   . LYS A 1 47  ? -8.685  10.106  1.871   1.00 63.81  ? 47  LYS A N   1 
ATOM   364  C CA  . LYS A 1 47  ? -8.470  11.347  2.611   1.00 65.85  ? 47  LYS A CA  1 
ATOM   365  C C   . LYS A 1 47  ? -7.018  11.691  2.918   1.00 66.85  ? 47  LYS A C   1 
ATOM   366  O O   . LYS A 1 47  ? -6.752  12.701  3.571   1.00 68.21  ? 47  LYS A O   1 
ATOM   367  C CB  . LYS A 1 47  ? -9.255  11.329  3.922   1.00 66.65  ? 47  LYS A CB  1 
ATOM   368  C CG  . LYS A 1 47  ? -10.753 11.245  3.732   1.00 68.71  ? 47  LYS A CG  1 
ATOM   369  C CD  . LYS A 1 47  ? -11.479 11.245  5.060   1.00 69.82  ? 47  LYS A CD  1 
ATOM   370  C CE  . LYS A 1 47  ? -12.978 11.069  4.850   1.00 71.14  ? 47  LYS A CE  1 
ATOM   371  N NZ  . LYS A 1 47  ? -13.734 11.029  6.134   1.00 71.75  ? 47  LYS A NZ  1 
ATOM   372  N N   . THR A 1 48  ? -6.072  10.873  2.467   1.00 66.18  ? 48  THR A N   1 
ATOM   373  C CA  . THR A 1 48  ? -4.673  11.179  2.731   1.00 65.59  ? 48  THR A CA  1 
ATOM   374  C C   . THR A 1 48  ? -3.829  11.236  1.461   1.00 66.87  ? 48  THR A C   1 
ATOM   375  O O   . THR A 1 48  ? -2.740  11.806  1.467   1.00 67.32  ? 48  THR A O   1 
ATOM   376  C CB  . THR A 1 48  ? -4.044  10.158  3.695   1.00 63.56  ? 48  THR A CB  1 
ATOM   377  O OG1 . THR A 1 48  ? -4.096  8.858   3.108   1.00 64.33  ? 48  THR A OG1 1 
ATOM   378  C CG2 . THR A 1 48  ? -4.790  10.131  5.011   1.00 61.81  ? 48  THR A CG2 1 
ATOM   379  N N   . SER A 1 49  ? -4.340  10.670  0.370   1.00 67.72  ? 49  SER A N   1 
ATOM   380  C CA  . SER A 1 49  ? -3.595  10.635  -0.889  1.00 70.96  ? 49  SER A CA  1 
ATOM   381  C C   . SER A 1 49  ? -3.104  12.008  -1.318  1.00 72.41  ? 49  SER A C   1 
ATOM   382  O O   . SER A 1 49  ? -1.951  12.179  -1.718  1.00 71.68  ? 49  SER A O   1 
ATOM   383  C CB  . SER A 1 49  ? -4.454  10.034  -2.005  1.00 70.83  ? 49  SER A CB  1 
ATOM   384  O OG  . SER A 1 49  ? -5.439  10.951  -2.433  1.00 73.66  ? 49  SER A OG  1 
ATOM   385  N N   . SER A 1 50  ? -3.997  12.983  -1.244  1.00 75.58  ? 50  SER A N   1 
ATOM   386  C CA  . SER A 1 50  ? -3.676  14.352  -1.613  1.00 77.80  ? 50  SER A CA  1 
ATOM   387  C C   . SER A 1 50  ? -2.488  14.861  -0.803  1.00 78.17  ? 50  SER A C   1 
ATOM   388  O O   . SER A 1 50  ? -1.449  15.226  -1.361  1.00 78.40  ? 50  SER A O   1 
ATOM   389  C CB  . SER A 1 50  ? -4.891  15.239  -1.357  1.00 79.27  ? 50  SER A CB  1 
ATOM   390  O OG  . SER A 1 50  ? -5.346  15.063  -0.025  1.00 80.56  ? 50  SER A OG  1 
ATOM   391  N N   . ASP A 1 51  ? -2.652  14.869  0.517   1.00 78.49  ? 51  ASP A N   1 
ATOM   392  C CA  . ASP A 1 51  ? -1.614  15.339  1.426   1.00 79.46  ? 51  ASP A CA  1 
ATOM   393  C C   . ASP A 1 51  ? -0.320  14.537  1.261   1.00 78.92  ? 51  ASP A C   1 
ATOM   394  O O   . ASP A 1 51  ? 0.732   14.950  1.747   1.00 79.80  ? 51  ASP A O   1 
ATOM   395  C CB  . ASP A 1 51  ? -2.090  15.224  2.886   1.00 81.87  ? 51  ASP A CB  1 
ATOM   396  C CG  . ASP A 1 51  ? -3.544  15.679  3.082   1.00 85.28  ? 51  ASP A CG  1 
ATOM   397  O OD1 . ASP A 1 51  ? -3.886  16.824  2.704   1.00 85.38  ? 51  ASP A OD1 1 
ATOM   398  O OD2 . ASP A 1 51  ? -4.349  14.888  3.627   1.00 86.69  ? 51  ASP A OD2 1 
ATOM   399  N N   . LEU A 1 52  ? -0.395  13.396  0.580   1.00 77.27  ? 52  LEU A N   1 
ATOM   400  C CA  . LEU A 1 52  ? 0.775   12.540  0.386   1.00 75.52  ? 52  LEU A CA  1 
ATOM   401  C C   . LEU A 1 52  ? 1.321   12.552  -1.032  1.00 75.57  ? 52  LEU A C   1 
ATOM   402  O O   . LEU A 1 52  ? 2.336   11.919  -1.308  1.00 74.77  ? 52  LEU A O   1 
ATOM   403  C CB  . LEU A 1 52  ? 0.436   11.101  0.774   1.00 72.92  ? 52  LEU A CB  1 
ATOM   404  C CG  . LEU A 1 52  ? 0.101   10.860  2.243   1.00 70.95  ? 52  LEU A CG  1 
ATOM   405  C CD1 . LEU A 1 52  ? -0.548  9.501   2.396   1.00 69.67  ? 52  LEU A CD1 1 
ATOM   406  C CD2 . LEU A 1 52  ? 1.367   10.965  3.083   1.00 67.83  ? 52  LEU A CD2 1 
ATOM   407  N N   . SER A 1 53  ? 0.641   13.263  -1.924  1.00 76.42  ? 53  SER A N   1 
ATOM   408  C CA  . SER A 1 53  ? 1.057   13.354  -3.318  1.00 78.30  ? 53  SER A CA  1 
ATOM   409  C C   . SER A 1 53  ? 2.572   13.459  -3.468  1.00 78.33  ? 53  SER A C   1 
ATOM   410  O O   . SER A 1 53  ? 3.161   12.875  -4.373  1.00 77.42  ? 53  SER A O   1 
ATOM   411  C CB  . SER A 1 53  ? 0.402   14.567  -3.979  1.00 80.06  ? 53  SER A CB  1 
ATOM   412  O OG  . SER A 1 53  ? 0.927   14.775  -5.284  1.00 82.99  ? 53  SER A OG  1 
ATOM   413  N N   . LYS A 1 54  ? 3.192   14.210  -2.565  1.00 79.34  ? 54  LYS A N   1 
ATOM   414  C CA  . LYS A 1 54  ? 4.636   14.426  -2.581  1.00 79.94  ? 54  LYS A CA  1 
ATOM   415  C C   . LYS A 1 54  ? 5.496   13.152  -2.495  1.00 78.59  ? 54  LYS A C   1 
ATOM   416  O O   . LYS A 1 54  ? 6.526   13.050  -3.174  1.00 77.67  ? 54  LYS A O   1 
ATOM   417  C CB  . LYS A 1 54  ? 5.032   15.363  -1.426  1.00 83.23  ? 54  LYS A CB  1 
ATOM   418  C CG  . LYS A 1 54  ? 4.381   16.753  -1.442  1.00 87.85  ? 54  LYS A CG  1 
ATOM   419  C CD  . LYS A 1 54  ? 4.781   17.579  -0.209  1.00 89.08  ? 54  LYS A CD  1 
ATOM   420  C CE  . LYS A 1 54  ? 4.235   19.007  -0.268  1.00 90.61  ? 54  LYS A CE  1 
ATOM   421  N NZ  . LYS A 1 54  ? 4.639   19.818  0.924   1.00 90.29  ? 54  LYS A NZ  1 
ATOM   422  N N   . MET A 1 55  ? 5.084   12.187  -1.673  1.00 75.50  ? 55  MET A N   1 
ATOM   423  C CA  . MET A 1 55  ? 5.878   10.974  -1.505  1.00 72.72  ? 55  MET A CA  1 
ATOM   424  C C   . MET A 1 55  ? 5.207   9.613   -1.696  1.00 70.83  ? 55  MET A C   1 
ATOM   425  O O   . MET A 1 55  ? 5.828   8.581   -1.445  1.00 70.14  ? 55  MET A O   1 
ATOM   426  C CB  . MET A 1 55  ? 6.557   11.025  -0.138  1.00 72.17  ? 55  MET A CB  1 
ATOM   427  C CG  . MET A 1 55  ? 5.651   11.491  0.985   1.00 72.31  ? 55  MET A CG  1 
ATOM   428  S SD  . MET A 1 55  ? 6.579   12.044  2.445   1.00 70.24  ? 55  MET A SD  1 
ATOM   429  C CE  . MET A 1 55  ? 6.442   10.687  3.514   1.00 72.40  ? 55  MET A CE  1 
ATOM   430  N N   . ALA A 1 56  ? 3.960   9.593   -2.160  1.00 68.53  ? 56  ALA A N   1 
ATOM   431  C CA  . ALA A 1 56  ? 3.261   8.325   -2.355  1.00 64.52  ? 56  ALA A CA  1 
ATOM   432  C C   . ALA A 1 56  ? 2.185   8.362   -3.438  1.00 63.21  ? 56  ALA A C   1 
ATOM   433  O O   . ALA A 1 56  ? 1.439   9.338   -3.563  1.00 62.80  ? 56  ALA A O   1 
ATOM   434  C CB  . ALA A 1 56  ? 2.641   7.867   -1.037  1.00 61.76  ? 56  ALA A CB  1 
ATOM   435  N N   . ALA A 1 57  ? 2.130   7.287   -4.223  1.00 61.10  ? 57  ALA A N   1 
ATOM   436  C CA  . ALA A 1 57  ? 1.139   7.117   -5.287  1.00 58.00  ? 57  ALA A CA  1 
ATOM   437  C C   . ALA A 1 57  ? 0.326   5.897   -4.856  1.00 55.99  ? 57  ALA A C   1 
ATOM   438  O O   . ALA A 1 57  ? 0.884   4.823   -4.612  1.00 54.76  ? 57  ALA A O   1 
ATOM   439  C CB  . ALA A 1 57  ? 1.824   6.858   -6.621  1.00 56.33  ? 57  ALA A CB  1 
ATOM   440  N N   . ILE A 1 58  ? -0.988  6.059   -4.767  1.00 52.82  ? 58  ILE A N   1 
ATOM   441  C CA  . ILE A 1 58  ? -1.840  4.979   -4.304  1.00 49.08  ? 58  ILE A CA  1 
ATOM   442  C C   . ILE A 1 58  ? -2.817  4.435   -5.335  1.00 49.35  ? 58  ILE A C   1 
ATOM   443  O O   . ILE A 1 58  ? -3.462  5.193   -6.068  1.00 49.05  ? 58  ILE A O   1 
ATOM   444  C CB  . ILE A 1 58  ? -2.607  5.445   -3.062  1.00 47.86  ? 58  ILE A CB  1 
ATOM   445  C CG1 . ILE A 1 58  ? -1.612  6.031   -2.060  1.00 49.00  ? 58  ILE A CG1 1 
ATOM   446  C CG2 . ILE A 1 58  ? -3.365  4.287   -2.432  1.00 48.36  ? 58  ILE A CG2 1 
ATOM   447  C CD1 . ILE A 1 58  ? -2.237  6.621   -0.826  1.00 49.38  ? 58  ILE A CD1 1 
ATOM   448  N N   . TYR A 1 59  ? -2.916  3.108   -5.377  1.00 48.19  ? 59  TYR A N   1 
ATOM   449  C CA  . TYR A 1 59  ? -3.806  2.414   -6.294  1.00 46.92  ? 59  TYR A CA  1 
ATOM   450  C C   . TYR A 1 59  ? -4.560  1.305   -5.591  1.00 47.33  ? 59  TYR A C   1 
ATOM   451  O O   . TYR A 1 59  ? -4.098  0.767   -4.600  1.00 49.62  ? 59  TYR A O   1 
ATOM   452  C CB  . TYR A 1 59  ? -3.023  1.789   -7.444  1.00 46.41  ? 59  TYR A CB  1 
ATOM   453  C CG  . TYR A 1 59  ? -2.216  2.760   -8.262  1.00 47.29  ? 59  TYR A CG  1 
ATOM   454  C CD1 . TYR A 1 59  ? -1.015  3.278   -7.777  1.00 47.71  ? 59  TYR A CD1 1 
ATOM   455  C CD2 . TYR A 1 59  ? -2.648  3.159   -9.528  1.00 47.97  ? 59  TYR A CD2 1 
ATOM   456  C CE1 . TYR A 1 59  ? -0.257  4.172   -8.535  1.00 51.08  ? 59  TYR A CE1 1 
ATOM   457  C CE2 . TYR A 1 59  ? -1.901  4.059   -10.303 1.00 48.48  ? 59  TYR A CE2 1 
ATOM   458  C CZ  . TYR A 1 59  ? -0.705  4.562   -9.802  1.00 51.12  ? 59  TYR A CZ  1 
ATOM   459  O OH  . TYR A 1 59  ? 0.053   5.442   -10.548 1.00 49.48  ? 59  TYR A OH  1 
ATOM   460  N N   . LEU A 1 60  ? -5.733  0.963   -6.105  1.00 48.60  ? 60  LEU A N   1 
ATOM   461  C CA  . LEU A 1 60  ? -6.511  -0.114  -5.530  1.00 48.74  ? 60  LEU A CA  1 
ATOM   462  C C   . LEU A 1 60  ? -6.428  -1.256  -6.523  1.00 51.17  ? 60  LEU A C   1 
ATOM   463  O O   . LEU A 1 60  ? -6.454  -1.033  -7.738  1.00 53.53  ? 60  LEU A O   1 
ATOM   464  C CB  . LEU A 1 60  ? -7.961  0.313   -5.334  1.00 48.62  ? 60  LEU A CB  1 
ATOM   465  C CG  . LEU A 1 60  ? -8.162  1.538   -4.434  1.00 49.39  ? 60  LEU A CG  1 
ATOM   466  C CD1 . LEU A 1 60  ? -9.639  1.801   -4.309  1.00 47.60  ? 60  LEU A CD1 1 
ATOM   467  C CD2 . LEU A 1 60  ? -7.552  1.322   -3.053  1.00 45.09  ? 60  LEU A CD2 1 
ATOM   468  N N   . VAL A 1 61  ? -6.298  -2.474  -6.011  1.00 49.89  ? 61  VAL A N   1 
ATOM   469  C CA  . VAL A 1 61  ? -6.216  -3.652  -6.860  1.00 47.77  ? 61  VAL A CA  1 
ATOM   470  C C   . VAL A 1 61  ? -7.192  -4.714  -6.361  1.00 47.45  ? 61  VAL A C   1 
ATOM   471  O O   . VAL A 1 61  ? -7.253  -5.002  -5.162  1.00 43.64  ? 61  VAL A O   1 
ATOM   472  C CB  . VAL A 1 61  ? -4.782  -4.217  -6.862  1.00 50.15  ? 61  VAL A CB  1 
ATOM   473  C CG1 . VAL A 1 61  ? -4.683  -5.442  -7.777  1.00 45.90  ? 61  VAL A CG1 1 
ATOM   474  C CG2 . VAL A 1 61  ? -3.812  -3.124  -7.308  1.00 51.39  ? 61  VAL A CG2 1 
ATOM   475  N N   . ASP A 1 62  ? -7.973  -5.273  -7.282  1.00 47.50  ? 62  ASP A N   1 
ATOM   476  C CA  . ASP A 1 62  ? -8.949  -6.299  -6.931  1.00 47.41  ? 62  ASP A CA  1 
ATOM   477  C C   . ASP A 1 62  ? -8.244  -7.635  -6.856  1.00 46.33  ? 62  ASP A C   1 
ATOM   478  O O   . ASP A 1 62  ? -7.621  -8.049  -7.825  1.00 45.54  ? 62  ASP A O   1 
ATOM   479  C CB  . ASP A 1 62  ? -10.055 -6.380  -7.987  1.00 48.89  ? 62  ASP A CB  1 
ATOM   480  C CG  . ASP A 1 62  ? -11.065 -7.473  -7.682  1.00 51.53  ? 62  ASP A CG  1 
ATOM   481  O OD1 . ASP A 1 62  ? -12.099 -7.181  -7.036  1.00 52.34  ? 62  ASP A OD1 1 
ATOM   482  O OD2 . ASP A 1 62  ? -10.812 -8.636  -8.067  1.00 52.76  ? 62  ASP A OD2 1 
ATOM   483  N N   . VAL A 1 63  ? -8.351  -8.315  -5.715  1.00 47.07  ? 63  VAL A N   1 
ATOM   484  C CA  . VAL A 1 63  ? -7.688  -9.609  -5.543  1.00 48.33  ? 63  VAL A CA  1 
ATOM   485  C C   . VAL A 1 63  ? -8.210  -10.733 -6.440  1.00 50.50  ? 63  VAL A C   1 
ATOM   486  O O   . VAL A 1 63  ? -7.500  -11.713 -6.701  1.00 50.25  ? 63  VAL A O   1 
ATOM   487  C CB  . VAL A 1 63  ? -7.782  -10.101 -4.088  1.00 48.38  ? 63  VAL A CB  1 
ATOM   488  C CG1 . VAL A 1 63  ? -7.177  -9.058  -3.149  1.00 50.16  ? 63  VAL A CG1 1 
ATOM   489  C CG2 . VAL A 1 63  ? -9.228  -10.402 -3.726  1.00 45.87  ? 63  VAL A CG2 1 
ATOM   490  N N   . ASP A 1 64  ? -9.444  -10.600 -6.913  1.00 51.82  ? 64  ASP A N   1 
ATOM   491  C CA  . ASP A 1 64  ? -10.041 -11.634 -7.759  1.00 54.58  ? 64  ASP A CA  1 
ATOM   492  C C   . ASP A 1 64  ? -9.613  -11.456 -9.202  1.00 55.06  ? 64  ASP A C   1 
ATOM   493  O O   . ASP A 1 64  ? -9.318  -12.417 -9.910  1.00 54.31  ? 64  ASP A O   1 
ATOM   494  C CB  . ASP A 1 64  ? -11.566 -11.570 -7.655  1.00 54.87  ? 64  ASP A CB  1 
ATOM   495  C CG  . ASP A 1 64  ? -12.053 -11.726 -6.228  1.00 55.91  ? 64  ASP A CG  1 
ATOM   496  O OD1 . ASP A 1 64  ? -12.888 -10.918 -5.784  1.00 55.99  ? 64  ASP A OD1 1 
ATOM   497  O OD2 . ASP A 1 64  ? -11.596 -12.662 -5.545  1.00 57.82  ? 64  ASP A OD2 1 
ATOM   498  N N   . GLN A 1 65  ? -9.557  -10.199 -9.612  1.00 57.15  ? 65  GLN A N   1 
ATOM   499  C CA  . GLN A 1 65  ? -9.187  -9.824  -10.961 1.00 59.47  ? 65  GLN A CA  1 
ATOM   500  C C   . GLN A 1 65  ? -7.685  -9.919  -11.243 1.00 59.89  ? 65  GLN A C   1 
ATOM   501  O O   . GLN A 1 65  ? -7.259  -9.867  -12.393 1.00 62.99  ? 65  GLN A O   1 
ATOM   502  C CB  . GLN A 1 65  ? -9.680  -8.397  -11.214 1.00 62.31  ? 65  GLN A CB  1 
ATOM   503  C CG  . GLN A 1 65  ? -9.433  -7.878  -12.604 1.00 66.68  ? 65  GLN A CG  1 
ATOM   504  C CD  . GLN A 1 65  ? -10.077 -6.526  -12.834 1.00 71.65  ? 65  GLN A CD  1 
ATOM   505  O OE1 . GLN A 1 65  ? -9.660  -5.512  -12.257 1.00 71.28  ? 65  GLN A OE1 1 
ATOM   506  N NE2 . GLN A 1 65  ? -11.110 -6.503  -13.680 1.00 73.68  ? 65  GLN A NE2 1 
ATOM   507  N N   . THR A 1 66  ? -6.868  -10.063 -10.212 1.00 58.24  ? 66  THR A N   1 
ATOM   508  C CA  . THR A 1 66  ? -5.434  -10.126 -10.442 1.00 55.76  ? 66  THR A CA  1 
ATOM   509  C C   . THR A 1 66  ? -4.819  -11.150 -9.511  1.00 55.16  ? 66  THR A C   1 
ATOM   510  O O   . THR A 1 66  ? -3.998  -10.825 -8.648  1.00 55.22  ? 66  THR A O   1 
ATOM   511  C CB  . THR A 1 66  ? -4.800  -8.746  -10.213 1.00 56.03  ? 66  THR A CB  1 
ATOM   512  O OG1 . THR A 1 66  ? -5.584  -7.753  -10.895 1.00 52.67  ? 66  THR A OG1 1 
ATOM   513  C CG2 . THR A 1 66  ? -3.375  -8.720  -10.757 1.00 54.82  ? 66  THR A CG2 1 
ATOM   514  N N   . ALA A 1 67  ? -5.239  -12.395 -9.720  1.00 52.70  ? 67  ALA A N   1 
ATOM   515  C CA  . ALA A 1 67  ? -4.824  -13.546 -8.939  1.00 50.33  ? 67  ALA A CA  1 
ATOM   516  C C   . ALA A 1 67  ? -3.325  -13.851 -8.909  1.00 48.76  ? 67  ALA A C   1 
ATOM   517  O O   . ALA A 1 67  ? -2.809  -14.268 -7.883  1.00 50.02  ? 67  ALA A O   1 
ATOM   518  C CB  . ALA A 1 67  ? -5.589  -14.772 -9.423  1.00 48.72  ? 67  ALA A CB  1 
ATOM   519  N N   . VAL A 1 68  ? -2.628  -13.674 -10.021 1.00 46.62  ? 68  VAL A N   1 
ATOM   520  C CA  . VAL A 1 68  ? -1.195  -13.959 -10.033 1.00 48.80  ? 68  VAL A CA  1 
ATOM   521  C C   . VAL A 1 68  ? -0.440  -13.161 -8.963  1.00 48.22  ? 68  VAL A C   1 
ATOM   522  O O   . VAL A 1 68  ? 0.375   -13.722 -8.237  1.00 46.16  ? 68  VAL A O   1 
ATOM   523  C CB  . VAL A 1 68  ? -0.570  -13.654 -11.406 1.00 49.74  ? 68  VAL A CB  1 
ATOM   524  C CG1 . VAL A 1 68  ? -1.118  -14.620 -12.454 1.00 49.52  ? 68  VAL A CG1 1 
ATOM   525  C CG2 . VAL A 1 68  ? -0.879  -12.230 -11.794 1.00 50.48  ? 68  VAL A CG2 1 
ATOM   526  N N   . TYR A 1 69  ? -0.713  -11.857 -8.876  1.00 46.64  ? 69  TYR A N   1 
ATOM   527  C CA  . TYR A 1 69  ? -0.074  -10.998 -7.883  1.00 47.13  ? 69  TYR A CA  1 
ATOM   528  C C   . TYR A 1 69  ? -0.563  -11.332 -6.471  1.00 47.91  ? 69  TYR A C   1 
ATOM   529  O O   . TYR A 1 69  ? 0.217   -11.360 -5.515  1.00 47.05  ? 69  TYR A O   1 
ATOM   530  C CB  . TYR A 1 69  ? -0.340  -9.522  -8.203  1.00 46.18  ? 69  TYR A CB  1 
ATOM   531  C CG  . TYR A 1 69  ? 0.783   -8.890  -8.996  1.00 48.56  ? 69  TYR A CG  1 
ATOM   532  C CD1 . TYR A 1 69  ? 2.088   -8.859  -8.479  1.00 48.16  ? 69  TYR A CD1 1 
ATOM   533  C CD2 . TYR A 1 69  ? 0.560   -8.351  -10.270 1.00 45.98  ? 69  TYR A CD2 1 
ATOM   534  C CE1 . TYR A 1 69  ? 3.146   -8.304  -9.209  1.00 48.07  ? 69  TYR A CE1 1 
ATOM   535  C CE2 . TYR A 1 69  ? 1.605   -7.801  -11.007 1.00 47.58  ? 69  TYR A CE2 1 
ATOM   536  C CZ  . TYR A 1 69  ? 2.900   -7.775  -10.469 1.00 48.50  ? 69  TYR A CZ  1 
ATOM   537  O OH  . TYR A 1 69  ? 3.937   -7.193  -11.164 1.00 46.29  ? 69  TYR A OH  1 
ATOM   538  N N   . THR A 1 70  ? -1.860  -11.590 -6.347  1.00 48.19  ? 70  THR A N   1 
ATOM   539  C CA  . THR A 1 70  ? -2.436  -11.945 -5.064  1.00 47.43  ? 70  THR A CA  1 
ATOM   540  C C   . THR A 1 70  ? -1.672  -13.171 -4.568  1.00 47.66  ? 70  THR A C   1 
ATOM   541  O O   . THR A 1 70  ? -1.270  -13.262 -3.408  1.00 47.31  ? 70  THR A O   1 
ATOM   542  C CB  . THR A 1 70  ? -3.922  -12.312 -5.219  1.00 47.07  ? 70  THR A CB  1 
ATOM   543  O OG1 . THR A 1 70  ? -4.646  -11.177 -5.728  1.00 42.91  ? 70  THR A OG1 1 
ATOM   544  C CG2 . THR A 1 70  ? -4.494  -12.757 -3.872  1.00 42.34  ? 70  THR A CG2 1 
ATOM   545  N N   . GLN A 1 71  ? -1.469  -14.108 -5.480  1.00 47.45  ? 71  GLN A N   1 
ATOM   546  C CA  . GLN A 1 71  ? -0.761  -15.333 -5.173  1.00 50.10  ? 71  GLN A CA  1 
ATOM   547  C C   . GLN A 1 71  ? 0.709   -15.013 -4.882  1.00 49.88  ? 71  GLN A C   1 
ATOM   548  O O   . GLN A 1 71  ? 1.271   -15.481 -3.897  1.00 48.65  ? 71  GLN A O   1 
ATOM   549  C CB  . GLN A 1 71  ? -0.877  -16.305 -6.361  1.00 51.30  ? 71  GLN A CB  1 
ATOM   550  C CG  . GLN A 1 71  ? -0.625  -17.751 -5.990  1.00 58.15  ? 71  GLN A CG  1 
ATOM   551  C CD  . GLN A 1 71  ? -0.820  -18.714 -7.149  1.00 63.10  ? 71  GLN A CD  1 
ATOM   552  O OE1 . GLN A 1 71  ? 0.022   -18.811 -8.056  1.00 64.37  ? 71  GLN A OE1 1 
ATOM   553  N NE2 . GLN A 1 71  ? -1.940  -19.433 -7.127  1.00 64.98  ? 71  GLN A NE2 1 
ATOM   554  N N   . TYR A 1 72  ? 1.315   -14.201 -5.745  1.00 49.04  ? 72  TYR A N   1 
ATOM   555  C CA  . TYR A 1 72  ? 2.709   -13.798 -5.615  1.00 48.65  ? 72  TYR A CA  1 
ATOM   556  C C   . TYR A 1 72  ? 3.011   -13.130 -4.267  1.00 47.87  ? 72  TYR A C   1 
ATOM   557  O O   . TYR A 1 72  ? 4.091   -13.293 -3.722  1.00 48.06  ? 72  TYR A O   1 
ATOM   558  C CB  . TYR A 1 72  ? 3.066   -12.859 -6.764  1.00 49.23  ? 72  TYR A CB  1 
ATOM   559  C CG  . TYR A 1 72  ? 4.496   -12.384 -6.776  1.00 53.55  ? 72  TYR A CG  1 
ATOM   560  C CD1 . TYR A 1 72  ? 5.562   -13.283 -6.899  1.00 53.61  ? 72  TYR A CD1 1 
ATOM   561  C CD2 . TYR A 1 72  ? 4.788   -11.020 -6.721  1.00 55.73  ? 72  TYR A CD2 1 
ATOM   562  C CE1 . TYR A 1 72  ? 6.880   -12.827 -6.974  1.00 55.33  ? 72  TYR A CE1 1 
ATOM   563  C CE2 . TYR A 1 72  ? 6.098   -10.556 -6.796  1.00 54.63  ? 72  TYR A CE2 1 
ATOM   564  C CZ  . TYR A 1 72  ? 7.136   -11.458 -6.923  1.00 56.02  ? 72  TYR A CZ  1 
ATOM   565  O OH  . TYR A 1 72  ? 8.416   -10.974 -7.007  1.00 55.83  ? 72  TYR A OH  1 
ATOM   566  N N   . PHE A 1 73  ? 2.059   -12.381 -3.727  1.00 47.03  ? 73  PHE A N   1 
ATOM   567  C CA  . PHE A 1 73  ? 2.261   -11.728 -2.437  1.00 46.41  ? 73  PHE A CA  1 
ATOM   568  C C   . PHE A 1 73  ? 1.746   -12.590 -1.295  1.00 47.12  ? 73  PHE A C   1 
ATOM   569  O O   . PHE A 1 73  ? 1.754   -12.164 -0.135  1.00 46.43  ? 73  PHE A O   1 
ATOM   570  C CB  . PHE A 1 73  ? 1.564   -10.373 -2.422  1.00 43.06  ? 73  PHE A CB  1 
ATOM   571  C CG  . PHE A 1 73  ? 2.164   -9.381  -3.373  1.00 44.34  ? 73  PHE A CG  1 
ATOM   572  C CD1 . PHE A 1 73  ? 1.346   -8.560  -4.156  1.00 44.64  ? 73  PHE A CD1 1 
ATOM   573  C CD2 . PHE A 1 73  ? 3.544   -9.257  -3.485  1.00 43.25  ? 73  PHE A CD2 1 
ATOM   574  C CE1 . PHE A 1 73  ? 1.892   -7.633  -5.033  1.00 43.80  ? 73  PHE A CE1 1 
ATOM   575  C CE2 . PHE A 1 73  ? 4.099   -8.336  -4.356  1.00 46.81  ? 73  PHE A CE2 1 
ATOM   576  C CZ  . PHE A 1 73  ? 3.271   -7.517  -5.136  1.00 43.48  ? 73  PHE A CZ  1 
ATOM   577  N N   . ASP A 1 74  ? 1.310   -13.801 -1.642  1.00 47.39  ? 74  ASP A N   1 
ATOM   578  C CA  . ASP A 1 74  ? 0.785   -14.773 -0.692  1.00 49.38  ? 74  ASP A CA  1 
ATOM   579  C C   . ASP A 1 74  ? -0.279  -14.129 0.179   1.00 49.60  ? 74  ASP A C   1 
ATOM   580  O O   . ASP A 1 74  ? -0.235  -14.226 1.406   1.00 51.17  ? 74  ASP A O   1 
ATOM   581  C CB  . ASP A 1 74  ? 1.917   -15.320 0.184   1.00 53.32  ? 74  ASP A CB  1 
ATOM   582  C CG  . ASP A 1 74  ? 1.548   -16.631 0.879   1.00 58.62  ? 74  ASP A CG  1 
ATOM   583  O OD1 . ASP A 1 74  ? 1.936   -16.800 2.056   1.00 62.54  ? 74  ASP A OD1 1 
ATOM   584  O OD2 . ASP A 1 74  ? 0.886   -17.499 0.256   1.00 58.84  ? 74  ASP A OD2 1 
ATOM   585  N N   . ILE A 1 75  ? -1.233  -13.466 -0.469  1.00 48.48  ? 75  ILE A N   1 
ATOM   586  C CA  . ILE A 1 75  ? -2.315  -12.780 0.216   1.00 47.80  ? 75  ILE A CA  1 
ATOM   587  C C   . ILE A 1 75  ? -3.494  -13.702 0.524   1.00 49.31  ? 75  ILE A C   1 
ATOM   588  O O   . ILE A 1 75  ? -4.049  -14.318 -0.375  1.00 48.78  ? 75  ILE A O   1 
ATOM   589  C CB  . ILE A 1 75  ? -2.823  -11.603 -0.639  1.00 46.98  ? 75  ILE A CB  1 
ATOM   590  C CG1 . ILE A 1 75  ? -1.722  -10.548 -0.769  1.00 46.35  ? 75  ILE A CG1 1 
ATOM   591  C CG2 . ILE A 1 75  ? -4.095  -11.037 -0.037  1.00 44.74  ? 75  ILE A CG2 1 
ATOM   592  C CD1 . ILE A 1 75  ? -2.072  -9.368  -1.664  1.00 43.70  ? 75  ILE A CD1 1 
ATOM   593  N N   . SER A 1 76  ? -3.872  -13.773 1.799   1.00 50.59  ? 76  SER A N   1 
ATOM   594  C CA  . SER A 1 76  ? -4.984  -14.609 2.249   1.00 52.82  ? 76  SER A CA  1 
ATOM   595  C C   . SER A 1 76  ? -6.097  -13.805 2.882   1.00 52.83  ? 76  SER A C   1 
ATOM   596  O O   . SER A 1 76  ? -7.261  -14.157 2.760   1.00 53.13  ? 76  SER A O   1 
ATOM   597  C CB  . SER A 1 76  ? -4.499  -15.635 3.256   1.00 53.95  ? 76  SER A CB  1 
ATOM   598  O OG  . SER A 1 76  ? -3.637  -16.549 2.615   1.00 58.51  ? 76  SER A OG  1 
ATOM   599  N N   . TYR A 1 77  ? -5.730  -12.740 3.581   1.00 52.45  ? 77  TYR A N   1 
ATOM   600  C CA  . TYR A 1 77  ? -6.702  -11.860 4.214   1.00 54.00  ? 77  TYR A CA  1 
ATOM   601  C C   . TYR A 1 77  ? -6.736  -10.560 3.429   1.00 54.11  ? 77  TYR A C   1 
ATOM   602  O O   . TYR A 1 77  ? -5.721  -10.160 2.854   1.00 52.64  ? 77  TYR A O   1 
ATOM   603  C CB  . TYR A 1 77  ? -6.282  -11.544 5.653   1.00 56.85  ? 77  TYR A CB  1 
ATOM   604  C CG  . TYR A 1 77  ? -6.400  -12.704 6.605   1.00 61.50  ? 77  TYR A CG  1 
ATOM   605  C CD1 . TYR A 1 77  ? -7.605  -12.977 7.260   1.00 63.02  ? 77  TYR A CD1 1 
ATOM   606  C CD2 . TYR A 1 77  ? -5.320  -13.555 6.824   1.00 63.09  ? 77  TYR A CD2 1 
ATOM   607  C CE1 . TYR A 1 77  ? -7.727  -14.072 8.107   1.00 64.75  ? 77  TYR A CE1 1 
ATOM   608  C CE2 . TYR A 1 77  ? -5.428  -14.650 7.664   1.00 64.63  ? 77  TYR A CE2 1 
ATOM   609  C CZ  . TYR A 1 77  ? -6.629  -14.904 8.303   1.00 65.89  ? 77  TYR A CZ  1 
ATOM   610  O OH  . TYR A 1 77  ? -6.721  -15.992 9.142   1.00 70.22  ? 77  TYR A OH  1 
ATOM   611  N N   . ILE A 1 78  ? -7.896  -9.907  3.385   1.00 54.15  ? 78  ILE A N   1 
ATOM   612  C CA  . ILE A 1 78  ? -7.991  -8.618  2.711   1.00 53.88  ? 78  ILE A CA  1 
ATOM   613  C C   . ILE A 1 78  ? -8.566  -7.650  3.717   1.00 52.36  ? 78  ILE A C   1 
ATOM   614  O O   . ILE A 1 78  ? -9.329  -8.039  4.585   1.00 52.36  ? 78  ILE A O   1 
ATOM   615  C CB  . ILE A 1 78  ? -8.922  -8.623  1.488   1.00 55.55  ? 78  ILE A CB  1 
ATOM   616  C CG1 . ILE A 1 78  ? -10.340 -9.001  1.912   1.00 57.98  ? 78  ILE A CG1 1 
ATOM   617  C CG2 . ILE A 1 78  ? -8.372  -9.537  0.420   1.00 55.65  ? 78  ILE A CG2 1 
ATOM   618  C CD1 . ILE A 1 78  ? -11.387 -8.682  0.861   1.00 60.16  ? 78  ILE A CD1 1 
ATOM   619  N N   . PRO A 1 79  ? -8.177  -6.374  3.632   1.00 51.68  ? 79  PRO A N   1 
ATOM   620  C CA  . PRO A 1 79  ? -7.239  -5.855  2.639   1.00 50.92  ? 79  PRO A CA  1 
ATOM   621  C C   . PRO A 1 79  ? -5.786  -6.133  3.001   1.00 49.50  ? 79  PRO A C   1 
ATOM   622  O O   . PRO A 1 79  ? -5.452  -6.268  4.167   1.00 52.04  ? 79  PRO A O   1 
ATOM   623  C CB  . PRO A 1 79  ? -7.541  -4.369  2.650   1.00 50.51  ? 79  PRO A CB  1 
ATOM   624  C CG  . PRO A 1 79  ? -7.845  -4.128  4.074   1.00 50.52  ? 79  PRO A CG  1 
ATOM   625  C CD  . PRO A 1 79  ? -8.777  -5.266  4.389   1.00 51.25  ? 79  PRO A CD  1 
ATOM   626  N N   . SER A 1 80  ? -4.935  -6.237  1.989   1.00 47.64  ? 80  SER A N   1 
ATOM   627  C CA  . SER A 1 80  ? -3.506  -6.446  2.194   1.00 46.65  ? 80  SER A CA  1 
ATOM   628  C C   . SER A 1 80  ? -2.818  -5.384  1.358   1.00 46.18  ? 80  SER A C   1 
ATOM   629  O O   . SER A 1 80  ? -3.090  -5.243  0.166   1.00 46.98  ? 80  SER A O   1 
ATOM   630  C CB  . SER A 1 80  ? -3.058  -7.830  1.722   1.00 47.01  ? 80  SER A CB  1 
ATOM   631  O OG  . SER A 1 80  ? -3.203  -8.799  2.740   1.00 44.34  ? 80  SER A OG  1 
ATOM   632  N N   . THR A 1 81  ? -1.925  -4.633  1.978   1.00 43.87  ? 81  THR A N   1 
ATOM   633  C CA  . THR A 1 81  ? -1.253  -3.580  1.251   1.00 42.33  ? 81  THR A CA  1 
ATOM   634  C C   . THR A 1 81  ? 0.234   -3.814  1.123   1.00 40.39  ? 81  THR A C   1 
ATOM   635  O O   . THR A 1 81  ? 0.916   -4.098  2.098   1.00 42.00  ? 81  THR A O   1 
ATOM   636  C CB  . THR A 1 81  ? -1.525  -2.237  1.914   1.00 41.22  ? 81  THR A CB  1 
ATOM   637  O OG1 . THR A 1 81  ? -2.941  -2.020  1.940   1.00 42.35  ? 81  THR A OG1 1 
ATOM   638  C CG2 . THR A 1 81  ? -0.847  -1.110  1.148   1.00 41.11  ? 81  THR A CG2 1 
ATOM   639  N N   . VAL A 1 82  ? 0.726   -3.704  -0.101  1.00 39.52  ? 82  VAL A N   1 
ATOM   640  C CA  . VAL A 1 82  ? 2.138   -3.895  -0.368  1.00 41.58  ? 82  VAL A CA  1 
ATOM   641  C C   . VAL A 1 82  ? 2.752   -2.550  -0.748  1.00 41.41  ? 82  VAL A C   1 
ATOM   642  O O   . VAL A 1 82  ? 2.085   -1.698  -1.345  1.00 41.60  ? 82  VAL A O   1 
ATOM   643  C CB  . VAL A 1 82  ? 2.347   -4.903  -1.504  1.00 42.45  ? 82  VAL A CB  1 
ATOM   644  C CG1 . VAL A 1 82  ? 3.817   -5.050  -1.799  1.00 45.34  ? 82  VAL A CG1 1 
ATOM   645  C CG2 . VAL A 1 82  ? 1.762   -6.244  -1.108  1.00 45.08  ? 82  VAL A CG2 1 
ATOM   646  N N   . PHE A 1 83  ? 4.017   -2.358  -0.399  1.00 41.22  ? 83  PHE A N   1 
ATOM   647  C CA  . PHE A 1 83  ? 4.691   -1.101  -0.690  1.00 42.74  ? 83  PHE A CA  1 
ATOM   648  C C   . PHE A 1 83  ? 5.912   -1.317  -1.549  1.00 43.54  ? 83  PHE A C   1 
ATOM   649  O O   . PHE A 1 83  ? 6.710   -2.212  -1.297  1.00 45.36  ? 83  PHE A O   1 
ATOM   650  C CB  . PHE A 1 83  ? 5.109   -0.402  0.611   1.00 41.90  ? 83  PHE A CB  1 
ATOM   651  C CG  . PHE A 1 83  ? 3.972   -0.150  1.562   1.00 39.44  ? 83  PHE A CG  1 
ATOM   652  C CD1 . PHE A 1 83  ? 3.634   -1.094  2.523   1.00 37.82  ? 83  PHE A CD1 1 
ATOM   653  C CD2 . PHE A 1 83  ? 3.234   1.037   1.485   1.00 40.03  ? 83  PHE A CD2 1 
ATOM   654  C CE1 . PHE A 1 83  ? 2.574   -0.866  3.405   1.00 38.82  ? 83  PHE A CE1 1 
ATOM   655  C CE2 . PHE A 1 83  ? 2.171   1.283   2.357   1.00 39.01  ? 83  PHE A CE2 1 
ATOM   656  C CZ  . PHE A 1 83  ? 1.840   0.330   3.323   1.00 40.21  ? 83  PHE A CZ  1 
ATOM   657  N N   . PHE A 1 84  ? 6.058   -0.472  -2.557  1.00 45.18  ? 84  PHE A N   1 
ATOM   658  C CA  . PHE A 1 84  ? 7.179   -0.547  -3.484  1.00 46.33  ? 84  PHE A CA  1 
ATOM   659  C C   . PHE A 1 84  ? 7.840   0.814   -3.616  1.00 46.77  ? 84  PHE A C   1 
ATOM   660  O O   . PHE A 1 84  ? 7.221   1.841   -3.353  1.00 45.47  ? 84  PHE A O   1 
ATOM   661  C CB  . PHE A 1 84  ? 6.698   -0.965  -4.875  1.00 46.42  ? 84  PHE A CB  1 
ATOM   662  C CG  . PHE A 1 84  ? 6.659   -2.436  -5.099  1.00 44.98  ? 84  PHE A CG  1 
ATOM   663  C CD1 . PHE A 1 84  ? 5.665   -3.218  -4.521  1.00 44.76  ? 84  PHE A CD1 1 
ATOM   664  C CD2 . PHE A 1 84  ? 7.605   -3.041  -5.930  1.00 45.28  ? 84  PHE A CD2 1 
ATOM   665  C CE1 . PHE A 1 84  ? 5.604   -4.586  -4.765  1.00 42.05  ? 84  PHE A CE1 1 
ATOM   666  C CE2 . PHE A 1 84  ? 7.561   -4.413  -6.188  1.00 44.68  ? 84  PHE A CE2 1 
ATOM   667  C CZ  . PHE A 1 84  ? 6.556   -5.187  -5.605  1.00 45.38  ? 84  PHE A CZ  1 
ATOM   668  N N   . PHE A 1 85  ? 9.089   0.813   -4.053  1.00 48.83  ? 85  PHE A N   1 
ATOM   669  C CA  . PHE A 1 85  ? 9.821   2.053   -4.252  1.00 52.24  ? 85  PHE A CA  1 
ATOM   670  C C   . PHE A 1 85  ? 10.835  1.880   -5.368  1.00 51.98  ? 85  PHE A C   1 
ATOM   671  O O   . PHE A 1 85  ? 11.808  1.150   -5.221  1.00 50.20  ? 85  PHE A O   1 
ATOM   672  C CB  . PHE A 1 85  ? 10.522  2.480   -2.964  1.00 55.52  ? 85  PHE A CB  1 
ATOM   673  C CG  . PHE A 1 85  ? 11.157  3.839   -3.049  1.00 58.02  ? 85  PHE A CG  1 
ATOM   674  C CD1 . PHE A 1 85  ? 12.473  3.985   -3.494  1.00 59.14  ? 85  PHE A CD1 1 
ATOM   675  C CD2 . PHE A 1 85  ? 10.438  4.977   -2.683  1.00 59.00  ? 85  PHE A CD2 1 
ATOM   676  C CE1 . PHE A 1 85  ? 13.066  5.246   -3.567  1.00 60.86  ? 85  PHE A CE1 1 
ATOM   677  C CE2 . PHE A 1 85  ? 11.019  6.248   -2.752  1.00 60.70  ? 85  PHE A CE2 1 
ATOM   678  C CZ  . PHE A 1 85  ? 12.334  6.385   -3.193  1.00 60.33  ? 85  PHE A CZ  1 
ATOM   679  N N   . ASN A 1 86  ? 10.588  2.571   -6.478  1.00 53.66  ? 86  ASN A N   1 
ATOM   680  C CA  . ASN A 1 86  ? 11.428  2.504   -7.673  1.00 55.62  ? 86  ASN A CA  1 
ATOM   681  C C   . ASN A 1 86  ? 11.655  1.068   -8.117  1.00 54.54  ? 86  ASN A C   1 
ATOM   682  O O   . ASN A 1 86  ? 12.758  0.680   -8.500  1.00 55.21  ? 86  ASN A O   1 
ATOM   683  C CB  . ASN A 1 86  ? 12.765  3.225   -7.456  1.00 58.44  ? 86  ASN A CB  1 
ATOM   684  C CG  . ASN A 1 86  ? 12.610  4.744   -7.457  1.00 62.78  ? 86  ASN A CG  1 
ATOM   685  O OD1 . ASN A 1 86  ? 11.899  5.305   -8.297  1.00 64.07  ? 86  ASN A OD1 1 
ATOM   686  N ND2 . ASN A 1 86  ? 13.277  5.416   -6.519  1.00 64.03  ? 86  ASN A ND2 1 
ATOM   687  N N   . GLY A 1 87  ? 10.583  0.284   -8.055  1.00 54.23  ? 87  GLY A N   1 
ATOM   688  C CA  . GLY A 1 87  ? 10.633  -1.104  -8.467  1.00 52.63  ? 87  GLY A CA  1 
ATOM   689  C C   . GLY A 1 87  ? 10.965  -2.087  -7.372  1.00 52.53  ? 87  GLY A C   1 
ATOM   690  O O   . GLY A 1 87  ? 10.855  -3.296  -7.568  1.00 52.13  ? 87  GLY A O   1 
ATOM   691  N N   . GLN A 1 88  ? 11.363  -1.574  -6.214  1.00 52.66  ? 88  GLN A N   1 
ATOM   692  C CA  . GLN A 1 88  ? 11.731  -2.430  -5.096  1.00 52.93  ? 88  GLN A CA  1 
ATOM   693  C C   . GLN A 1 88  ? 10.616  -2.688  -4.085  1.00 50.19  ? 88  GLN A C   1 
ATOM   694  O O   . GLN A 1 88  ? 10.022  -1.759  -3.548  1.00 50.26  ? 88  GLN A O   1 
ATOM   695  C CB  . GLN A 1 88  ? 12.952  -1.835  -4.386  1.00 57.22  ? 88  GLN A CB  1 
ATOM   696  C CG  . GLN A 1 88  ? 14.246  -1.940  -5.188  1.00 63.15  ? 88  GLN A CG  1 
ATOM   697  C CD  . GLN A 1 88  ? 15.373  -1.081  -4.623  1.00 68.51  ? 88  GLN A CD  1 
ATOM   698  O OE1 . GLN A 1 88  ? 16.557  -1.344  -4.867  1.00 69.98  ? 88  GLN A OE1 1 
ATOM   699  N NE2 . GLN A 1 88  ? 15.009  -0.038  -3.877  1.00 68.75  ? 88  GLN A NE2 1 
ATOM   700  N N   . HIS A 1 89  ? 10.350  -3.966  -3.839  1.00 48.49  ? 89  HIS A N   1 
ATOM   701  C CA  . HIS A 1 89  ? 9.339   -4.405  -2.881  1.00 46.93  ? 89  HIS A CA  1 
ATOM   702  C C   . HIS A 1 89  ? 9.863   -4.050  -1.471  1.00 46.93  ? 89  HIS A C   1 
ATOM   703  O O   . HIS A 1 89  ? 10.838  -4.629  -1.004  1.00 45.28  ? 89  HIS A O   1 
ATOM   704  C CB  . HIS A 1 89  ? 9.165   -5.917  -3.013  1.00 46.39  ? 89  HIS A CB  1 
ATOM   705  C CG  . HIS A 1 89  ? 8.050   -6.477  -2.196  1.00 50.33  ? 89  HIS A CG  1 
ATOM   706  N ND1 . HIS A 1 89  ? 7.510   -5.816  -1.118  1.00 51.86  ? 89  HIS A ND1 1 
ATOM   707  C CD2 . HIS A 1 89  ? 7.384   -7.652  -2.288  1.00 54.98  ? 89  HIS A CD2 1 
ATOM   708  C CE1 . HIS A 1 89  ? 6.559   -6.556  -0.578  1.00 55.13  ? 89  HIS A CE1 1 
ATOM   709  N NE2 . HIS A 1 89  ? 6.462   -7.677  -1.269  1.00 55.75  ? 89  HIS A NE2 1 
ATOM   710  N N   . MET A 1 90  ? 9.225   -3.104  -0.794  1.00 45.50  ? 90  MET A N   1 
ATOM   711  C CA  . MET A 1 90  ? 9.694   -2.703  0.534   1.00 49.10  ? 90  MET A CA  1 
ATOM   712  C C   . MET A 1 90  ? 9.153   -3.561  1.676   1.00 50.06  ? 90  MET A C   1 
ATOM   713  O O   . MET A 1 90  ? 7.985   -3.949  1.678   1.00 52.07  ? 90  MET A O   1 
ATOM   714  C CB  . MET A 1 90  ? 9.328   -1.234  0.808   1.00 49.24  ? 90  MET A CB  1 
ATOM   715  C CG  . MET A 1 90  ? 10.031  -0.191  -0.063  1.00 51.66  ? 90  MET A CG  1 
ATOM   716  S SD  . MET A 1 90  ? 11.808  -0.017  0.252   1.00 56.94  ? 90  MET A SD  1 
ATOM   717  C CE  . MET A 1 90  ? 11.846  0.123   2.063   1.00 51.29  ? 90  MET A CE  1 
ATOM   718  N N   . LYS A 1 91  ? 10.004  -3.850  2.650   1.00 49.57  ? 91  LYS A N   1 
ATOM   719  C CA  . LYS A 1 91  ? 9.594   -4.631  3.800   1.00 50.39  ? 91  LYS A CA  1 
ATOM   720  C C   . LYS A 1 91  ? 9.401   -3.710  4.998   1.00 51.68  ? 91  LYS A C   1 
ATOM   721  O O   . LYS A 1 91  ? 10.194  -2.804  5.204   1.00 52.57  ? 91  LYS A O   1 
ATOM   722  C CB  . LYS A 1 91  ? 10.651  -5.675  4.115   1.00 49.34  ? 91  LYS A CB  1 
ATOM   723  C CG  . LYS A 1 91  ? 10.828  -6.689  3.019   1.00 50.64  ? 91  LYS A CG  1 
ATOM   724  C CD  . LYS A 1 91  ? 11.697  -7.825  3.502   1.00 51.37  ? 91  LYS A CD  1 
ATOM   725  C CE  . LYS A 1 91  ? 11.375  -9.100  2.751   1.00 53.54  ? 91  LYS A CE  1 
ATOM   726  N NZ  . LYS A 1 91  ? 11.960  -10.285 3.438   1.00 52.80  ? 91  LYS A NZ  1 
ATOM   727  N N   . VAL A 1 92  ? 8.344   -3.931  5.773   1.00 53.00  ? 92  VAL A N   1 
ATOM   728  C CA  . VAL A 1 92  ? 8.056   -3.117  6.949   1.00 56.28  ? 92  VAL A CA  1 
ATOM   729  C C   . VAL A 1 92  ? 7.920   -4.024  8.162   1.00 60.47  ? 92  VAL A C   1 
ATOM   730  O O   . VAL A 1 92  ? 7.231   -5.036  8.103   1.00 59.75  ? 92  VAL A O   1 
ATOM   731  C CB  . VAL A 1 92  ? 6.745   -2.312  6.794   1.00 54.98  ? 92  VAL A CB  1 
ATOM   732  C CG1 . VAL A 1 92  ? 6.479   -1.515  8.070   1.00 52.46  ? 92  VAL A CG1 1 
ATOM   733  C CG2 . VAL A 1 92  ? 6.844   -1.374  5.606   1.00 52.70  ? 92  VAL A CG2 1 
ATOM   734  N N   . ASP A 1 93  ? 8.555   -3.637  9.268   1.00 65.30  ? 93  ASP A N   1 
ATOM   735  C CA  . ASP A 1 93  ? 8.555   -4.443  10.482  1.00 69.62  ? 93  ASP A CA  1 
ATOM   736  C C   . ASP A 1 93  ? 7.294   -4.521  11.340  1.00 72.14  ? 93  ASP A C   1 
ATOM   737  O O   . ASP A 1 93  ? 7.186   -5.443  12.142  1.00 74.67  ? 93  ASP A O   1 
ATOM   738  C CB  . ASP A 1 93  ? 9.711   -4.023  11.382  1.00 70.54  ? 93  ASP A CB  1 
ATOM   739  C CG  . ASP A 1 93  ? 10.177  -5.144  12.296  1.00 71.66  ? 93  ASP A CG  1 
ATOM   740  O OD1 . ASP A 1 93  ? 9.340   -5.963  12.740  1.00 70.45  ? 93  ASP A OD1 1 
ATOM   741  O OD2 . ASP A 1 93  ? 11.392  -5.200  12.581  1.00 73.44  ? 93  ASP A OD2 1 
ATOM   742  N N   . TYR A 1 94  ? 6.354   -3.591  11.199  1.00 73.63  ? 94  TYR A N   1 
ATOM   743  C CA  . TYR A 1 94  ? 5.125   -3.630  12.008  1.00 76.43  ? 94  TYR A CA  1 
ATOM   744  C C   . TYR A 1 94  ? 5.444   -4.289  13.341  1.00 77.25  ? 94  TYR A C   1 
ATOM   745  O O   . TYR A 1 94  ? 5.917   -3.649  14.274  1.00 80.03  ? 94  TYR A O   1 
ATOM   746  C CB  . TYR A 1 94  ? 4.023   -4.462  11.334  1.00 78.16  ? 94  TYR A CB  1 
ATOM   747  C CG  . TYR A 1 94  ? 3.832   -4.204  9.867   1.00 80.14  ? 94  TYR A CG  1 
ATOM   748  C CD1 . TYR A 1 94  ? 3.756   -5.263  8.966   1.00 80.37  ? 94  TYR A CD1 1 
ATOM   749  C CD2 . TYR A 1 94  ? 3.778   -2.905  9.367   1.00 81.69  ? 94  TYR A CD2 1 
ATOM   750  C CE1 . TYR A 1 94  ? 3.647   -5.037  7.599   1.00 82.74  ? 94  TYR A CE1 1 
ATOM   751  C CE2 . TYR A 1 94  ? 3.660   -2.666  7.998   1.00 83.77  ? 94  TYR A CE2 1 
ATOM   752  C CZ  . TYR A 1 94  ? 3.604   -3.734  7.119   1.00 83.87  ? 94  TYR A CZ  1 
ATOM   753  O OH  . TYR A 1 94  ? 3.553   -3.499  5.761   1.00 86.15  ? 94  TYR A OH  1 
ATOM   754  N N   . GLY A 1 95  ? 5.183   -5.590  13.404  1.00 76.81  ? 95  GLY A N   1 
ATOM   755  C CA  . GLY A 1 95  ? 5.462   -6.358  14.598  1.00 76.81  ? 95  GLY A CA  1 
ATOM   756  C C   . GLY A 1 95  ? 5.503   -7.833  14.250  1.00 77.72  ? 95  GLY A C   1 
ATOM   757  O O   . GLY A 1 95  ? 6.463   -8.532  14.572  1.00 78.55  ? 95  GLY A O   1 
ATOM   758  N N   . SER A 1 96  ? 4.462   -8.297  13.563  1.00 77.81  ? 96  SER A N   1 
ATOM   759  C CA  . SER A 1 96  ? 4.334   -9.695  13.168  1.00 76.75  ? 96  SER A CA  1 
ATOM   760  C C   . SER A 1 96  ? 5.458   -10.196 12.262  1.00 75.72  ? 96  SER A C   1 
ATOM   761  O O   . SER A 1 96  ? 6.274   -9.421  11.771  1.00 76.58  ? 96  SER A O   1 
ATOM   762  C CB  . SER A 1 96  ? 2.976   -9.914  12.493  1.00 78.18  ? 96  SER A CB  1 
ATOM   763  O OG  . SER A 1 96  ? 2.236   -10.914 13.179  1.00 79.16  ? 96  SER A OG  1 
ATOM   764  N N   . PRO A 1 97  ? 5.514   -11.516 12.034  1.00 74.33  ? 97  PRO A N   1 
ATOM   765  C CA  . PRO A 1 97  ? 6.542   -12.129 11.189  1.00 72.60  ? 97  PRO A CA  1 
ATOM   766  C C   . PRO A 1 97  ? 6.518   -11.786 9.697   1.00 70.77  ? 97  PRO A C   1 
ATOM   767  O O   . PRO A 1 97  ? 7.546   -11.879 9.023   1.00 71.17  ? 97  PRO A O   1 
ATOM   768  C CB  . PRO A 1 97  ? 6.344   -13.623 11.442  1.00 73.04  ? 97  PRO A CB  1 
ATOM   769  C CG  . PRO A 1 97  ? 4.882   -13.722 11.732  1.00 73.37  ? 97  PRO A CG  1 
ATOM   770  C CD  . PRO A 1 97  ? 4.668   -12.556 12.651  1.00 74.26  ? 97  PRO A CD  1 
ATOM   771  N N   . ASP A 1 98  ? 5.363   -11.397 9.168   1.00 67.37  ? 98  ASP A N   1 
ATOM   772  C CA  . ASP A 1 98  ? 5.297   -11.068 7.749   1.00 62.92  ? 98  ASP A CA  1 
ATOM   773  C C   . ASP A 1 98  ? 5.598   -9.592  7.519   1.00 60.27  ? 98  ASP A C   1 
ATOM   774  O O   . ASP A 1 98  ? 4.739   -8.731  7.737   1.00 59.99  ? 98  ASP A O   1 
ATOM   775  C CB  . ASP A 1 98  ? 3.918   -11.414 7.181   1.00 61.78  ? 98  ASP A CB  1 
ATOM   776  C CG  . ASP A 1 98  ? 3.884   -11.387 5.658   1.00 62.36  ? 98  ASP A CG  1 
ATOM   777  O OD1 . ASP A 1 98  ? 2.814   -11.721 5.098   1.00 61.03  ? 98  ASP A OD1 1 
ATOM   778  O OD2 . ASP A 1 98  ? 4.916   -11.041 5.026   1.00 58.25  ? 98  ASP A OD2 1 
ATOM   779  N N   . HIS A 1 99  ? 6.821   -9.305  7.083   1.00 56.59  ? 99  HIS A N   1 
ATOM   780  C CA  . HIS A 1 99  ? 7.239   -7.935  6.817   1.00 54.90  ? 99  HIS A CA  1 
ATOM   781  C C   . HIS A 1 99  ? 6.929   -7.567  5.381   1.00 52.86  ? 99  HIS A C   1 
ATOM   782  O O   . HIS A 1 99  ? 7.155   -6.440  4.953   1.00 55.22  ? 99  HIS A O   1 
ATOM   783  C CB  . HIS A 1 99  ? 8.742   -7.793  7.040   1.00 56.30  ? 99  HIS A CB  1 
ATOM   784  C CG  . HIS A 1 99  ? 9.189   -8.175  8.414   1.00 60.18  ? 99  HIS A CG  1 
ATOM   785  N ND1 . HIS A 1 99  ? 10.517  -8.246  8.770   1.00 61.99  ? 99  HIS A ND1 1 
ATOM   786  C CD2 . HIS A 1 99  ? 8.486   -8.520  9.519   1.00 62.66  ? 99  HIS A CD2 1 
ATOM   787  C CE1 . HIS A 1 99  ? 10.615  -8.623  10.033  1.00 62.58  ? 99  HIS A CE1 1 
ATOM   788  N NE2 . HIS A 1 99  ? 9.396   -8.797  10.510  1.00 64.09  ? 99  HIS A NE2 1 
ATOM   789  N N   . THR A 1 100 ? 6.400   -8.531  4.643   1.00 49.87  ? 100 THR A N   1 
ATOM   790  C CA  . THR A 1 100 ? 6.103   -8.361  3.229   1.00 47.79  ? 100 THR A CA  1 
ATOM   791  C C   . THR A 1 100 ? 4.874   -7.517  2.900   1.00 44.96  ? 100 THR A C   1 
ATOM   792  O O   . THR A 1 100 ? 4.805   -6.911  1.843   1.00 43.16  ? 100 THR A O   1 
ATOM   793  C CB  . THR A 1 100 ? 6.005   -9.774  2.558   1.00 48.03  ? 100 THR A CB  1 
ATOM   794  O OG1 . THR A 1 100 ? 7.330   -10.221 2.209   1.00 44.93  ? 100 THR A OG1 1 
ATOM   795  C CG2 . THR A 1 100 ? 5.132   -9.753  1.322   1.00 50.16  ? 100 THR A CG2 1 
ATOM   796  N N   . LYS A 1 101 ? 3.923   -7.453  3.817   1.00 42.37  ? 101 LYS A N   1 
ATOM   797  C CA  . LYS A 1 101 ? 2.710   -6.704  3.569   1.00 43.21  ? 101 LYS A CA  1 
ATOM   798  C C   . LYS A 1 101 ? 2.006   -6.309  4.855   1.00 44.40  ? 101 LYS A C   1 
ATOM   799  O O   . LYS A 1 101 ? 2.113   -6.994  5.860   1.00 44.31  ? 101 LYS A O   1 
ATOM   800  C CB  . LYS A 1 101 ? 1.759   -7.559  2.737   1.00 45.41  ? 101 LYS A CB  1 
ATOM   801  C CG  . LYS A 1 101 ? 1.531   -8.964  3.312   1.00 43.09  ? 101 LYS A CG  1 
ATOM   802  C CD  . LYS A 1 101 ? 0.675   -9.816  2.383   1.00 42.56  ? 101 LYS A CD  1 
ATOM   803  C CE  . LYS A 1 101 ? 0.480   -11.239 2.900   1.00 41.62  ? 101 LYS A CE  1 
ATOM   804  N NZ  . LYS A 1 101 ? 1.719   -12.072 2.830   1.00 40.10  ? 101 LYS A NZ  1 
ATOM   805  N N   . PHE A 1 102 ? 1.294   -5.189  4.824   1.00 44.82  ? 102 PHE A N   1 
ATOM   806  C CA  . PHE A 1 102 ? 0.535   -4.760  5.982   1.00 47.18  ? 102 PHE A CA  1 
ATOM   807  C C   . PHE A 1 102 ? -0.872  -5.304  5.773   1.00 48.72  ? 102 PHE A C   1 
ATOM   808  O O   . PHE A 1 102 ? -1.502  -5.039  4.744   1.00 48.49  ? 102 PHE A O   1 
ATOM   809  C CB  . PHE A 1 102 ? 0.504   -3.233  6.087   1.00 49.96  ? 102 PHE A CB  1 
ATOM   810  C CG  . PHE A 1 102 ? -0.426  -2.718  7.152   1.00 53.75  ? 102 PHE A CG  1 
ATOM   811  C CD1 . PHE A 1 102 ? -1.802  -2.673  6.935   1.00 54.30  ? 102 PHE A CD1 1 
ATOM   812  C CD2 . PHE A 1 102 ? 0.069   -2.300  8.387   1.00 56.27  ? 102 PHE A CD2 1 
ATOM   813  C CE1 . PHE A 1 102 ? -2.674  -2.220  7.928   1.00 56.32  ? 102 PHE A CE1 1 
ATOM   814  C CE2 . PHE A 1 102 ? -0.800  -1.842  9.395   1.00 56.76  ? 102 PHE A CE2 1 
ATOM   815  C CZ  . PHE A 1 102 ? -2.174  -1.804  9.162   1.00 55.84  ? 102 PHE A CZ  1 
ATOM   816  N N   . VAL A 1 103 ? -1.359  -6.077  6.740   1.00 48.85  ? 103 VAL A N   1 
ATOM   817  C CA  . VAL A 1 103 ? -2.687  -6.668  6.648   1.00 50.00  ? 103 VAL A CA  1 
ATOM   818  C C   . VAL A 1 103 ? -3.692  -5.923  7.512   1.00 53.06  ? 103 VAL A C   1 
ATOM   819  O O   . VAL A 1 103 ? -3.441  -5.658  8.686   1.00 56.27  ? 103 VAL A O   1 
ATOM   820  C CB  . VAL A 1 103 ? -2.638  -8.154  7.062   1.00 49.04  ? 103 VAL A CB  1 
ATOM   821  C CG1 . VAL A 1 103 ? -4.031  -8.752  7.067   1.00 46.88  ? 103 VAL A CG1 1 
ATOM   822  C CG2 . VAL A 1 103 ? -1.732  -8.923  6.096   1.00 46.06  ? 103 VAL A CG2 1 
ATOM   823  N N   . GLY A 1 104 ? -4.827  -5.570  6.922   1.00 55.11  ? 104 GLY A N   1 
ATOM   824  C CA  . GLY A 1 104 ? -5.855  -4.850  7.658   1.00 55.21  ? 104 GLY A CA  1 
ATOM   825  C C   . GLY A 1 104 ? -5.962  -3.374  7.311   1.00 55.68  ? 104 GLY A C   1 
ATOM   826  O O   . GLY A 1 104 ? -5.562  -2.939  6.229   1.00 54.05  ? 104 GLY A O   1 
ATOM   827  N N   . SER A 1 105 ? -6.525  -2.603  8.238   1.00 57.37  ? 105 SER A N   1 
ATOM   828  C CA  . SER A 1 105 ? -6.672  -1.163  8.060   1.00 59.30  ? 105 SER A CA  1 
ATOM   829  C C   . SER A 1 105 ? -5.910  -0.453  9.171   1.00 60.79  ? 105 SER A C   1 
ATOM   830  O O   . SER A 1 105 ? -5.324  -1.104  10.037  1.00 61.78  ? 105 SER A O   1 
ATOM   831  C CB  . SER A 1 105 ? -8.144  -0.757  8.111   1.00 59.74  ? 105 SER A CB  1 
ATOM   832  O OG  . SER A 1 105 ? -8.290  0.622   7.809   1.00 60.42  ? 105 SER A OG  1 
ATOM   833  N N   . PHE A 1 106 ? -5.914  0.875   9.147   1.00 62.62  ? 106 PHE A N   1 
ATOM   834  C CA  . PHE A 1 106 ? -5.212  1.649   10.164  1.00 65.72  ? 106 PHE A CA  1 
ATOM   835  C C   . PHE A 1 106 ? -6.152  2.252   11.210  1.00 68.51  ? 106 PHE A C   1 
ATOM   836  O O   . PHE A 1 106 ? -7.270  2.664   10.893  1.00 69.67  ? 106 PHE A O   1 
ATOM   837  C CB  . PHE A 1 106 ? -4.378  2.755   9.503   1.00 64.66  ? 106 PHE A CB  1 
ATOM   838  C CG  . PHE A 1 106 ? -3.326  2.234   8.566   1.00 63.55  ? 106 PHE A CG  1 
ATOM   839  C CD1 . PHE A 1 106 ? -3.649  1.892   7.256   1.00 63.13  ? 106 PHE A CD1 1 
ATOM   840  C CD2 . PHE A 1 106 ? -2.030  2.013   9.011   1.00 62.98  ? 106 PHE A CD2 1 
ATOM   841  C CE1 . PHE A 1 106 ? -2.693  1.332   6.406   1.00 62.46  ? 106 PHE A CE1 1 
ATOM   842  C CE2 . PHE A 1 106 ? -1.069  1.451   8.163   1.00 62.92  ? 106 PHE A CE2 1 
ATOM   843  C CZ  . PHE A 1 106 ? -1.406  1.110   6.859   1.00 60.58  ? 106 PHE A CZ  1 
ATOM   844  N N   . LYS A 1 107 ? -5.693  2.289   12.458  1.00 71.47  ? 107 LYS A N   1 
ATOM   845  C CA  . LYS A 1 107 ? -6.481  2.838   13.559  1.00 72.69  ? 107 LYS A CA  1 
ATOM   846  C C   . LYS A 1 107 ? -6.981  4.224   13.174  1.00 73.17  ? 107 LYS A C   1 
ATOM   847  O O   . LYS A 1 107 ? -8.178  4.513   13.268  1.00 74.58  ? 107 LYS A O   1 
ATOM   848  C CB  . LYS A 1 107 ? -5.628  2.925   14.831  1.00 74.42  ? 107 LYS A CB  1 
ATOM   849  C CG  . LYS A 1 107 ? -5.090  1.581   15.323  1.00 76.43  ? 107 LYS A CG  1 
ATOM   850  C CD  . LYS A 1 107 ? -4.099  1.746   16.477  1.00 77.61  ? 107 LYS A CD  1 
ATOM   851  C CE  . LYS A 1 107 ? -3.608  0.393   16.984  1.00 79.45  ? 107 LYS A CE  1 
ATOM   852  N NZ  . LYS A 1 107 ? -2.564  0.529   18.028  1.00 79.85  ? 107 LYS A NZ  1 
ATOM   853  N N   . THR A 1 108 ? -6.063  5.077   12.729  1.00 72.06  ? 108 THR A N   1 
ATOM   854  C CA  . THR A 1 108 ? -6.422  6.432   12.322  1.00 71.59  ? 108 THR A CA  1 
ATOM   855  C C   . THR A 1 108 ? -5.851  6.782   10.958  1.00 70.01  ? 108 THR A C   1 
ATOM   856  O O   . THR A 1 108 ? -5.232  5.947   10.296  1.00 71.26  ? 108 THR A O   1 
ATOM   857  C CB  . THR A 1 108 ? -5.900  7.475   13.321  1.00 72.20  ? 108 THR A CB  1 
ATOM   858  O OG1 . THR A 1 108 ? -4.470  7.395   13.397  1.00 71.69  ? 108 THR A OG1 1 
ATOM   859  C CG2 . THR A 1 108 ? -6.499  7.235   14.682  1.00 72.17  ? 108 THR A CG2 1 
ATOM   860  N N   . LYS A 1 109 ? -6.061  8.023   10.538  1.00 66.56  ? 109 LYS A N   1 
ATOM   861  C CA  . LYS A 1 109 ? -5.537  8.460   9.265   1.00 64.47  ? 109 LYS A CA  1 
ATOM   862  C C   . LYS A 1 109 ? -4.067  8.841   9.451   1.00 63.75  ? 109 LYS A C   1 
ATOM   863  O O   . LYS A 1 109 ? -3.269  8.731   8.523   1.00 63.59  ? 109 LYS A O   1 
ATOM   864  C CB  . LYS A 1 109 ? -6.341  9.649   8.750   1.00 63.07  ? 109 LYS A CB  1 
ATOM   865  N N   . GLN A 1 110 ? -3.710  9.267   10.663  1.00 63.60  ? 110 GLN A N   1 
ATOM   866  C CA  . GLN A 1 110 ? -2.340  9.697   10.967  1.00 62.75  ? 110 GLN A CA  1 
ATOM   867  C C   . GLN A 1 110 ? -1.358  8.533   10.934  1.00 61.69  ? 110 GLN A C   1 
ATOM   868  O O   . GLN A 1 110 ? -0.211  8.686   10.495  1.00 58.48  ? 110 GLN A O   1 
ATOM   869  C CB  . GLN A 1 110 ? -2.285  10.378  12.342  1.00 63.47  ? 110 GLN A CB  1 
ATOM   870  C CG  . GLN A 1 110 ? -1.023  11.190  12.591  1.00 60.67  ? 110 GLN A CG  1 
ATOM   871  C CD  . GLN A 1 110 ? -0.805  12.257  11.527  1.00 62.51  ? 110 GLN A CD  1 
ATOM   872  O OE1 . GLN A 1 110 ? -1.732  12.979  11.158  1.00 64.12  ? 110 GLN A OE1 1 
ATOM   873  N NE2 . GLN A 1 110 ? 0.426   12.365  11.034  1.00 62.70  ? 110 GLN A NE2 1 
ATOM   874  N N   . ASP A 1 111 ? -1.814  7.381   11.416  1.00 61.59  ? 111 ASP A N   1 
ATOM   875  C CA  . ASP A 1 111 ? -0.999  6.170   11.415  1.00 62.19  ? 111 ASP A CA  1 
ATOM   876  C C   . ASP A 1 111 ? -0.404  5.969   10.023  1.00 60.87  ? 111 ASP A C   1 
ATOM   877  O O   . ASP A 1 111 ? 0.816   5.973   9.836   1.00 61.58  ? 111 ASP A O   1 
ATOM   878  C CB  . ASP A 1 111 ? -1.856  4.955   11.763  1.00 63.76  ? 111 ASP A CB  1 
ATOM   879  C CG  . ASP A 1 111 ? -2.111  4.828   13.243  1.00 65.40  ? 111 ASP A CG  1 
ATOM   880  O OD1 . ASP A 1 111 ? -2.788  3.851   13.645  1.00 66.72  ? 111 ASP A OD1 1 
ATOM   881  O OD2 . ASP A 1 111 ? -1.625  5.699   13.994  1.00 65.00  ? 111 ASP A OD2 1 
ATOM   882  N N   . PHE A 1 112 ? -1.295  5.803   9.054   1.00 58.92  ? 112 PHE A N   1 
ATOM   883  C CA  . PHE A 1 112 ? -0.924  5.607   7.665   1.00 57.38  ? 112 PHE A CA  1 
ATOM   884  C C   . PHE A 1 112 ? 0.004   6.711   7.155   1.00 55.02  ? 112 PHE A C   1 
ATOM   885  O O   . PHE A 1 112 ? 0.989   6.432   6.476   1.00 54.28  ? 112 PHE A O   1 
ATOM   886  C CB  . PHE A 1 112 ? -2.191  5.533   6.798   1.00 56.36  ? 112 PHE A CB  1 
ATOM   887  C CG  . PHE A 1 112 ? -1.910  5.439   5.329   1.00 56.89  ? 112 PHE A CG  1 
ATOM   888  C CD1 . PHE A 1 112 ? -1.358  4.281   4.786   1.00 54.24  ? 112 PHE A CD1 1 
ATOM   889  C CD2 . PHE A 1 112 ? -2.145  6.529   4.495   1.00 53.90  ? 112 PHE A CD2 1 
ATOM   890  C CE1 . PHE A 1 112 ? -1.042  4.212   3.438   1.00 54.35  ? 112 PHE A CE1 1 
ATOM   891  C CE2 . PHE A 1 112 ? -1.831  6.466   3.144   1.00 55.91  ? 112 PHE A CE2 1 
ATOM   892  C CZ  . PHE A 1 112 ? -1.276  5.304   2.614   1.00 55.18  ? 112 PHE A CZ  1 
ATOM   893  N N   . ILE A 1 113 ? -0.305  7.963   7.471   1.00 54.82  ? 113 ILE A N   1 
ATOM   894  C CA  . ILE A 1 113 ? 0.549   9.063   7.035   1.00 56.54  ? 113 ILE A CA  1 
ATOM   895  C C   . ILE A 1 113 ? 1.935   8.862   7.639   1.00 56.19  ? 113 ILE A C   1 
ATOM   896  O O   . ILE A 1 113 ? 2.954   9.025   6.962   1.00 55.83  ? 113 ILE A O   1 
ATOM   897  C CB  . ILE A 1 113 ? -0.008  10.416  7.489   1.00 58.68  ? 113 ILE A CB  1 
ATOM   898  C CG1 . ILE A 1 113 ? -1.448  10.556  6.988   1.00 61.60  ? 113 ILE A CG1 1 
ATOM   899  C CG2 . ILE A 1 113 ? 0.849   11.552  6.938   1.00 57.00  ? 113 ILE A CG2 1 
ATOM   900  C CD1 . ILE A 1 113 ? -2.261  11.601  7.713   1.00 60.91  ? 113 ILE A CD1 1 
ATOM   901  N N   . ASP A 1 114 ? 1.968   8.490   8.913   1.00 55.09  ? 114 ASP A N   1 
ATOM   902  C CA  . ASP A 1 114 ? 3.237   8.248   9.577   1.00 56.67  ? 114 ASP A CA  1 
ATOM   903  C C   . ASP A 1 114 ? 3.984   7.093   8.926   1.00 56.66  ? 114 ASP A C   1 
ATOM   904  O O   . ASP A 1 114 ? 5.147   7.245   8.521   1.00 56.69  ? 114 ASP A O   1 
ATOM   905  C CB  . ASP A 1 114 ? 3.033   7.951   11.065  1.00 58.38  ? 114 ASP A CB  1 
ATOM   906  C CG  . ASP A 1 114 ? 2.683   9.201   11.866  1.00 61.27  ? 114 ASP A CG  1 
ATOM   907  O OD1 . ASP A 1 114 ? 3.262   10.279  11.575  1.00 57.40  ? 114 ASP A OD1 1 
ATOM   908  O OD2 . ASP A 1 114 ? 1.843   9.096   12.793  1.00 61.49  ? 114 ASP A OD2 1 
ATOM   909  N N   . LEU A 1 115 ? 3.321   5.945   8.813   1.00 53.74  ? 115 LEU A N   1 
ATOM   910  C CA  . LEU A 1 115 ? 3.956   4.788   8.204   1.00 52.42  ? 115 LEU A CA  1 
ATOM   911  C C   . LEU A 1 115 ? 4.585   5.128   6.859   1.00 51.62  ? 115 LEU A C   1 
ATOM   912  O O   . LEU A 1 115 ? 5.704   4.688   6.550   1.00 47.48  ? 115 LEU A O   1 
ATOM   913  C CB  . LEU A 1 115 ? 2.951   3.654   8.007   1.00 51.98  ? 115 LEU A CB  1 
ATOM   914  C CG  . LEU A 1 115 ? 3.543   2.425   7.303   1.00 52.37  ? 115 LEU A CG  1 
ATOM   915  C CD1 . LEU A 1 115 ? 4.737   1.911   8.105   1.00 53.98  ? 115 LEU A CD1 1 
ATOM   916  C CD2 . LEU A 1 115 ? 2.494   1.338   7.159   1.00 51.81  ? 115 LEU A CD2 1 
ATOM   917  N N   . ILE A 1 116 ? 3.860   5.916   6.067   1.00 51.53  ? 116 ILE A N   1 
ATOM   918  C CA  . ILE A 1 116 ? 4.327   6.288   4.744   1.00 53.38  ? 116 ILE A CA  1 
ATOM   919  C C   . ILE A 1 116 ? 5.595   7.107   4.804   1.00 55.79  ? 116 ILE A C   1 
ATOM   920  O O   . ILE A 1 116 ? 6.453   6.977   3.935   1.00 56.16  ? 116 ILE A O   1 
ATOM   921  C CB  . ILE A 1 116 ? 3.252   7.064   3.974   1.00 52.78  ? 116 ILE A CB  1 
ATOM   922  C CG1 . ILE A 1 116 ? 2.049   6.154   3.728   1.00 51.27  ? 116 ILE A CG1 1 
ATOM   923  C CG2 . ILE A 1 116 ? 3.810   7.570   2.638   1.00 49.93  ? 116 ILE A CG2 1 
ATOM   924  C CD1 . ILE A 1 116 ? 2.344   4.939   2.908   1.00 47.91  ? 116 ILE A CD1 1 
ATOM   925  N N   . GLU A 1 117 ? 5.720   7.946   5.830   1.00 58.78  ? 117 GLU A N   1 
ATOM   926  C CA  . GLU A 1 117 ? 6.921   8.768   5.982   1.00 60.30  ? 117 GLU A CA  1 
ATOM   927  C C   . GLU A 1 117 ? 8.130   7.885   6.270   1.00 57.71  ? 117 GLU A C   1 
ATOM   928  O O   . GLU A 1 117 ? 9.173   8.026   5.637   1.00 57.44  ? 117 GLU A O   1 
ATOM   929  C CB  . GLU A 1 117 ? 6.742   9.790   7.105   1.00 64.63  ? 117 GLU A CB  1 
ATOM   930  C CG  . GLU A 1 117 ? 5.535   10.705  6.926   1.00 71.80  ? 117 GLU A CG  1 
ATOM   931  C CD  . GLU A 1 117 ? 5.672   12.025  7.681   1.00 75.45  ? 117 GLU A CD  1 
ATOM   932  O OE1 . GLU A 1 117 ? 4.644   12.727  7.847   1.00 76.96  ? 117 GLU A OE1 1 
ATOM   933  O OE2 . GLU A 1 117 ? 6.811   12.362  8.094   1.00 77.11  ? 117 GLU A OE2 1 
ATOM   934  N N   . VAL A 1 118 ? 7.980   6.975   7.226   1.00 55.31  ? 118 VAL A N   1 
ATOM   935  C CA  . VAL A 1 118 ? 9.051   6.060   7.572   1.00 54.75  ? 118 VAL A CA  1 
ATOM   936  C C   . VAL A 1 118 ? 9.528   5.353   6.311   1.00 54.63  ? 118 VAL A C   1 
ATOM   937  O O   . VAL A 1 118 ? 10.735  5.250   6.054   1.00 54.78  ? 118 VAL A O   1 
ATOM   938  C CB  . VAL A 1 118 ? 8.571   5.000   8.573   1.00 54.76  ? 118 VAL A CB  1 
ATOM   939  C CG1 . VAL A 1 118 ? 9.677   3.999   8.854   1.00 52.80  ? 118 VAL A CG1 1 
ATOM   940  C CG2 . VAL A 1 118 ? 8.122   5.674   9.846   1.00 55.72  ? 118 VAL A CG2 1 
ATOM   941  N N   . ILE A 1 119 ? 8.573   4.875   5.517   1.00 53.05  ? 119 ILE A N   1 
ATOM   942  C CA  . ILE A 1 119 ? 8.914   4.174   4.285   1.00 51.78  ? 119 ILE A CA  1 
ATOM   943  C C   . ILE A 1 119 ? 9.620   5.114   3.326   1.00 50.20  ? 119 ILE A C   1 
ATOM   944  O O   . ILE A 1 119 ? 10.672  4.797   2.809   1.00 47.58  ? 119 ILE A O   1 
ATOM   945  C CB  . ILE A 1 119 ? 7.656   3.604   3.571   1.00 49.79  ? 119 ILE A CB  1 
ATOM   946  C CG1 . ILE A 1 119 ? 6.953   2.590   4.474   1.00 52.54  ? 119 ILE A CG1 1 
ATOM   947  C CG2 . ILE A 1 119 ? 8.055   2.934   2.261   1.00 44.77  ? 119 ILE A CG2 1 
ATOM   948  C CD1 . ILE A 1 119 ? 5.583   2.106   3.952   1.00 51.94  ? 119 ILE A CD1 1 
ATOM   949  N N   . TYR A 1 120 ? 9.033   6.274   3.095   1.00 53.80  ? 120 TYR A N   1 
ATOM   950  C CA  . TYR A 1 120 ? 9.617   7.232   2.175   1.00 59.69  ? 120 TYR A CA  1 
ATOM   951  C C   . TYR A 1 120 ? 11.064  7.610   2.507   1.00 60.99  ? 120 TYR A C   1 
ATOM   952  O O   . TYR A 1 120 ? 11.937  7.591   1.637   1.00 56.23  ? 120 TYR A O   1 
ATOM   953  C CB  . TYR A 1 120 ? 8.775   8.493   2.134   1.00 63.54  ? 120 TYR A CB  1 
ATOM   954  C CG  . TYR A 1 120 ? 9.288   9.462   1.108   1.00 68.16  ? 120 TYR A CG  1 
ATOM   955  C CD1 . TYR A 1 120 ? 9.167   9.185   -0.250  1.00 69.06  ? 120 TYR A CD1 1 
ATOM   956  C CD2 . TYR A 1 120 ? 9.921   10.648  1.492   1.00 69.32  ? 120 TYR A CD2 1 
ATOM   957  C CE1 . TYR A 1 120 ? 9.660   10.061  -1.207  1.00 71.07  ? 120 TYR A CE1 1 
ATOM   958  C CE2 . TYR A 1 120 ? 10.420  11.535  0.543   1.00 69.26  ? 120 TYR A CE2 1 
ATOM   959  C CZ  . TYR A 1 120 ? 10.286  11.236  -0.804  1.00 70.82  ? 120 TYR A CZ  1 
ATOM   960  O OH  . TYR A 1 120 ? 10.779  12.098  -1.755  1.00 70.27  ? 120 TYR A OH  1 
ATOM   961  N N   . ARG A 1 121 ? 11.307  7.963   3.765   1.00 63.37  ? 121 ARG A N   1 
ATOM   962  C CA  . ARG A 1 121 ? 12.647  8.332   4.181   1.00 67.16  ? 121 ARG A CA  1 
ATOM   963  C C   . ARG A 1 121 ? 13.565  7.119   4.110   1.00 67.90  ? 121 ARG A C   1 
ATOM   964  O O   . ARG A 1 121 ? 14.588  7.151   3.425   1.00 68.15  ? 121 ARG A O   1 
ATOM   965  C CB  . ARG A 1 121 ? 12.641  8.913   5.600   1.00 69.44  ? 121 ARG A CB  1 
ATOM   966  C CG  . ARG A 1 121 ? 12.017  10.313  5.711   1.00 74.52  ? 121 ARG A CG  1 
ATOM   967  C CD  . ARG A 1 121 ? 12.446  11.019  7.009   1.00 79.38  ? 121 ARG A CD  1 
ATOM   968  N NE  . ARG A 1 121 ? 11.396  11.091  8.026   1.00 82.29  ? 121 ARG A NE  1 
ATOM   969  C CZ  . ARG A 1 121 ? 10.357  11.923  7.978   1.00 84.39  ? 121 ARG A CZ  1 
ATOM   970  N NH1 . ARG A 1 121 ? 9.452   11.915  8.954   1.00 85.25  ? 121 ARG A NH1 1 
ATOM   971  N NH2 . ARG A 1 121 ? 10.222  12.768  6.960   1.00 84.04  ? 121 ARG A NH2 1 
ATOM   972  N N   . GLY A 1 122 ? 13.196  6.047   4.806   1.00 67.65  ? 122 GLY A N   1 
ATOM   973  C CA  . GLY A 1 122 ? 14.020  4.852   4.781   1.00 67.93  ? 122 GLY A CA  1 
ATOM   974  C C   . GLY A 1 122 ? 14.376  4.460   3.359   1.00 69.10  ? 122 GLY A C   1 
ATOM   975  O O   . GLY A 1 122 ? 15.520  4.094   3.062   1.00 67.47  ? 122 GLY A O   1 
ATOM   976  N N   . ALA A 1 123 ? 13.386  4.544   2.474   1.00 70.14  ? 123 ALA A N   1 
ATOM   977  C CA  . ALA A 1 123 ? 13.563  4.200   1.069   1.00 71.18  ? 123 ALA A CA  1 
ATOM   978  C C   . ALA A 1 123 ? 14.449  5.216   0.376   1.00 71.29  ? 123 ALA A C   1 
ATOM   979  O O   . ALA A 1 123 ? 15.339  4.858   -0.401  1.00 70.69  ? 123 ALA A O   1 
ATOM   980  C CB  . ALA A 1 123 ? 12.212  4.141   0.372   1.00 71.39  ? 123 ALA A CB  1 
ATOM   981  N N   . MET A 1 124 ? 14.195  6.489   0.655   1.00 72.82  ? 124 MET A N   1 
ATOM   982  C CA  . MET A 1 124 ? 14.974  7.562   0.055   1.00 72.55  ? 124 MET A CA  1 
ATOM   983  C C   . MET A 1 124 ? 16.424  7.456   0.521   1.00 71.33  ? 124 MET A C   1 
ATOM   984  O O   . MET A 1 124 ? 17.342  7.823   -0.203  1.00 71.09  ? 124 MET A O   1 
ATOM   985  C CB  . MET A 1 124 ? 14.384  8.916   0.436   1.00 74.34  ? 124 MET A CB  1 
ATOM   986  C CG  . MET A 1 124 ? 14.628  9.981   -0.610  1.00 77.70  ? 124 MET A CG  1 
ATOM   987  S SD  . MET A 1 124 ? 13.896  9.524   -2.193  1.00 82.15  ? 124 MET A SD  1 
ATOM   988  C CE  . MET A 1 124 ? 13.278  11.105  -2.782  1.00 81.51  ? 124 MET A CE  1 
ATOM   989  N N   . ARG A 1 125 ? 16.622  6.935   1.728   1.00 70.48  ? 125 ARG A N   1 
ATOM   990  C CA  . ARG A 1 125 ? 17.965  6.760   2.276   1.00 69.80  ? 125 ARG A CA  1 
ATOM   991  C C   . ARG A 1 125 ? 18.594  5.435   1.826   1.00 69.35  ? 125 ARG A C   1 
ATOM   992  O O   . ARG A 1 125 ? 19.601  4.995   2.390   1.00 68.81  ? 125 ARG A O   1 
ATOM   993  C CB  . ARG A 1 125 ? 17.932  6.801   3.808   1.00 71.05  ? 125 ARG A CB  1 
ATOM   994  C CG  . ARG A 1 125 ? 17.538  8.144   4.411   1.00 73.56  ? 125 ARG A CG  1 
ATOM   995  C CD  . ARG A 1 125 ? 18.405  8.466   5.623   1.00 76.82  ? 125 ARG A CD  1 
ATOM   996  N NE  . ARG A 1 125 ? 18.345  7.439   6.667   1.00 78.98  ? 125 ARG A NE  1 
ATOM   997  C CZ  . ARG A 1 125 ? 19.314  7.232   7.559   1.00 80.34  ? 125 ARG A CZ  1 
ATOM   998  N NH1 . ARG A 1 125 ? 20.414  7.979   7.522   1.00 80.97  ? 125 ARG A NH1 1 
ATOM   999  N NH2 . ARG A 1 125 ? 19.187  6.290   8.490   1.00 79.49  ? 125 ARG A NH2 1 
ATOM   1000 N N   . GLY A 1 126 ? 17.985  4.793   0.828   1.00 68.61  ? 126 GLY A N   1 
ATOM   1001 C CA  . GLY A 1 126 ? 18.500  3.535   0.311   1.00 65.65  ? 126 GLY A CA  1 
ATOM   1002 C C   . GLY A 1 126 ? 18.248  2.272   1.126   1.00 65.50  ? 126 GLY A C   1 
ATOM   1003 O O   . GLY A 1 126 ? 18.937  1.274   0.929   1.00 66.13  ? 126 GLY A O   1 
ATOM   1004 N N   . LYS A 1 127 ? 17.288  2.287   2.047   1.00 64.29  ? 127 LYS A N   1 
ATOM   1005 C CA  . LYS A 1 127 ? 17.019  1.077   2.823   1.00 63.10  ? 127 LYS A CA  1 
ATOM   1006 C C   . LYS A 1 127 ? 16.024  0.189   2.056   1.00 61.28  ? 127 LYS A C   1 
ATOM   1007 O O   . LYS A 1 127 ? 15.452  0.616   1.051   1.00 61.18  ? 127 LYS A O   1 
ATOM   1008 C CB  . LYS A 1 127 ? 16.472  1.433   4.214   1.00 63.67  ? 127 LYS A CB  1 
ATOM   1009 C CG  . LYS A 1 127 ? 17.377  2.385   5.003   1.00 67.00  ? 127 LYS A CG  1 
ATOM   1010 C CD  . LYS A 1 127 ? 17.033  2.465   6.496   1.00 67.61  ? 127 LYS A CD  1 
ATOM   1011 C CE  . LYS A 1 127 ? 17.488  1.215   7.253   1.00 68.08  ? 127 LYS A CE  1 
ATOM   1012 N NZ  . LYS A 1 127 ? 17.125  1.261   8.702   1.00 67.91  ? 127 LYS A NZ  1 
ATOM   1013 N N   . LEU A 1 128 ? 15.840  -1.045  2.520   1.00 58.16  ? 128 LEU A N   1 
ATOM   1014 C CA  . LEU A 1 128 ? 14.934  -1.983  1.871   1.00 55.84  ? 128 LEU A CA  1 
ATOM   1015 C C   . LEU A 1 128 ? 13.976  -2.537  2.897   1.00 56.34  ? 128 LEU A C   1 
ATOM   1016 O O   . LEU A 1 128 ? 13.019  -3.232  2.578   1.00 56.95  ? 128 LEU A O   1 
ATOM   1017 C CB  . LEU A 1 128 ? 15.727  -3.120  1.230   1.00 53.02  ? 128 LEU A CB  1 
ATOM   1018 C CG  . LEU A 1 128 ? 16.634  -2.686  0.077   1.00 51.50  ? 128 LEU A CG  1 
ATOM   1019 C CD1 . LEU A 1 128 ? 17.351  -3.885  -0.482  1.00 53.27  ? 128 LEU A CD1 1 
ATOM   1020 C CD2 . LEU A 1 128 ? 15.813  -2.025  -1.014  1.00 51.97  ? 128 LEU A CD2 1 
ATOM   1021 N N   . ILE A 1 129 ? 14.248  -2.203  4.146   1.00 56.69  ? 129 ILE A N   1 
ATOM   1022 C CA  . ILE A 1 129 ? 13.442  -2.647  5.260   1.00 57.60  ? 129 ILE A CA  1 
ATOM   1023 C C   . ILE A 1 129 ? 13.425  -1.504  6.266   1.00 58.01  ? 129 ILE A C   1 
ATOM   1024 O O   . ILE A 1 129 ? 14.457  -0.885  6.525   1.00 58.83  ? 129 ILE A O   1 
ATOM   1025 C CB  . ILE A 1 129 ? 14.065  -3.898  5.903   1.00 58.02  ? 129 ILE A CB  1 
ATOM   1026 C CG1 . ILE A 1 129 ? 13.523  -4.103  7.318   1.00 56.47  ? 129 ILE A CG1 1 
ATOM   1027 C CG2 . ILE A 1 129 ? 15.574  -3.751  5.938   1.00 62.59  ? 129 ILE A CG2 1 
ATOM   1028 C CD1 . ILE A 1 129 ? 12.128  -4.639  7.373   1.00 56.12  ? 129 ILE A CD1 1 
ATOM   1029 N N   . VAL A 1 130 ? 12.249  -1.216  6.813   1.00 57.81  ? 130 VAL A N   1 
ATOM   1030 C CA  . VAL A 1 130 ? 12.089  -0.146  7.786   1.00 57.42  ? 130 VAL A CA  1 
ATOM   1031 C C   . VAL A 1 130 ? 11.136  -0.611  8.870   1.00 58.62  ? 130 VAL A C   1 
ATOM   1032 O O   . VAL A 1 130 ? 10.415  -1.588  8.684   1.00 57.44  ? 130 VAL A O   1 
ATOM   1033 C CB  . VAL A 1 130 ? 11.525  1.133   7.128   1.00 57.00  ? 130 VAL A CB  1 
ATOM   1034 C CG1 . VAL A 1 130 ? 12.405  1.535   5.943   1.00 55.03  ? 130 VAL A CG1 1 
ATOM   1035 C CG2 . VAL A 1 130 ? 10.078  0.914   6.698   1.00 56.01  ? 130 VAL A CG2 1 
ATOM   1036 N N   . GLN A 1 131 ? 11.138  0.074   10.006  1.00 60.90  ? 131 GLN A N   1 
ATOM   1037 C CA  . GLN A 1 131 ? 10.254  -0.309  11.092  1.00 65.29  ? 131 GLN A CA  1 
ATOM   1038 C C   . GLN A 1 131 ? 8.992   0.531   11.150  1.00 65.08  ? 131 GLN A C   1 
ATOM   1039 O O   . GLN A 1 131 ? 9.006   1.730   10.859  1.00 64.21  ? 131 GLN A O   1 
ATOM   1040 C CB  . GLN A 1 131 ? 10.986  -0.238  12.430  1.00 68.55  ? 131 GLN A CB  1 
ATOM   1041 C CG  . GLN A 1 131 ? 12.008  -1.347  12.632  1.00 74.28  ? 131 GLN A CG  1 
ATOM   1042 C CD  . GLN A 1 131 ? 12.404  -1.501  14.091  1.00 79.41  ? 131 GLN A CD  1 
ATOM   1043 O OE1 . GLN A 1 131 ? 11.546  -1.722  14.962  1.00 81.72  ? 131 GLN A OE1 1 
ATOM   1044 N NE2 . GLN A 1 131 ? 13.707  -1.381  14.371  1.00 80.27  ? 131 GLN A NE2 1 
ATOM   1045 N N   . SER A 1 132 ? 7.893   -0.117  11.511  1.00 65.98  ? 132 SER A N   1 
ATOM   1046 C CA  . SER A 1 132 ? 6.614   0.567   11.617  1.00 67.30  ? 132 SER A CA  1 
ATOM   1047 C C   . SER A 1 132 ? 6.637   1.514   12.811  1.00 69.47  ? 132 SER A C   1 
ATOM   1048 O O   . SER A 1 132 ? 7.020   1.130   13.921  1.00 66.63  ? 132 SER A O   1 
ATOM   1049 C CB  . SER A 1 132 ? 5.487   -0.452  11.790  1.00 67.12  ? 132 SER A CB  1 
ATOM   1050 O OG  . SER A 1 132 ? 4.269   0.169   12.165  1.00 67.19  ? 132 SER A OG  1 
ATOM   1051 N N   . PRO A 1 133 ? 6.225   2.768   12.595  1.00 73.03  ? 133 PRO A N   1 
ATOM   1052 C CA  . PRO A 1 133 ? 6.194   3.776   13.656  1.00 76.11  ? 133 PRO A CA  1 
ATOM   1053 C C   . PRO A 1 133 ? 4.897   3.650   14.434  1.00 79.55  ? 133 PRO A C   1 
ATOM   1054 O O   . PRO A 1 133 ? 4.682   4.357   15.417  1.00 79.22  ? 133 PRO A O   1 
ATOM   1055 C CB  . PRO A 1 133 ? 6.247   5.077   12.875  1.00 75.09  ? 133 PRO A CB  1 
ATOM   1056 C CG  . PRO A 1 133 ? 5.350   4.756   11.702  1.00 74.54  ? 133 PRO A CG  1 
ATOM   1057 C CD  . PRO A 1 133 ? 5.820   3.358   11.304  1.00 74.30  ? 133 PRO A CD  1 
ATOM   1058 N N   . ILE A 1 134 ? 4.043   2.731   13.991  1.00 83.99  ? 134 ILE A N   1 
ATOM   1059 C CA  . ILE A 1 134 ? 2.735   2.543   14.607  1.00 88.71  ? 134 ILE A CA  1 
ATOM   1060 C C   . ILE A 1 134 ? 2.403   1.141   15.129  1.00 91.87  ? 134 ILE A C   1 
ATOM   1061 O O   . ILE A 1 134 ? 3.279   0.386   15.557  1.00 93.05  ? 134 ILE A O   1 
ATOM   1062 C CB  . ILE A 1 134 ? 1.619   2.976   13.610  1.00 89.03  ? 134 ILE A CB  1 
ATOM   1063 C CG1 . ILE A 1 134 ? 1.507   1.972   12.461  1.00 89.41  ? 134 ILE A CG1 1 
ATOM   1064 C CG2 . ILE A 1 134 ? 1.958   4.342   13.008  1.00 89.18  ? 134 ILE A CG2 1 
ATOM   1065 C CD1 . ILE A 1 134 ? 0.464   2.347   11.423  1.00 87.95  ? 134 ILE A CD1 1 
ATOM   1066 N N   . ASP A 1 135 ? 1.110   0.826   15.099  1.00 94.78  ? 135 ASP A N   1 
ATOM   1067 C CA  . ASP A 1 135 ? 0.570   -0.455  15.546  1.00 96.60  ? 135 ASP A CA  1 
ATOM   1068 C C   . ASP A 1 135 ? -0.564  -0.784  14.566  1.00 97.63  ? 135 ASP A C   1 
ATOM   1069 O O   . ASP A 1 135 ? -1.135  0.117   13.948  1.00 97.41  ? 135 ASP A O   1 
ATOM   1070 C CB  . ASP A 1 135 ? 0.016   -0.309  16.970  1.00 96.53  ? 135 ASP A CB  1 
ATOM   1071 C CG  . ASP A 1 135 ? 0.599   -1.326  17.937  1.00 97.04  ? 135 ASP A CG  1 
ATOM   1072 O OD1 . ASP A 1 135 ? 1.841   -1.419  18.032  1.00 96.93  ? 135 ASP A OD1 1 
ATOM   1073 O OD2 . ASP A 1 135 ? -0.193  -2.023  18.610  1.00 97.07  ? 135 ASP A OD2 1 
ATOM   1074 N N   . PRO A 1 136 ? -0.906  -2.074  14.405  1.00 98.90  ? 136 PRO A N   1 
ATOM   1075 C CA  . PRO A 1 136 ? -1.983  -2.421  13.475  1.00 99.19  ? 136 PRO A CA  1 
ATOM   1076 C C   . PRO A 1 136 ? -3.332  -1.850  13.891  1.00 99.83  ? 136 PRO A C   1 
ATOM   1077 O O   . PRO A 1 136 ? -3.489  -0.640  14.062  1.00 99.21  ? 136 PRO A O   1 
ATOM   1078 C CB  . PRO A 1 136 ? -1.980  -3.945  13.498  1.00 98.91  ? 136 PRO A CB  1 
ATOM   1079 C CG  . PRO A 1 136 ? -1.615  -4.235  14.916  1.00 99.35  ? 136 PRO A CG  1 
ATOM   1080 C CD  . PRO A 1 136 ? -0.457  -3.268  15.143  1.00 99.45  ? 136 PRO A CD  1 
ATOM   1081 N N   . LYS A 1 137 ? -4.298  -2.742  14.065  1.00 101.02 ? 137 LYS A N   1 
ATOM   1082 C CA  . LYS A 1 137 ? -5.653  -2.356  14.432  1.00 102.04 ? 137 LYS A CA  1 
ATOM   1083 C C   . LYS A 1 137 ? -6.515  -3.616  14.368  1.00 102.61 ? 137 LYS A C   1 
ATOM   1084 O O   . LYS A 1 137 ? -6.034  -4.621  13.800  1.00 102.90 ? 137 LYS A O   1 
ATOM   1085 C CB  . LYS A 1 137 ? -6.145  -1.282  13.444  1.00 102.28 ? 137 LYS A CB  1 
ATOM   1086 C CG  . LYS A 1 137 ? -7.579  -1.402  12.954  1.00 103.20 ? 137 LYS A CG  1 
ATOM   1087 C CD  . LYS A 1 137 ? -8.579  -0.894  13.971  1.00 104.42 ? 137 LYS A CD  1 
ATOM   1088 C CE  . LYS A 1 137 ? -9.994  -0.994  13.429  1.00 104.48 ? 137 LYS A CE  1 
ATOM   1089 N NZ  . LYS A 1 137 ? -11.004 -0.547  14.426  1.00 105.99 ? 137 LYS A NZ  1 
HETATM 1090 O O   . HOH B 2 .   ? 5.370   -4.245  1.811   1.00 32.96  ? 200 HOH A O   1 
HETATM 1091 O O   . HOH B 2 .   ? -3.954  -3.526  4.162   1.00 46.26  ? 201 HOH A O   1 
HETATM 1092 O O   . HOH B 2 .   ? 8.171   3.952   -7.047  1.00 54.49  ? 202 HOH A O   1 
HETATM 1093 O O   . HOH B 2 .   ? -3.104  -11.391 3.369   1.00 34.73  ? 203 HOH A O   1 
HETATM 1094 O O   . HOH B 2 .   ? -7.215  -5.501  -9.949  1.00 79.15  ? 204 HOH A O   1 
HETATM 1095 O O   . HOH B 2 .   ? 5.767   -7.390  10.223  1.00 64.13  ? 205 HOH A O   1 
HETATM 1096 O O   . HOH B 2 .   ? -18.721 -1.685  -3.183  1.00 57.16  ? 206 HOH A O   1 
HETATM 1097 O O   . HOH B 2 .   ? -12.624 -4.896  -6.068  1.00 61.95  ? 207 HOH A O   1 
HETATM 1098 O O   . HOH B 2 .   ? 1.827   -14.907 4.452   1.00 51.50  ? 208 HOH A O   1 
HETATM 1099 O O   . HOH B 2 .   ? -2.641  7.779   -6.724  1.00 74.00  ? 209 HOH A O   1 
HETATM 1100 O O   . HOH B 2 .   ? -9.994  -3.479  -10.578 1.00 64.61  ? 210 HOH A O   1 
HETATM 1101 O O   . HOH B 2 .   ? -5.020  -7.022  13.593  1.00 71.85  ? 211 HOH A O   1 
HETATM 1102 O O   . HOH B 2 .   ? 7.920   0.918   -7.759  1.00 46.03  ? 212 HOH A O   1 
HETATM 1103 O O   . HOH B 2 .   ? 3.365   14.442  6.081   1.00 71.93  ? 213 HOH A O   1 
HETATM 1104 O O   . HOH B 2 .   ? 16.288  1.494   -1.412  1.00 67.17  ? 214 HOH A O   1 
HETATM 1105 O O   . HOH B 2 .   ? -6.886  13.153  0.322   1.00 76.78  ? 215 HOH A O   1 
HETATM 1106 O O   . HOH B 2 .   ? -11.757 -7.660  5.077   1.00 66.30  ? 216 HOH A O   1 
HETATM 1107 O O   . HOH B 2 .   ? -10.140 -3.093  -5.847  1.00 62.35  ? 217 HOH A O   1 
HETATM 1108 O O   . HOH B 2 .   ? 1.653   -15.562 -9.529  1.00 56.20  ? 218 HOH A O   1 
HETATM 1109 O O   . HOH B 2 .   ? -14.292 -8.860  -5.867  1.00 68.67  ? 219 HOH A O   1 
HETATM 1110 O O   . HOH B 2 .   ? -3.836  -12.242 -12.311 1.00 68.01  ? 220 HOH A O   1 
# 
